data_2HAK
#
_entry.id   2HAK
#
_cell.length_a   110.682
_cell.length_b   116.470
_cell.length_c   285.748
_cell.angle_alpha   90.000
_cell.angle_beta   90.000
_cell.angle_gamma   90.000
#
_symmetry.space_group_name_H-M   'P 21 21 21'
#
loop_
_entity.id
_entity.type
_entity.pdbx_description
1 polymer 'Serine/threonine-protein kinase MARK1'
2 water water
#
_entity_poly.entity_id   1
_entity_poly.type   'polypeptide(L)'
_entity_poly.pdbx_seq_one_letter_code
;GNSITSATDEQPHIGNYRLQKTIGKGNFAKVKLARHVLTGREVAVKIIDKTQLNPTSLQKLFREVRIMKILNHPNIVKLF
EVIETEKTLYLVMEYASGGEVFDYLVAHGRMKEKEARAKFRQIVSAVQYCHQKYIVHRDLKAENLLLDGDMNIKIADFGF
SNEFTVGNKLDTFCGSPPYAAPELFQGKKYDGPEVDVWSLGVILYTLVSGSLPFDGQNLKELRERVLRGKYRIPFYMSTD
CENLLKKLLVLNPIKRGSLEQIMKDRWMNVGHEEEELKPYTEPDPDFNDTKRIDIMVTMGFARDEINDALINQKYDEVMA
TYILLGRK
;
_entity_poly.pdbx_strand_id   A,B,C,D,E,F,G,H
#
# COMPACT_ATOMS: atom_id res chain seq x y z
N PRO A 12 60.65 13.17 3.35
CA PRO A 12 59.88 14.38 2.99
C PRO A 12 60.27 15.59 3.90
N HIS A 13 60.82 16.65 3.30
CA HIS A 13 61.48 17.70 4.09
C HIS A 13 60.79 18.98 3.77
N ILE A 14 60.82 19.97 4.67
CA ILE A 14 60.59 21.37 4.34
C ILE A 14 61.68 22.17 5.00
N GLY A 15 62.49 22.87 4.23
CA GLY A 15 63.47 23.74 4.85
C GLY A 15 64.38 22.79 5.58
N ASN A 16 64.80 23.09 6.81
CA ASN A 16 65.75 22.21 7.53
C ASN A 16 65.07 21.12 8.35
N TYR A 17 63.86 20.70 7.95
CA TYR A 17 63.03 19.85 8.81
C TYR A 17 62.65 18.55 8.13
N ARG A 18 62.93 17.44 8.78
CA ARG A 18 62.44 16.18 8.28
C ARG A 18 61.09 15.93 8.91
N LEU A 19 60.10 15.65 8.11
CA LEU A 19 58.76 15.59 8.65
C LEU A 19 58.55 14.23 9.08
N GLN A 20 57.96 13.98 10.24
CA GLN A 20 57.69 12.60 10.67
C GLN A 20 56.15 12.48 10.78
N LYS A 21 55.61 11.74 11.73
CA LYS A 21 54.17 11.53 11.75
C LYS A 21 53.27 12.80 11.70
N THR A 22 52.03 12.65 11.23
CA THR A 22 51.05 13.71 11.41
C THR A 22 50.49 13.56 12.81
N ILE A 23 50.32 14.65 13.56
CA ILE A 23 49.72 14.49 14.87
C ILE A 23 48.35 15.14 15.02
N GLY A 24 47.79 15.69 13.93
CA GLY A 24 46.54 16.46 13.90
C GLY A 24 46.33 17.05 12.51
N LYS A 25 45.13 16.85 11.97
CA LYS A 25 44.59 17.55 10.85
C LYS A 25 43.46 18.38 11.41
N GLY A 26 43.23 19.53 10.80
CA GLY A 26 42.06 20.34 11.04
C GLY A 26 41.62 20.87 9.68
N ASN A 27 40.66 21.76 9.67
CA ASN A 27 40.20 22.18 8.43
C ASN A 27 41.27 22.76 7.56
N PHE A 28 42.04 23.71 8.09
CA PHE A 28 42.94 24.42 7.19
C PHE A 28 44.38 24.29 7.57
N ALA A 29 44.61 23.50 8.58
CA ALA A 29 45.93 23.35 9.17
C ALA A 29 46.26 21.88 9.42
N LYS A 30 47.52 21.56 9.32
CA LYS A 30 47.98 20.24 9.60
C LYS A 30 49.24 20.34 10.42
N VAL A 31 49.28 19.61 11.52
CA VAL A 31 50.43 19.69 12.39
C VAL A 31 51.18 18.44 12.22
N LYS A 32 52.42 18.58 11.80
CA LYS A 32 53.27 17.39 11.63
C LYS A 32 54.33 17.41 12.71
N LEU A 33 54.63 16.30 13.30
CA LEU A 33 55.81 16.29 14.16
C LEU A 33 57.09 16.29 13.27
N ALA A 34 58.22 16.87 13.72
CA ALA A 34 59.38 16.89 12.79
C ALA A 34 60.68 16.99 13.47
N ARG A 35 61.74 16.70 12.74
CA ARG A 35 63.04 16.85 13.36
C ARG A 35 63.92 17.81 12.62
N HIS A 36 64.57 18.70 13.37
CA HIS A 36 65.44 19.73 12.74
C HIS A 36 66.78 19.13 12.39
N VAL A 37 67.15 19.07 11.11
CA VAL A 37 68.28 18.26 10.68
C VAL A 37 69.59 18.91 11.05
N LEU A 38 69.64 20.21 11.25
CA LEU A 38 70.89 20.79 11.74
C LEU A 38 71.26 20.44 13.19
N THR A 39 70.28 20.31 14.09
CA THR A 39 70.55 20.32 15.53
C THR A 39 69.83 19.11 16.12
N GLY A 40 68.95 18.54 15.35
CA GLY A 40 68.42 17.30 15.82
C GLY A 40 67.29 17.51 16.79
N ARG A 41 66.89 18.76 17.03
CA ARG A 41 65.72 18.98 17.91
C ARG A 41 64.41 18.48 17.30
N GLU A 42 63.55 17.93 18.14
CA GLU A 42 62.16 17.65 17.76
C GLU A 42 61.32 18.88 17.84
N VAL A 43 60.53 19.11 16.82
CA VAL A 43 59.66 20.28 16.82
C VAL A 43 58.30 19.90 16.26
N ALA A 44 57.34 20.81 16.28
CA ALA A 44 55.99 20.57 15.71
C ALA A 44 55.88 21.53 14.53
N VAL A 45 55.46 21.11 13.35
CA VAL A 45 55.34 22.03 12.18
C VAL A 45 53.85 22.05 11.80
N LYS A 46 53.22 23.25 11.88
CA LYS A 46 51.87 23.58 11.49
C LYS A 46 51.98 24.00 10.05
N ILE A 47 51.45 23.15 9.15
CA ILE A 47 51.39 23.41 7.74
C ILE A 47 50.00 24.00 7.47
N ILE A 48 49.95 25.11 6.74
CA ILE A 48 48.69 25.84 6.49
C ILE A 48 48.65 26.18 5.03
N ASP A 49 47.59 25.70 4.35
CA ASP A 49 47.29 26.11 2.99
C ASP A 49 46.83 27.56 2.99
N LYS A 50 47.49 28.40 2.21
CA LYS A 50 46.97 29.74 2.22
C LYS A 50 46.24 30.05 0.91
N THR A 51 46.32 29.12 -0.07
CA THR A 51 45.63 29.25 -1.39
C THR A 51 44.13 29.41 -1.21
N GLN A 52 43.55 28.90 -0.13
CA GLN A 52 42.08 28.84 -0.11
C GLN A 52 41.43 29.85 0.85
N LEU A 53 42.18 30.90 1.19
CA LEU A 53 41.81 31.72 2.33
C LEU A 53 41.25 33.04 1.90
N ASN A 54 40.06 33.34 2.37
CA ASN A 54 39.47 34.62 2.07
C ASN A 54 40.26 35.69 2.80
N PRO A 55 40.15 36.99 2.39
CA PRO A 55 41.05 37.95 2.99
C PRO A 55 40.97 38.00 4.46
N THR A 56 39.82 37.65 5.03
CA THR A 56 39.71 37.83 6.48
C THR A 56 40.41 36.67 7.27
N SER A 57 40.50 35.50 6.63
CA SER A 57 41.14 34.38 7.23
C SER A 57 42.63 34.67 7.15
N LEU A 58 43.05 35.22 6.02
CA LEU A 58 44.44 35.60 5.88
C LEU A 58 44.80 36.68 6.91
N GLN A 59 43.96 37.72 7.11
CA GLN A 59 44.33 38.79 8.05
C GLN A 59 44.55 38.09 9.36
N LYS A 60 43.68 37.12 9.62
CA LYS A 60 43.62 36.51 10.93
C LYS A 60 44.81 35.59 11.14
N LEU A 61 45.12 34.82 10.11
CA LEU A 61 46.30 33.99 10.12
C LEU A 61 47.50 34.84 10.51
N PHE A 62 47.58 36.04 9.97
CA PHE A 62 48.83 36.76 10.14
C PHE A 62 48.90 37.41 11.50
N ARG A 63 47.78 37.57 12.17
CA ARG A 63 47.72 38.14 13.48
C ARG A 63 48.18 37.11 14.48
N GLU A 64 47.63 35.90 14.39
CA GLU A 64 48.18 34.85 15.22
C GLU A 64 49.69 34.83 15.06
N VAL A 65 50.18 34.76 13.83
CA VAL A 65 51.63 34.71 13.62
C VAL A 65 52.35 35.81 14.35
N ARG A 66 51.83 37.04 14.32
CA ARG A 66 52.49 38.13 15.05
C ARG A 66 52.50 37.84 16.53
N ILE A 67 51.44 37.26 17.03
CA ILE A 67 51.41 37.07 18.45
C ILE A 67 52.37 35.97 18.85
N MET A 68 52.36 34.87 18.09
CA MET A 68 53.33 33.78 18.32
C MET A 68 54.74 34.30 18.29
N LYS A 69 55.13 35.03 17.27
CA LYS A 69 56.37 35.82 17.34
C LYS A 69 56.77 36.54 18.67
N ILE A 70 55.89 37.02 19.56
CA ILE A 70 56.36 37.79 20.74
C ILE A 70 56.18 37.09 22.08
N LEU A 71 55.57 35.93 22.04
CA LEU A 71 55.32 35.20 23.23
C LEU A 71 56.65 34.55 23.54
N ASN A 72 57.37 35.10 24.49
CA ASN A 72 58.59 34.43 24.92
C ASN A 72 58.58 33.98 26.37
N HIS A 73 58.08 32.80 26.66
CA HIS A 73 57.84 32.44 28.07
C HIS A 73 58.17 30.96 28.32
N PRO A 74 58.82 30.68 29.44
CA PRO A 74 59.17 29.22 29.58
C PRO A 74 57.95 28.28 29.61
N ASN A 75 56.74 28.82 29.64
CA ASN A 75 55.50 28.02 29.72
C ASN A 75 54.47 28.38 28.66
N ILE A 76 54.97 28.94 27.57
CA ILE A 76 54.11 29.12 26.41
C ILE A 76 54.87 28.55 25.24
N VAL A 77 54.21 27.91 24.29
CA VAL A 77 54.96 27.24 23.27
C VAL A 77 55.70 28.26 22.45
N LYS A 78 56.99 28.04 22.27
CA LYS A 78 57.81 28.97 21.53
C LYS A 78 57.59 28.80 20.01
N LEU A 79 57.82 29.85 19.23
CA LEU A 79 57.79 29.73 17.79
C LEU A 79 59.28 29.80 17.44
N PHE A 80 59.71 28.99 16.46
CA PHE A 80 61.11 28.83 16.16
C PHE A 80 61.50 29.33 14.77
N GLU A 81 60.61 29.15 13.78
CA GLU A 81 60.94 29.49 12.45
C GLU A 81 59.63 29.65 11.63
N VAL A 82 59.63 30.51 10.63
CA VAL A 82 58.50 30.60 9.76
C VAL A 82 59.13 30.37 8.41
N ILE A 83 58.65 29.41 7.66
CA ILE A 83 59.08 29.12 6.33
C ILE A 83 57.75 29.34 5.53
N GLU A 84 57.84 30.06 4.41
CA GLU A 84 56.63 30.57 3.76
C GLU A 84 56.79 30.74 2.27
N THR A 85 55.87 30.15 1.50
CA THR A 85 55.86 30.31 0.07
C THR A 85 54.54 31.03 -0.28
N GLU A 86 54.24 31.17 -1.58
CA GLU A 86 53.07 31.95 -1.97
C GLU A 86 51.85 31.23 -1.51
N LYS A 87 51.96 29.90 -1.60
CA LYS A 87 50.89 28.95 -1.37
C LYS A 87 50.66 28.54 0.11
N THR A 88 51.74 28.50 0.91
CA THR A 88 51.81 27.70 2.16
C THR A 88 52.57 28.36 3.31
N LEU A 89 52.02 28.25 4.48
CA LEU A 89 52.76 28.77 5.62
C LEU A 89 53.11 27.57 6.50
N TYR A 90 54.40 27.45 6.79
CA TYR A 90 54.91 26.52 7.84
C TYR A 90 55.32 27.33 9.04
N LEU A 91 54.77 27.00 10.23
CA LEU A 91 55.18 27.58 11.51
C LEU A 91 55.82 26.50 12.33
N VAL A 92 57.12 26.62 12.57
CA VAL A 92 57.89 25.60 13.26
C VAL A 92 57.89 25.95 14.71
N MET A 93 57.37 25.10 15.57
CA MET A 93 57.07 25.56 16.95
C MET A 93 57.40 24.48 17.87
N GLU A 94 57.36 24.80 19.14
CA GLU A 94 57.78 23.90 20.21
C GLU A 94 56.76 22.78 20.33
N TYR A 95 57.23 21.62 20.69
CA TYR A 95 56.42 20.43 20.67
C TYR A 95 56.15 20.07 22.13
N ALA A 96 54.89 19.97 22.54
CA ALA A 96 54.66 19.52 23.94
C ALA A 96 54.26 18.03 23.85
N SER A 97 55.19 17.13 24.09
CA SER A 97 54.96 15.70 23.81
C SER A 97 53.95 15.07 24.76
N GLY A 98 53.57 15.78 25.83
CA GLY A 98 52.87 15.17 26.94
C GLY A 98 51.38 15.27 27.03
N GLY A 99 50.68 15.89 26.08
CA GLY A 99 49.19 15.91 26.11
C GLY A 99 48.60 17.05 26.97
N GLU A 100 47.29 16.99 27.21
CA GLU A 100 46.61 18.07 27.91
C GLU A 100 46.55 17.73 29.36
N VAL A 101 46.36 18.75 30.19
CA VAL A 101 46.57 18.62 31.61
C VAL A 101 45.33 17.92 32.08
N PHE A 102 44.15 18.29 31.57
CA PHE A 102 42.99 17.53 32.00
C PHE A 102 43.12 16.00 31.72
N ASP A 103 43.50 15.59 30.52
CA ASP A 103 43.74 14.22 30.29
C ASP A 103 44.73 13.69 31.30
N TYR A 104 45.82 14.38 31.53
CA TYR A 104 46.80 13.84 32.42
C TYR A 104 46.18 13.44 33.78
N LEU A 105 45.39 14.36 34.34
CA LEU A 105 44.80 14.12 35.62
C LEU A 105 43.85 12.95 35.59
N VAL A 106 42.98 12.92 34.57
CA VAL A 106 42.06 11.81 34.30
C VAL A 106 42.89 10.55 34.16
N ALA A 107 44.10 10.59 33.60
CA ALA A 107 44.83 9.37 33.46
C ALA A 107 45.75 9.05 34.64
N HIS A 108 46.05 9.98 35.52
CA HIS A 108 47.04 9.66 36.52
C HIS A 108 46.60 10.07 37.93
N GLY A 109 45.41 10.67 38.05
CA GLY A 109 44.91 11.03 39.33
C GLY A 109 45.50 12.31 39.82
N ARG A 110 45.15 12.62 41.05
CA ARG A 110 45.58 13.87 41.61
C ARG A 110 47.09 13.91 41.80
N MET A 111 47.63 15.11 41.92
CA MET A 111 48.99 15.42 42.20
C MET A 111 49.17 15.89 43.64
N LYS A 112 50.29 15.59 44.30
CA LYS A 112 50.51 16.15 45.67
C LYS A 112 50.57 17.66 45.50
N GLU A 113 50.38 18.41 46.57
CA GLU A 113 50.22 19.86 46.47
C GLU A 113 51.46 20.47 45.87
N LYS A 114 52.61 19.87 46.16
CA LYS A 114 53.88 20.42 45.77
C LYS A 114 53.98 20.34 44.21
N GLU A 115 53.59 19.24 43.61
CA GLU A 115 53.67 19.20 42.16
C GLU A 115 52.56 20.10 41.62
N ALA A 116 51.43 20.16 42.32
CA ALA A 116 50.29 20.91 41.84
C ALA A 116 50.62 22.39 41.77
N ARG A 117 51.29 22.89 42.80
CA ARG A 117 51.82 24.21 42.84
C ARG A 117 52.80 24.49 41.67
N ALA A 118 53.70 23.55 41.39
CA ALA A 118 54.72 23.92 40.44
C ALA A 118 53.99 24.12 39.10
N LYS A 119 53.06 23.26 38.79
CA LYS A 119 52.27 23.40 37.62
C LYS A 119 51.37 24.65 37.64
N PHE A 120 50.73 24.96 38.78
CA PHE A 120 49.86 26.14 38.85
C PHE A 120 50.68 27.40 38.71
N ARG A 121 51.83 27.41 39.34
CA ARG A 121 52.70 28.53 39.15
C ARG A 121 52.97 28.77 37.68
N GLN A 122 53.43 27.75 36.98
CA GLN A 122 53.71 27.93 35.59
C GLN A 122 52.40 28.38 34.86
N ILE A 123 51.28 27.75 35.13
CA ILE A 123 50.06 28.19 34.44
C ILE A 123 49.68 29.67 34.62
N VAL A 124 49.87 30.17 35.83
CA VAL A 124 49.19 31.40 36.23
C VAL A 124 50.07 32.42 35.63
N SER A 125 51.37 32.18 35.72
CA SER A 125 52.34 33.07 35.15
C SER A 125 52.24 33.08 33.68
N ALA A 126 51.93 32.00 33.03
CA ALA A 126 51.88 32.09 31.60
C ALA A 126 50.63 32.91 31.21
N VAL A 127 49.49 32.66 31.88
CA VAL A 127 48.22 33.31 31.55
C VAL A 127 48.30 34.80 31.79
N GLN A 128 48.88 35.16 32.91
CA GLN A 128 49.15 36.58 33.20
C GLN A 128 49.98 37.23 32.11
N TYR A 129 51.03 36.53 31.71
CA TYR A 129 51.94 37.07 30.81
C TYR A 129 51.27 37.30 29.47
N CYS A 130 50.45 36.37 29.01
CA CYS A 130 49.79 36.55 27.70
C CYS A 130 49.15 37.88 27.66
N HIS A 131 48.47 38.20 28.77
CA HIS A 131 47.68 39.41 28.90
C HIS A 131 48.53 40.64 28.78
N GLN A 132 49.69 40.69 29.47
CA GLN A 132 50.66 41.69 29.25
C GLN A 132 50.90 41.80 27.73
N LYS A 133 50.78 40.73 26.94
CA LYS A 133 51.40 40.82 25.61
C LYS A 133 50.47 41.04 24.39
N TYR A 134 49.29 40.47 24.46
CA TYR A 134 48.25 40.78 23.51
C TYR A 134 46.94 40.79 24.26
N ILE A 135 45.87 41.03 23.52
CA ILE A 135 44.53 41.10 24.03
C ILE A 135 43.89 39.75 23.76
N VAL A 136 43.45 39.10 24.82
CA VAL A 136 42.95 37.78 24.69
C VAL A 136 41.48 37.97 24.52
N HIS A 137 40.90 37.42 23.47
CA HIS A 137 39.42 37.43 23.29
C HIS A 137 38.64 36.12 23.57
N ARG A 138 39.25 35.02 24.05
CA ARG A 138 38.42 33.84 24.37
C ARG A 138 38.95 33.07 25.51
N ASP A 139 38.16 32.14 26.03
CA ASP A 139 38.51 31.65 27.35
C ASP A 139 39.69 30.69 27.34
N LEU A 140 40.44 30.59 28.44
CA LEU A 140 41.36 29.54 28.54
C LEU A 140 40.60 28.24 28.34
N LYS A 141 41.17 27.33 27.56
CA LYS A 141 40.46 26.13 27.14
C LYS A 141 41.34 24.97 27.46
N ALA A 142 40.75 23.82 27.66
CA ALA A 142 41.52 22.63 28.00
C ALA A 142 42.60 22.32 26.99
N GLU A 143 42.25 22.48 25.71
CA GLU A 143 43.20 22.17 24.64
C GLU A 143 44.39 23.15 24.68
N ASN A 144 44.23 24.29 25.36
CA ASN A 144 45.34 25.20 25.58
C ASN A 144 46.41 24.79 26.65
N LEU A 145 46.10 23.81 27.51
CA LEU A 145 46.99 23.51 28.62
C LEU A 145 47.76 22.21 28.42
N LEU A 146 48.97 22.31 27.88
CA LEU A 146 49.70 21.10 27.58
C LEU A 146 50.84 20.86 28.56
N LEU A 147 51.41 19.66 28.52
CA LEU A 147 52.63 19.32 29.22
C LEU A 147 53.70 18.85 28.26
N ASP A 148 54.93 19.23 28.53
CA ASP A 148 56.03 18.73 27.70
C ASP A 148 56.59 17.47 28.29
N GLY A 149 57.42 16.77 27.53
CA GLY A 149 58.19 15.63 28.00
C GLY A 149 58.64 15.67 29.47
N ASP A 150 58.93 16.83 30.03
CA ASP A 150 59.36 16.87 31.43
C ASP A 150 58.30 17.33 32.41
N MET A 151 57.05 17.13 32.03
CA MET A 151 55.95 17.64 32.86
C MET A 151 55.89 19.18 33.10
N ASN A 152 56.54 19.99 32.26
CA ASN A 152 56.41 21.48 32.33
C ASN A 152 55.17 21.93 31.57
N ILE A 153 54.51 22.98 32.05
CA ILE A 153 53.28 23.46 31.38
C ILE A 153 53.65 24.13 30.11
N LYS A 154 52.90 23.95 29.04
CA LYS A 154 53.09 24.87 27.92
C LYS A 154 51.73 25.28 27.41
N ILE A 155 51.35 26.58 27.50
CA ILE A 155 50.07 27.09 26.98
C ILE A 155 50.26 27.32 25.48
N ALA A 156 49.23 27.07 24.71
CA ALA A 156 49.32 27.06 23.23
C ALA A 156 48.12 27.79 22.83
N ASP A 157 48.23 28.80 21.97
CA ASP A 157 47.05 29.38 21.35
C ASP A 157 46.02 29.96 22.35
N PHE A 158 46.45 30.58 23.46
CA PHE A 158 45.49 31.17 24.40
C PHE A 158 44.78 32.35 23.75
N GLY A 159 43.46 32.23 23.63
CA GLY A 159 42.59 33.27 23.20
C GLY A 159 42.43 33.27 21.69
N PHE A 160 42.89 32.23 21.01
CA PHE A 160 42.85 32.12 19.52
C PHE A 160 41.56 31.51 18.99
N SER A 161 41.17 31.97 17.80
CA SER A 161 40.11 31.34 17.02
C SER A 161 40.49 29.90 16.83
N ASN A 162 39.59 29.08 16.33
CA ASN A 162 40.09 27.78 15.98
C ASN A 162 39.93 27.48 14.53
N GLU A 163 40.00 28.54 13.74
CA GLU A 163 40.05 28.35 12.32
C GLU A 163 41.30 27.55 11.92
N PHE A 164 42.43 27.81 12.60
CA PHE A 164 43.74 27.25 12.21
C PHE A 164 44.16 26.26 13.25
N THR A 165 43.16 25.83 14.00
CA THR A 165 43.26 24.74 14.98
C THR A 165 43.33 23.35 14.33
N VAL A 166 43.63 22.33 15.10
CA VAL A 166 43.90 21.03 14.48
C VAL A 166 43.26 19.75 15.10
N GLY A 175 28.06 20.56 24.80
CA GLY A 175 27.42 21.82 25.13
C GLY A 175 28.53 22.78 25.50
N SER A 176 28.72 23.00 26.82
CA SER A 176 29.86 23.81 27.33
C SER A 176 30.64 23.08 28.45
N PRO A 177 31.97 23.23 28.42
CA PRO A 177 32.91 22.44 29.18
C PRO A 177 32.66 22.42 30.69
N PRO A 178 32.97 21.29 31.35
CA PRO A 178 33.08 21.24 32.82
C PRO A 178 34.00 22.33 33.50
N TYR A 179 35.00 22.85 32.74
CA TYR A 179 36.07 23.82 33.11
C TYR A 179 35.80 25.14 32.50
N ALA A 180 34.76 25.85 32.93
CA ALA A 180 34.19 26.98 32.14
C ALA A 180 33.31 27.91 32.99
N ALA A 181 33.71 29.19 33.07
CA ALA A 181 33.04 30.19 33.97
C ALA A 181 31.52 30.07 34.06
N PRO A 182 30.94 30.24 35.27
CA PRO A 182 29.48 30.11 35.41
C PRO A 182 28.69 31.14 34.57
N GLU A 183 29.18 32.39 34.51
CA GLU A 183 28.61 33.40 33.62
C GLU A 183 28.68 33.13 32.11
N LEU A 184 29.58 32.27 31.64
CA LEU A 184 29.49 31.77 30.25
C LEU A 184 28.21 30.93 30.05
N PHE A 185 27.78 30.22 31.10
CA PHE A 185 26.48 29.55 31.08
C PHE A 185 25.36 30.58 31.24
N GLN A 186 25.73 31.84 31.33
CA GLN A 186 24.70 32.89 31.28
C GLN A 186 24.64 33.54 29.86
N GLY A 187 25.47 33.03 28.92
CA GLY A 187 25.65 33.56 27.54
C GLY A 187 26.56 34.80 27.25
N LYS A 188 26.97 35.53 28.30
CA LYS A 188 27.83 36.74 28.18
C LYS A 188 29.31 36.46 27.67
N LYS A 189 29.75 37.18 26.62
CA LYS A 189 31.08 36.98 25.97
C LYS A 189 32.24 37.09 26.97
N TYR A 190 33.37 36.45 26.64
CA TYR A 190 34.63 36.57 27.42
C TYR A 190 35.06 38.03 27.75
N ASP A 191 35.24 38.37 29.02
CA ASP A 191 35.67 39.72 29.40
C ASP A 191 36.99 39.85 30.18
N GLY A 192 37.79 38.79 30.26
CA GLY A 192 39.17 38.99 30.69
C GLY A 192 39.62 38.10 31.83
N PRO A 193 40.77 38.47 32.46
CA PRO A 193 41.40 37.82 33.64
C PRO A 193 40.36 37.50 34.73
N GLU A 194 39.10 37.79 34.42
CA GLU A 194 38.01 37.60 35.32
C GLU A 194 37.53 36.20 35.05
N VAL A 195 37.34 35.85 33.80
CA VAL A 195 36.78 34.51 33.51
C VAL A 195 37.89 33.46 33.73
N ASP A 196 39.11 33.90 33.42
CA ASP A 196 40.29 33.10 33.62
C ASP A 196 40.25 32.59 35.07
N VAL A 197 40.06 33.52 35.98
CA VAL A 197 40.17 33.16 37.36
C VAL A 197 39.24 31.99 37.73
N TRP A 198 38.09 31.88 37.11
CA TRP A 198 37.22 30.81 37.53
C TRP A 198 37.85 29.48 37.05
N SER A 199 38.15 29.43 35.75
CA SER A 199 38.76 28.36 35.09
C SER A 199 39.95 27.91 35.87
N LEU A 200 40.78 28.89 36.25
CA LEU A 200 42.00 28.66 36.97
C LEU A 200 41.73 27.93 38.28
N GLY A 201 40.52 28.12 38.79
CA GLY A 201 40.08 27.54 40.04
C GLY A 201 39.71 26.08 39.86
N VAL A 202 39.09 25.78 38.71
CA VAL A 202 38.75 24.41 38.34
C VAL A 202 40.01 23.62 38.07
N ILE A 203 40.97 24.23 37.41
CA ILE A 203 42.23 23.59 37.18
C ILE A 203 42.80 23.12 38.53
N LEU A 204 42.86 24.02 39.51
CA LEU A 204 43.54 23.72 40.77
C LEU A 204 42.80 22.65 41.46
N TYR A 205 41.47 22.76 41.46
CA TYR A 205 40.66 21.78 42.16
C TYR A 205 41.03 20.43 41.56
N THR A 206 41.21 20.37 40.26
CA THR A 206 41.40 19.06 39.74
C THR A 206 42.83 18.61 39.96
N LEU A 207 43.74 19.52 39.72
CA LEU A 207 45.13 19.28 39.98
C LEU A 207 45.21 18.72 41.40
N VAL A 208 44.62 19.33 42.41
CA VAL A 208 44.89 18.76 43.69
C VAL A 208 43.99 17.59 44.12
N SER A 209 42.89 17.36 43.42
CA SER A 209 41.98 16.35 43.91
C SER A 209 41.70 15.23 42.92
N GLY A 210 42.13 15.42 41.68
CA GLY A 210 41.93 14.40 40.69
C GLY A 210 40.60 14.47 40.05
N SER A 211 39.59 14.94 40.75
CA SER A 211 38.26 15.02 40.14
C SER A 211 37.84 16.47 39.90
N LEU A 212 36.86 16.70 39.00
CA LEU A 212 36.30 18.05 38.68
C LEU A 212 35.48 18.67 39.85
N PRO A 213 35.53 19.99 40.01
CA PRO A 213 34.73 20.37 41.16
C PRO A 213 33.25 20.30 40.85
N PHE A 214 32.87 20.51 39.58
CA PHE A 214 31.45 20.40 39.24
C PHE A 214 31.20 19.37 38.25
N ASP A 215 30.19 18.56 38.53
CA ASP A 215 29.69 17.71 37.48
C ASP A 215 28.24 17.30 37.61
N GLY A 216 27.86 16.37 36.72
CA GLY A 216 26.52 15.75 36.66
C GLY A 216 26.36 15.02 35.34
N GLN A 217 25.27 14.27 35.24
CA GLN A 217 24.97 13.42 34.06
C GLN A 217 24.92 14.17 32.70
N ASN A 218 24.34 15.37 32.69
CA ASN A 218 24.10 16.11 31.45
C ASN A 218 24.15 17.62 31.63
N LEU A 219 23.95 18.31 30.53
CA LEU A 219 23.87 19.76 30.52
C LEU A 219 23.06 20.36 31.69
N LYS A 220 21.94 19.73 32.05
CA LYS A 220 21.08 20.30 33.12
C LYS A 220 21.58 20.06 34.58
N GLU A 221 22.32 18.95 34.82
CA GLU A 221 22.98 18.74 36.12
C GLU A 221 24.23 19.63 36.24
N LEU A 222 25.07 19.64 35.20
CA LEU A 222 26.30 20.44 35.21
C LEU A 222 26.04 21.92 35.50
N ARG A 223 25.15 22.50 34.70
CA ARG A 223 24.80 23.90 34.84
C ARG A 223 24.15 24.20 36.19
N GLU A 224 23.12 23.42 36.56
CA GLU A 224 22.53 23.57 37.91
C GLU A 224 23.67 23.63 38.95
N ARG A 225 24.53 22.59 38.94
CA ARG A 225 25.70 22.51 39.82
C ARG A 225 26.61 23.72 39.76
N VAL A 226 27.23 23.96 38.62
CA VAL A 226 28.10 25.13 38.48
C VAL A 226 27.48 26.44 39.03
N LEU A 227 26.24 26.74 38.61
CA LEU A 227 25.65 28.04 39.00
C LEU A 227 25.30 28.10 40.47
N ARG A 228 25.03 26.95 41.11
CA ARG A 228 25.00 26.91 42.60
C ARG A 228 26.40 27.04 43.25
N GLY A 229 27.41 26.48 42.56
CA GLY A 229 28.81 26.71 42.90
C GLY A 229 29.26 26.21 44.27
N LYS A 230 28.50 25.23 44.81
CA LYS A 230 28.90 24.55 46.04
C LYS A 230 29.80 23.42 45.56
N TYR A 231 30.82 23.14 46.36
CA TYR A 231 31.61 21.98 46.10
C TYR A 231 32.15 21.53 47.44
N ARG A 232 32.51 20.25 47.56
CA ARG A 232 33.17 19.83 48.81
C ARG A 232 34.64 19.64 48.48
N ILE A 233 35.48 19.86 49.47
CA ILE A 233 36.87 19.63 49.22
C ILE A 233 37.25 18.27 49.77
N PRO A 234 38.28 17.65 49.26
CA PRO A 234 38.69 16.40 49.85
C PRO A 234 39.46 16.69 51.13
N PHE A 235 39.48 15.75 52.06
CA PHE A 235 40.04 15.99 53.41
C PHE A 235 41.53 16.23 53.42
N TYR A 236 42.28 15.73 52.42
CA TYR A 236 43.77 15.97 52.38
C TYR A 236 44.11 17.37 51.84
N MET A 237 43.21 18.06 51.13
CA MET A 237 43.52 19.37 50.61
C MET A 237 43.92 20.23 51.76
N SER A 238 45.08 20.84 51.76
CA SER A 238 45.46 21.80 52.83
C SER A 238 44.61 23.09 52.97
N THR A 239 44.66 23.73 54.14
CA THR A 239 43.85 24.92 54.29
C THR A 239 44.30 26.08 53.30
N ASP A 240 45.61 26.26 53.13
CA ASP A 240 46.12 27.20 52.17
C ASP A 240 45.45 26.97 50.82
N CYS A 241 45.39 25.69 50.42
CA CYS A 241 44.88 25.34 49.11
C CYS A 241 43.43 25.65 49.13
N GLU A 242 42.74 25.31 50.19
CA GLU A 242 41.28 25.56 50.15
C GLU A 242 40.98 27.05 50.12
N ASN A 243 41.80 27.77 50.88
CA ASN A 243 41.73 29.23 50.91
C ASN A 243 41.97 29.81 49.50
N LEU A 244 43.02 29.32 48.79
CA LEU A 244 43.30 29.81 47.44
C LEU A 244 42.07 29.56 46.57
N LEU A 245 41.53 28.37 46.65
CA LEU A 245 40.34 28.03 45.89
C LEU A 245 39.19 28.97 46.23
N LYS A 246 39.12 29.45 47.46
CA LYS A 246 37.97 30.31 47.80
C LYS A 246 38.01 31.69 47.09
N LYS A 247 39.16 31.99 46.46
CA LYS A 247 39.39 33.22 45.71
C LYS A 247 39.15 33.01 44.21
N LEU A 248 39.15 31.74 43.76
CA LEU A 248 39.00 31.45 42.34
C LEU A 248 37.65 31.05 42.10
N LEU A 249 37.16 30.03 42.81
CA LEU A 249 35.87 29.45 42.46
C LEU A 249 34.72 30.24 43.05
N VAL A 250 34.63 31.48 42.66
CA VAL A 250 33.68 32.34 43.34
C VAL A 250 32.70 32.84 42.34
N LEU A 251 31.42 32.74 42.70
CA LEU A 251 30.34 32.93 41.73
C LEU A 251 30.30 34.32 41.11
N ASN A 252 30.36 35.38 41.92
CA ASN A 252 30.21 36.66 41.28
C ASN A 252 31.56 37.05 40.80
N PRO A 253 31.68 37.33 39.48
CA PRO A 253 32.95 37.52 38.81
C PRO A 253 33.70 38.72 39.34
N ILE A 254 33.00 39.67 39.91
CA ILE A 254 33.74 40.80 40.43
C ILE A 254 34.39 40.52 41.82
N LYS A 255 33.96 39.48 42.53
CA LYS A 255 34.59 39.15 43.81
C LYS A 255 35.88 38.35 43.61
N ARG A 256 36.19 37.99 42.36
CA ARG A 256 37.38 37.16 42.06
C ARG A 256 38.71 37.89 42.09
N GLY A 257 39.72 37.21 42.64
CA GLY A 257 41.05 37.75 42.71
C GLY A 257 41.45 38.07 41.26
N SER A 258 42.26 39.13 41.07
CA SER A 258 42.94 39.41 39.85
C SER A 258 44.06 38.41 39.75
N LEU A 259 44.69 38.31 38.59
CA LEU A 259 45.82 37.43 38.43
C LEU A 259 46.95 37.88 39.30
N GLU A 260 47.10 39.17 39.51
CA GLU A 260 48.32 39.60 40.25
C GLU A 260 48.06 39.31 41.71
N GLN A 261 46.83 39.54 42.11
CA GLN A 261 46.42 39.20 43.44
C GLN A 261 46.54 37.69 43.64
N ILE A 262 46.15 36.84 42.67
CA ILE A 262 46.35 35.34 42.82
C ILE A 262 47.82 35.02 43.09
N MET A 263 48.71 35.66 42.33
CA MET A 263 50.15 35.36 42.43
C MET A 263 50.69 35.50 43.79
N LYS A 264 50.07 36.39 44.54
CA LYS A 264 50.49 36.63 45.89
C LYS A 264 49.93 35.60 46.90
N ASP A 265 48.96 34.75 46.53
CA ASP A 265 48.27 33.92 47.53
C ASP A 265 49.25 33.03 48.28
N ARG A 266 48.86 32.54 49.46
CA ARG A 266 49.80 31.88 50.37
C ARG A 266 50.15 30.54 49.77
N TRP A 267 49.13 29.82 49.35
CA TRP A 267 49.38 28.53 48.76
C TRP A 267 50.38 28.61 47.56
N MET A 268 50.22 29.67 46.77
CA MET A 268 51.09 29.85 45.63
C MET A 268 52.55 29.91 46.06
N ASN A 269 52.82 30.48 47.23
CA ASN A 269 54.20 30.71 47.62
C ASN A 269 54.87 29.80 48.67
N VAL A 270 54.14 28.78 49.12
CA VAL A 270 54.71 27.80 49.95
C VAL A 270 55.98 27.24 49.25
N GLY A 271 57.12 27.45 49.91
CA GLY A 271 58.41 27.00 49.41
C GLY A 271 59.06 28.07 48.53
N HIS A 272 58.48 29.27 48.45
CA HIS A 272 59.02 30.28 47.59
C HIS A 272 59.11 31.61 48.32
N GLU A 273 59.23 31.54 49.65
CA GLU A 273 59.20 32.73 50.55
C GLU A 273 60.24 33.85 50.20
N GLU A 274 61.39 33.47 49.60
CA GLU A 274 62.29 34.39 48.86
C GLU A 274 61.82 34.68 47.41
N GLU A 275 61.76 33.65 46.55
CA GLU A 275 61.24 33.85 45.17
C GLU A 275 59.68 33.97 45.03
N GLU A 276 59.12 35.09 45.55
CA GLU A 276 57.69 35.31 45.52
C GLU A 276 57.20 35.41 44.07
N LEU A 277 56.23 34.58 43.70
CA LEU A 277 55.57 34.71 42.41
C LEU A 277 55.16 36.13 42.02
N LYS A 278 55.41 36.46 40.75
CA LYS A 278 55.40 37.84 40.33
C LYS A 278 55.08 37.89 38.85
N PRO A 279 54.39 38.91 38.39
CA PRO A 279 54.21 38.90 36.94
C PRO A 279 55.51 38.68 36.12
N TYR A 280 55.45 37.93 35.03
CA TYR A 280 56.68 37.57 34.34
C TYR A 280 57.27 38.74 33.53
N THR A 281 58.59 38.94 33.65
CA THR A 281 59.25 39.89 32.79
C THR A 281 60.28 39.11 31.98
N GLU A 282 60.23 39.22 30.65
CA GLU A 282 61.23 38.66 29.73
C GLU A 282 62.67 39.05 30.10
N PRO A 283 63.56 38.07 30.23
CA PRO A 283 64.99 38.48 30.40
C PRO A 283 65.54 39.16 29.17
N ASP A 284 66.68 39.82 29.30
CA ASP A 284 67.37 40.39 28.12
C ASP A 284 67.87 39.31 27.19
N PRO A 285 67.61 39.49 25.93
CA PRO A 285 67.83 38.26 25.20
C PRO A 285 69.33 38.05 25.02
N ASP A 286 69.82 36.80 25.14
CA ASP A 286 71.18 36.50 24.86
C ASP A 286 71.50 36.09 23.40
N PHE A 287 72.03 37.03 22.63
CA PHE A 287 72.26 36.73 21.24
C PHE A 287 73.69 36.45 21.08
N ASN A 288 74.40 36.41 22.18
CA ASN A 288 75.81 36.25 22.00
C ASN A 288 76.39 35.03 22.64
N ASP A 289 75.64 33.97 22.71
CA ASP A 289 76.10 32.82 23.46
C ASP A 289 77.18 32.30 22.57
N THR A 290 78.36 32.36 23.09
CA THR A 290 79.53 32.07 22.28
C THR A 290 79.59 30.57 21.86
N LYS A 291 79.07 29.73 22.74
CA LYS A 291 78.98 28.29 22.49
C LYS A 291 78.12 28.05 21.27
N ARG A 292 76.92 28.65 21.28
CA ARG A 292 76.07 28.45 20.17
C ARG A 292 76.63 29.12 18.94
N ILE A 293 77.20 30.30 19.08
CA ILE A 293 77.75 30.91 17.88
C ILE A 293 78.89 30.06 17.28
N ASP A 294 79.88 29.64 18.10
CA ASP A 294 80.95 28.78 17.63
C ASP A 294 80.43 27.56 16.89
N ILE A 295 79.30 27.00 17.35
CA ILE A 295 78.75 25.87 16.68
C ILE A 295 78.24 26.27 15.34
N MET A 296 77.63 27.42 15.28
CA MET A 296 77.00 27.86 13.99
C MET A 296 78.08 28.32 12.99
N VAL A 297 79.17 28.86 13.53
CA VAL A 297 80.22 29.20 12.64
C VAL A 297 80.75 27.90 12.12
N THR A 298 81.02 26.94 12.99
CA THR A 298 81.50 25.64 12.46
C THR A 298 80.55 25.09 11.41
N MET A 299 79.24 25.41 11.52
CA MET A 299 78.22 24.83 10.59
C MET A 299 78.18 25.51 9.22
N GLY A 300 78.77 26.68 9.14
CA GLY A 300 78.65 27.44 7.87
C GLY A 300 78.05 28.85 7.95
N PHE A 301 77.55 29.21 9.10
CA PHE A 301 76.88 30.46 9.20
C PHE A 301 77.93 31.49 9.49
N ALA A 302 77.65 32.72 9.11
CA ALA A 302 78.53 33.82 9.42
C ALA A 302 78.08 34.55 10.70
N ARG A 303 79.02 35.00 11.50
CA ARG A 303 78.65 35.87 12.63
C ARG A 303 77.74 37.09 12.31
N ASP A 304 77.95 37.81 11.22
CA ASP A 304 77.02 38.86 10.81
C ASP A 304 75.64 38.31 10.61
N GLU A 305 75.58 37.22 9.86
CA GLU A 305 74.33 36.55 9.60
C GLU A 305 73.61 36.18 10.92
N ILE A 306 74.35 35.70 11.92
CA ILE A 306 73.69 35.22 13.11
C ILE A 306 73.05 36.40 13.78
N ASN A 307 73.83 37.45 13.87
CA ASN A 307 73.42 38.63 14.65
C ASN A 307 72.24 39.41 14.10
N ASP A 308 72.17 39.50 12.76
CA ASP A 308 71.08 40.25 12.14
C ASP A 308 69.86 39.46 12.38
N ALA A 309 70.02 38.15 12.17
CA ALA A 309 68.88 37.27 12.21
C ALA A 309 68.29 37.47 13.56
N LEU A 310 69.13 37.56 14.58
CA LEU A 310 68.69 37.64 15.99
C LEU A 310 68.08 38.99 16.32
N ILE A 311 68.83 40.09 16.04
CA ILE A 311 68.38 41.44 16.45
C ILE A 311 67.14 41.87 15.67
N ASN A 312 66.98 41.39 14.46
CA ASN A 312 65.83 41.75 13.62
C ASN A 312 64.72 40.75 13.66
N GLN A 313 64.83 39.83 14.64
CA GLN A 313 63.95 38.67 14.76
C GLN A 313 63.37 38.10 13.47
N LYS A 314 64.23 37.68 12.55
CA LYS A 314 63.68 37.15 11.29
C LYS A 314 62.98 35.78 11.36
N TYR A 315 63.10 34.97 12.43
CA TYR A 315 62.52 33.61 12.30
C TYR A 315 62.88 32.87 11.04
N ASP A 316 64.12 32.99 10.61
CA ASP A 316 64.58 32.21 9.43
C ASP A 316 65.43 30.99 9.86
N GLU A 317 65.96 30.27 8.90
CA GLU A 317 66.83 29.16 9.21
C GLU A 317 67.91 29.45 10.25
N VAL A 318 68.44 30.65 10.29
CA VAL A 318 69.59 30.99 11.17
C VAL A 318 69.14 31.23 12.56
N MET A 319 68.20 32.13 12.74
CA MET A 319 67.66 32.38 14.06
C MET A 319 67.07 31.10 14.62
N ALA A 320 66.44 30.29 13.77
CA ALA A 320 65.80 29.09 14.31
C ALA A 320 66.85 28.12 14.84
N THR A 321 67.97 28.01 14.13
CA THR A 321 69.10 27.24 14.61
C THR A 321 69.63 27.70 15.99
N TYR A 322 69.96 28.96 16.15
CA TYR A 322 70.45 29.43 17.46
C TYR A 322 69.46 29.13 18.63
N ILE A 323 68.15 29.21 18.37
CA ILE A 323 67.19 28.93 19.41
C ILE A 323 67.21 27.43 19.70
N LEU A 324 67.15 26.61 18.66
CA LEU A 324 67.09 25.20 18.87
C LEU A 324 68.35 24.73 19.54
N LEU A 325 69.52 25.36 19.26
CA LEU A 325 70.75 24.88 19.92
C LEU A 325 70.64 25.14 21.41
N GLY A 326 69.68 25.94 21.84
CA GLY A 326 69.59 26.36 23.25
C GLY A 326 68.64 25.45 24.02
N ARG A 327 68.00 24.44 23.40
CA ARG A 327 67.10 23.56 24.16
C ARG A 327 67.39 22.11 24.11
N LYS A 328 66.96 21.38 25.15
CA LYS A 328 66.51 19.95 25.04
C LYS A 328 67.51 18.97 24.33
N GLU B 10 16.16 -16.55 37.47
CA GLU B 10 16.35 -15.47 38.51
C GLU B 10 15.97 -14.10 37.90
N GLN B 11 16.68 -13.73 36.80
CA GLN B 11 16.31 -12.54 35.97
C GLN B 11 14.88 -12.65 35.28
N PRO B 12 14.20 -11.50 35.02
CA PRO B 12 12.78 -11.57 34.60
C PRO B 12 12.63 -11.99 33.15
N HIS B 13 11.44 -12.38 32.74
CA HIS B 13 11.27 -12.90 31.41
C HIS B 13 10.04 -12.21 30.87
N ILE B 14 9.99 -11.92 29.58
CA ILE B 14 8.72 -11.81 28.93
C ILE B 14 8.91 -12.62 27.67
N GLY B 15 7.81 -12.99 27.01
CA GLY B 15 7.68 -14.19 26.21
C GLY B 15 8.88 -15.14 26.25
N ASN B 16 9.49 -15.34 25.08
CA ASN B 16 10.65 -16.17 24.96
C ASN B 16 12.00 -15.55 25.31
N TYR B 17 11.98 -14.39 25.96
CA TYR B 17 13.20 -13.58 26.28
C TYR B 17 13.49 -13.37 27.77
N ARG B 18 14.68 -13.80 28.24
CA ARG B 18 15.38 -13.31 29.44
C ARG B 18 15.75 -11.84 29.13
N LEU B 19 15.12 -10.88 29.79
CA LEU B 19 15.55 -9.47 29.74
C LEU B 19 16.84 -9.24 30.55
N GLN B 20 17.79 -8.46 30.03
CA GLN B 20 19.06 -8.18 30.77
C GLN B 20 19.18 -6.68 31.17
N LYS B 21 20.40 -6.13 31.13
CA LYS B 21 20.63 -4.70 31.46
C LYS B 21 19.77 -3.73 30.64
N THR B 22 19.45 -2.57 31.14
CA THR B 22 18.74 -1.57 30.36
C THR B 22 19.79 -0.86 29.51
N ILE B 23 19.40 -0.38 28.34
CA ILE B 23 20.36 0.36 27.54
C ILE B 23 19.62 1.59 27.07
N GLY B 24 18.31 1.65 27.28
CA GLY B 24 17.60 2.75 26.74
C GLY B 24 16.52 3.35 27.59
N LYS B 25 16.87 3.72 28.82
CA LYS B 25 15.94 4.56 29.63
C LYS B 25 15.48 5.76 28.79
N GLY B 26 14.16 5.89 28.63
CA GLY B 26 13.52 6.94 27.82
C GLY B 26 12.22 7.36 28.51
N ASN B 27 11.25 7.95 27.78
CA ASN B 27 10.07 8.54 28.45
C ASN B 27 8.78 7.75 28.57
N PHE B 28 7.90 7.85 27.58
CA PHE B 28 6.74 6.97 27.42
C PHE B 28 7.22 5.61 26.83
N ALA B 29 8.36 5.08 27.31
CA ALA B 29 9.13 3.94 26.69
C ALA B 29 10.41 3.59 27.40
N LYS B 30 10.71 2.31 27.46
CA LYS B 30 11.98 1.85 27.95
C LYS B 30 12.59 0.78 26.95
N VAL B 31 13.90 0.48 27.05
CA VAL B 31 14.55 -0.46 26.11
C VAL B 31 15.55 -1.25 26.85
N LYS B 32 15.43 -2.57 26.76
CA LYS B 32 16.44 -3.44 27.38
C LYS B 32 17.02 -4.45 26.39
N LEU B 33 18.26 -4.79 26.62
CA LEU B 33 18.83 -5.95 26.05
C LEU B 33 17.92 -7.08 26.50
N ALA B 34 17.90 -8.17 25.73
CA ALA B 34 17.31 -9.45 26.09
C ALA B 34 17.92 -10.58 25.27
N ARG B 35 17.59 -11.78 25.66
CA ARG B 35 18.14 -12.91 25.02
C ARG B 35 16.96 -13.77 24.70
N HIS B 36 16.90 -14.28 23.49
CA HIS B 36 15.83 -15.15 23.08
C HIS B 36 16.33 -16.49 23.56
N VAL B 37 15.54 -17.21 24.37
CA VAL B 37 16.01 -18.37 25.03
C VAL B 37 16.00 -19.53 24.14
N LEU B 38 15.12 -19.48 23.15
CA LEU B 38 14.99 -20.59 22.17
C LEU B 38 16.23 -20.70 21.26
N THR B 39 16.68 -19.57 20.71
CA THR B 39 17.75 -19.60 19.71
C THR B 39 19.06 -18.96 20.18
N GLY B 40 19.06 -18.27 21.32
CA GLY B 40 20.25 -17.62 21.89
C GLY B 40 20.54 -16.21 21.36
N ARG B 41 19.69 -15.62 20.50
CA ARG B 41 20.08 -14.33 19.88
C ARG B 41 19.92 -13.14 20.79
N GLU B 42 20.84 -12.19 20.75
CA GLU B 42 20.62 -10.97 21.54
C GLU B 42 19.64 -10.08 20.85
N VAL B 43 18.83 -9.38 21.60
CA VAL B 43 17.84 -8.56 20.95
C VAL B 43 17.72 -7.39 21.86
N ALA B 44 16.98 -6.38 21.41
CA ALA B 44 16.74 -5.18 22.13
C ALA B 44 15.25 -5.18 22.22
N VAL B 45 14.68 -5.12 23.43
CA VAL B 45 13.19 -5.12 23.63
C VAL B 45 12.68 -3.72 24.04
N LYS B 46 11.75 -3.16 23.31
CA LYS B 46 11.30 -1.91 23.68
C LYS B 46 10.02 -2.19 24.51
N ILE B 47 10.22 -2.41 25.83
CA ILE B 47 9.16 -2.47 26.87
C ILE B 47 8.51 -1.14 27.04
N ILE B 48 7.21 -1.08 26.96
CA ILE B 48 6.58 0.22 27.03
C ILE B 48 5.40 0.18 27.98
N ASP B 49 5.49 0.84 29.16
CA ASP B 49 4.27 0.99 30.03
C ASP B 49 3.08 1.72 29.29
N LYS B 50 1.85 1.26 29.44
CA LYS B 50 0.74 1.85 28.70
C LYS B 50 -0.49 2.09 29.62
N THR B 51 -0.27 1.79 30.91
CA THR B 51 -1.13 2.21 32.05
C THR B 51 -0.99 3.74 32.15
N GLN B 52 0.29 4.20 32.08
CA GLN B 52 0.70 5.66 32.08
C GLN B 52 0.43 6.41 30.73
N LEU B 53 -0.57 5.93 29.99
CA LEU B 53 -0.80 6.26 28.56
C LEU B 53 -2.26 6.24 28.12
N ASN B 54 -2.68 7.39 27.59
CA ASN B 54 -4.01 7.61 27.02
C ASN B 54 -4.02 7.30 25.51
N PRO B 55 -4.83 8.03 24.68
CA PRO B 55 -5.54 7.41 23.55
C PRO B 55 -4.82 7.64 22.27
N THR B 56 -4.53 8.91 22.02
CA THR B 56 -3.75 9.39 20.89
C THR B 56 -2.24 8.95 21.04
N SER B 57 -1.65 9.21 22.23
CA SER B 57 -0.54 8.38 22.77
C SER B 57 -0.67 6.91 22.35
N LEU B 58 -0.90 6.03 23.35
CA LEU B 58 -1.35 4.64 23.11
C LEU B 58 -2.06 4.28 21.74
N GLN B 59 -2.40 5.24 20.85
CA GLN B 59 -2.72 4.85 19.47
C GLN B 59 -1.58 5.00 18.52
N LYS B 60 -0.74 6.04 18.69
CA LYS B 60 0.37 6.18 17.73
C LYS B 60 1.48 5.12 17.82
N LEU B 61 1.81 4.70 19.05
CA LEU B 61 2.55 3.46 19.31
C LEU B 61 2.21 2.48 18.23
N PHE B 62 0.93 2.25 18.03
CA PHE B 62 0.47 1.25 17.11
C PHE B 62 0.61 1.64 15.62
N ARG B 63 0.69 2.90 15.31
CA ARG B 63 0.81 3.24 13.88
C ARG B 63 2.26 2.93 13.40
N GLU B 64 3.19 3.08 14.36
CA GLU B 64 4.60 2.94 14.12
C GLU B 64 4.95 1.46 13.91
N VAL B 65 4.52 0.67 14.88
CA VAL B 65 4.53 -0.73 14.73
C VAL B 65 4.12 -1.16 13.31
N ARG B 66 3.02 -0.64 12.77
CA ARG B 66 2.63 -1.01 11.39
C ARG B 66 3.82 -0.79 10.52
N ILE B 67 4.55 0.29 10.78
CA ILE B 67 5.72 0.60 9.92
C ILE B 67 6.93 -0.33 10.19
N MET B 68 7.27 -0.50 11.45
CA MET B 68 8.35 -1.37 11.76
C MET B 68 8.06 -2.76 11.10
N LYS B 69 6.82 -3.26 11.25
CA LYS B 69 6.42 -4.55 10.67
C LYS B 69 6.85 -4.72 9.23
N ILE B 70 6.87 -3.69 8.41
CA ILE B 70 7.15 -3.91 6.98
C ILE B 70 8.56 -3.54 6.47
N LEU B 71 9.36 -2.90 7.34
CA LEU B 71 10.75 -2.43 7.00
C LEU B 71 11.74 -3.59 6.96
N ASN B 72 12.25 -3.87 5.78
CA ASN B 72 13.08 -5.02 5.66
C ASN B 72 14.32 -4.78 4.79
N HIS B 73 15.28 -4.04 5.36
CA HIS B 73 16.47 -3.54 4.65
C HIS B 73 17.66 -3.82 5.55
N PRO B 74 18.77 -4.25 4.99
CA PRO B 74 19.94 -4.61 5.80
C PRO B 74 20.48 -3.47 6.63
N ASN B 75 20.10 -2.23 6.36
CA ASN B 75 20.42 -1.06 7.24
C ASN B 75 19.26 -0.37 8.05
N ILE B 76 18.16 -1.12 8.28
CA ILE B 76 17.08 -0.63 9.12
C ILE B 76 16.87 -1.64 10.21
N VAL B 77 16.73 -1.20 11.46
CA VAL B 77 16.77 -2.15 12.50
C VAL B 77 15.54 -2.98 12.23
N LYS B 78 15.65 -4.31 12.18
CA LYS B 78 14.56 -5.13 11.79
C LYS B 78 13.76 -5.36 13.03
N LEU B 79 12.43 -5.46 12.89
CA LEU B 79 11.55 -5.87 13.99
C LEU B 79 11.48 -7.39 14.01
N PHE B 80 11.47 -8.02 15.17
CA PHE B 80 11.44 -9.48 15.22
C PHE B 80 10.14 -10.11 15.73
N GLU B 81 9.60 -9.53 16.79
CA GLU B 81 8.43 -10.06 17.45
C GLU B 81 7.67 -8.93 18.16
N VAL B 82 6.32 -8.99 18.12
CA VAL B 82 5.44 -8.08 18.92
C VAL B 82 4.78 -8.91 20.01
N ILE B 83 5.08 -8.65 21.27
CA ILE B 83 4.44 -9.31 22.40
C ILE B 83 3.61 -8.33 23.23
N GLU B 84 2.36 -8.72 23.53
CA GLU B 84 1.38 -7.84 24.32
C GLU B 84 0.75 -8.35 25.66
N THR B 85 1.22 -7.90 26.82
CA THR B 85 0.37 -8.01 28.02
C THR B 85 -0.68 -6.91 27.83
N GLU B 86 -1.24 -6.42 28.93
CA GLU B 86 -2.43 -5.51 28.89
C GLU B 86 -2.02 -4.19 29.56
N LYS B 87 -1.21 -4.38 30.61
CA LYS B 87 -0.35 -3.33 31.21
C LYS B 87 0.90 -2.81 30.37
N THR B 88 1.54 -3.68 29.57
CA THR B 88 2.92 -3.44 29.18
C THR B 88 3.11 -3.87 27.75
N LEU B 89 3.79 -3.10 26.91
CA LEU B 89 3.97 -3.53 25.49
C LEU B 89 5.43 -3.74 25.03
N TYR B 90 5.70 -4.91 24.43
CA TYR B 90 7.05 -5.28 24.04
C TYR B 90 7.26 -5.37 22.52
N LEU B 91 8.23 -4.61 22.02
CA LEU B 91 8.63 -4.72 20.62
C LEU B 91 10.03 -5.28 20.60
N VAL B 92 10.19 -6.53 20.21
CA VAL B 92 11.53 -7.17 20.18
C VAL B 92 12.21 -6.84 18.88
N MET B 93 13.40 -6.28 19.00
CA MET B 93 14.04 -5.83 17.76
C MET B 93 15.54 -5.97 17.69
N GLU B 94 16.05 -5.62 16.54
CA GLU B 94 17.41 -5.88 16.26
C GLU B 94 18.32 -5.01 17.16
N TYR B 95 19.33 -5.61 17.73
CA TYR B 95 20.19 -4.77 18.55
C TYR B 95 21.41 -4.18 17.81
N ALA B 96 21.56 -2.88 17.86
CA ALA B 96 22.70 -2.26 17.23
C ALA B 96 23.71 -1.99 18.33
N SER B 97 24.63 -2.89 18.59
CA SER B 97 25.53 -2.62 19.71
C SER B 97 26.40 -1.41 19.56
N GLY B 98 26.76 -1.00 18.35
CA GLY B 98 27.77 0.04 18.20
C GLY B 98 27.21 1.36 18.63
N GLY B 99 25.97 1.42 19.08
CA GLY B 99 25.37 2.72 19.43
C GLY B 99 25.41 3.71 18.28
N GLU B 100 25.43 4.99 18.58
CA GLU B 100 25.03 5.99 17.58
C GLU B 100 26.19 6.60 16.78
N VAL B 101 25.91 7.04 15.55
CA VAL B 101 26.99 7.39 14.63
C VAL B 101 27.70 8.70 15.02
N PHE B 102 26.89 9.63 15.51
CA PHE B 102 27.38 10.94 15.84
C PHE B 102 28.34 10.84 17.04
N ASP B 103 27.91 10.11 18.10
CA ASP B 103 28.79 9.68 19.24
C ASP B 103 29.93 8.75 18.81
N TYR B 104 30.11 8.54 17.54
CA TYR B 104 31.23 7.68 17.21
C TYR B 104 32.25 8.62 16.69
N LEU B 105 31.78 9.56 15.88
CA LEU B 105 32.60 10.65 15.40
C LEU B 105 33.17 11.30 16.64
N VAL B 106 32.30 11.61 17.61
CA VAL B 106 32.77 12.17 18.90
C VAL B 106 33.96 11.37 19.52
N ALA B 107 33.85 10.05 19.64
CA ALA B 107 34.91 9.31 20.32
C ALA B 107 36.09 9.02 19.41
N HIS B 108 35.86 8.85 18.11
CA HIS B 108 36.88 8.29 17.22
C HIS B 108 37.34 9.30 16.18
N GLY B 109 36.65 10.43 16.07
CA GLY B 109 36.97 11.43 15.06
C GLY B 109 36.62 10.95 13.66
N ARG B 110 36.98 11.80 12.69
CA ARG B 110 36.67 11.66 11.31
C ARG B 110 36.97 10.31 10.77
N MET B 111 36.09 9.87 9.85
CA MET B 111 36.34 8.63 9.12
C MET B 111 37.17 8.96 7.88
N LYS B 112 38.00 8.03 7.44
CA LYS B 112 38.60 8.07 6.13
C LYS B 112 37.48 8.01 5.06
N GLU B 113 37.69 8.69 3.92
CA GLU B 113 36.66 8.80 2.88
C GLU B 113 36.10 7.41 2.46
N LYS B 114 36.92 6.38 2.56
CA LYS B 114 36.47 5.03 2.22
C LYS B 114 35.36 4.59 3.16
N GLU B 115 35.56 4.82 4.47
CA GLU B 115 34.70 4.32 5.50
C GLU B 115 33.51 5.25 5.45
N ALA B 116 33.73 6.56 5.37
CA ALA B 116 32.57 7.42 5.30
C ALA B 116 31.68 6.93 4.19
N ARG B 117 32.27 6.55 3.08
CA ARG B 117 31.50 6.12 1.92
C ARG B 117 30.65 4.89 2.19
N ALA B 118 31.24 3.85 2.75
CA ALA B 118 30.49 2.69 3.19
C ALA B 118 29.36 3.17 4.10
N LYS B 119 29.66 4.01 5.03
CA LYS B 119 28.58 4.30 5.90
C LYS B 119 27.47 4.98 5.07
N PHE B 120 27.88 5.97 4.23
CA PHE B 120 26.95 6.86 3.51
C PHE B 120 26.11 6.10 2.50
N ARG B 121 26.74 5.22 1.74
CA ARG B 121 26.00 4.30 0.88
C ARG B 121 24.85 3.66 1.67
N GLN B 122 25.17 3.00 2.77
CA GLN B 122 24.16 2.35 3.51
C GLN B 122 23.11 3.38 3.93
N ILE B 123 23.53 4.55 4.36
CA ILE B 123 22.53 5.48 4.89
C ILE B 123 21.56 5.89 3.75
N VAL B 124 22.14 6.23 2.60
CA VAL B 124 21.29 6.77 1.50
C VAL B 124 20.35 5.66 1.07
N SER B 125 20.87 4.47 0.92
CA SER B 125 20.02 3.32 0.61
C SER B 125 18.81 3.12 1.53
N ALA B 126 18.97 3.19 2.84
CA ALA B 126 17.85 2.99 3.72
C ALA B 126 16.89 4.17 3.82
N VAL B 127 17.37 5.39 3.58
CA VAL B 127 16.55 6.58 3.87
C VAL B 127 15.65 6.67 2.69
N GLN B 128 16.23 6.38 1.53
CA GLN B 128 15.41 6.17 0.37
C GLN B 128 14.35 5.05 0.59
N TYR B 129 14.82 3.75 0.59
CA TYR B 129 13.96 2.60 0.96
C TYR B 129 12.81 3.08 1.88
N CYS B 130 13.11 3.78 2.95
CA CYS B 130 12.08 4.24 3.82
C CYS B 130 10.82 5.00 3.31
N HIS B 131 11.03 6.16 2.65
CA HIS B 131 10.02 6.96 1.86
C HIS B 131 9.33 6.11 0.80
N GLN B 132 10.11 5.24 0.12
CA GLN B 132 9.62 4.33 -0.89
C GLN B 132 8.83 3.18 -0.18
N LYS B 133 8.39 3.45 1.07
CA LYS B 133 7.69 2.51 1.95
C LYS B 133 6.78 3.24 2.97
N TYR B 134 6.91 4.56 3.16
CA TYR B 134 5.93 5.23 4.06
C TYR B 134 5.82 6.78 4.25
N ILE B 135 4.91 7.18 5.10
CA ILE B 135 4.77 8.58 5.16
C ILE B 135 5.58 8.99 6.30
N VAL B 136 6.78 9.37 5.88
CA VAL B 136 7.86 9.69 6.77
C VAL B 136 7.50 11.05 7.23
N HIS B 137 7.25 11.18 8.53
CA HIS B 137 6.81 12.48 9.01
C HIS B 137 8.03 13.40 9.30
N ARG B 138 8.49 13.41 10.55
CA ARG B 138 9.60 14.22 10.98
C ARG B 138 10.82 14.18 10.05
N ASP B 139 11.82 15.01 10.28
CA ASP B 139 13.05 14.96 9.47
C ASP B 139 14.02 14.01 10.13
N LEU B 140 14.93 13.49 9.31
CA LEU B 140 16.07 12.63 9.73
C LEU B 140 16.89 13.19 10.94
N LYS B 141 16.87 12.50 12.07
CA LYS B 141 17.63 12.91 13.24
C LYS B 141 18.88 12.04 13.52
N ALA B 142 19.62 12.45 14.53
CA ALA B 142 20.94 11.93 14.73
C ALA B 142 20.91 10.54 15.35
N GLU B 143 20.02 10.36 16.33
CA GLU B 143 19.81 9.08 17.03
C GLU B 143 19.01 8.12 16.17
N ASN B 144 18.68 8.59 14.98
CA ASN B 144 18.23 7.69 13.98
C ASN B 144 19.40 6.79 13.46
N LEU B 145 20.65 7.22 13.62
CA LEU B 145 21.75 6.60 12.91
C LEU B 145 22.61 5.76 13.85
N LEU B 146 22.46 4.44 13.79
CA LEU B 146 23.09 3.55 14.71
C LEU B 146 24.19 2.76 13.98
N LEU B 147 25.07 2.09 14.70
CA LEU B 147 25.99 1.24 14.08
C LEU B 147 25.76 -0.04 14.75
N ASP B 148 25.83 -1.14 14.04
CA ASP B 148 25.77 -2.43 14.74
C ASP B 148 27.17 -2.81 15.17
N GLY B 149 27.38 -4.07 15.60
CA GLY B 149 28.70 -4.62 15.96
C GLY B 149 29.75 -4.70 14.80
N ASP B 150 29.34 -4.84 13.54
CA ASP B 150 30.29 -4.99 12.41
C ASP B 150 30.43 -3.65 11.74
N MET B 151 30.07 -2.60 12.47
CA MET B 151 30.11 -1.22 11.99
C MET B 151 29.11 -0.85 10.83
N ASN B 152 28.10 -1.69 10.58
CA ASN B 152 27.08 -1.34 9.59
C ASN B 152 26.03 -0.42 10.11
N ILE B 153 25.68 0.54 9.26
CA ILE B 153 24.66 1.44 9.60
C ILE B 153 23.36 0.69 9.89
N LYS B 154 22.67 1.13 10.93
CA LYS B 154 21.36 0.61 11.18
C LYS B 154 20.52 1.82 11.52
N ILE B 155 19.63 2.21 10.64
CA ILE B 155 18.75 3.34 10.96
C ILE B 155 17.52 2.80 11.73
N ALA B 156 16.99 3.60 12.61
CA ALA B 156 15.96 3.22 13.52
C ALA B 156 14.99 4.40 13.55
N ASP B 157 13.75 4.17 13.09
CA ASP B 157 12.65 5.08 13.43
C ASP B 157 12.67 6.36 12.65
N PHE B 158 13.00 6.25 11.39
CA PHE B 158 13.12 7.41 10.57
C PHE B 158 11.71 8.02 10.42
N GLY B 159 11.60 9.32 10.74
CA GLY B 159 10.35 10.06 10.58
C GLY B 159 9.39 9.84 11.74
N PHE B 160 9.81 9.21 12.82
CA PHE B 160 8.90 8.89 13.91
C PHE B 160 8.70 10.00 14.94
N SER B 161 7.52 10.01 15.52
CA SER B 161 7.31 10.78 16.73
C SER B 161 8.41 10.50 17.78
N ASN B 162 8.76 11.49 18.56
CA ASN B 162 9.69 11.21 19.62
C ASN B 162 8.95 11.05 20.90
N GLU B 163 7.64 10.95 20.81
CA GLU B 163 6.90 10.53 21.97
C GLU B 163 7.51 9.21 22.57
N PHE B 164 7.76 8.21 21.68
CA PHE B 164 8.14 6.85 22.10
C PHE B 164 9.65 6.47 22.18
N THR B 165 10.56 7.43 22.40
CA THR B 165 12.00 7.18 22.28
C THR B 165 12.85 7.38 23.56
N VAL B 195 14.72 17.60 1.08
CA VAL B 195 14.93 18.11 2.47
C VAL B 195 16.05 17.43 3.26
N ASP B 196 15.69 16.32 3.92
CA ASP B 196 16.66 15.39 4.48
C ASP B 196 17.80 15.05 3.42
N VAL B 197 17.70 15.59 2.20
CA VAL B 197 18.88 15.76 1.33
C VAL B 197 19.92 16.72 1.99
N TRP B 198 19.45 17.63 2.83
CA TRP B 198 20.29 18.61 3.49
C TRP B 198 21.09 17.79 4.48
N SER B 199 20.39 17.41 5.56
CA SER B 199 20.90 16.49 6.61
C SER B 199 21.80 15.37 6.11
N LEU B 200 21.54 14.91 4.88
CA LEU B 200 22.41 13.97 4.28
C LEU B 200 23.81 14.54 4.02
N GLY B 201 23.90 15.66 3.30
CA GLY B 201 25.13 16.49 3.22
C GLY B 201 25.67 16.87 4.62
N VAL B 202 24.80 17.26 5.52
CA VAL B 202 25.35 17.49 6.84
C VAL B 202 26.03 16.23 7.38
N ILE B 203 25.40 15.07 7.19
CA ILE B 203 25.89 13.86 7.77
C ILE B 203 27.18 13.50 7.11
N LEU B 204 27.23 13.56 5.77
CA LEU B 204 28.52 13.34 5.01
C LEU B 204 29.63 14.15 5.62
N TYR B 205 29.33 15.39 5.91
CA TYR B 205 30.31 16.34 6.23
C TYR B 205 30.97 15.93 7.53
N THR B 206 30.15 15.72 8.55
CA THR B 206 30.68 15.31 9.85
C THR B 206 31.30 13.92 9.71
N LEU B 207 30.90 13.09 8.75
CA LEU B 207 31.60 11.82 8.66
C LEU B 207 33.03 12.04 8.19
N VAL B 208 33.20 12.99 7.28
CA VAL B 208 34.47 12.98 6.60
C VAL B 208 35.40 13.93 7.26
N SER B 209 34.83 14.98 7.82
CA SER B 209 35.63 16.01 8.47
C SER B 209 35.73 15.77 9.98
N GLY B 210 34.66 15.23 10.53
CA GLY B 210 34.63 15.03 11.96
C GLY B 210 34.14 16.28 12.70
N SER B 211 33.38 17.16 12.06
CA SER B 211 32.78 18.26 12.80
C SER B 211 31.63 18.80 11.96
N LEU B 212 30.83 19.72 12.50
CA LEU B 212 29.58 20.15 11.83
C LEU B 212 29.95 21.20 10.86
N PRO B 213 29.26 21.22 9.73
CA PRO B 213 29.57 22.24 8.77
C PRO B 213 28.99 23.56 9.18
N PHE B 214 28.22 23.61 10.26
CA PHE B 214 27.55 24.84 10.63
C PHE B 214 27.48 24.77 12.11
N ASP B 215 28.20 25.64 12.83
CA ASP B 215 28.30 25.48 14.29
C ASP B 215 27.95 26.72 15.14
N GLY B 216 27.82 26.51 16.46
CA GLY B 216 27.56 27.62 17.39
C GLY B 216 27.05 27.27 18.77
N LEU B 222 20.81 31.47 17.46
CA LEU B 222 21.32 30.11 17.29
C LEU B 222 22.29 29.96 16.04
N ARG B 223 21.79 29.63 14.84
CA ARG B 223 22.69 29.55 13.66
C ARG B 223 22.17 30.18 12.32
N GLU B 224 22.50 31.47 12.13
CA GLU B 224 22.25 32.17 10.83
C GLU B 224 23.26 31.71 9.73
N ARG B 225 24.29 30.98 10.18
CA ARG B 225 25.36 30.47 9.34
C ARG B 225 24.74 29.36 8.50
N VAL B 226 23.81 28.63 9.15
CA VAL B 226 23.00 27.61 8.49
C VAL B 226 22.17 28.34 7.46
N LEU B 227 21.44 29.34 7.96
CA LEU B 227 20.67 30.22 7.12
C LEU B 227 21.50 30.73 5.92
N ARG B 228 22.71 31.27 6.12
CA ARG B 228 23.51 31.71 4.93
C ARG B 228 24.23 30.62 4.13
N GLY B 229 24.45 29.46 4.75
CA GLY B 229 24.77 28.21 4.02
C GLY B 229 26.03 28.01 3.17
N LYS B 230 27.14 28.62 3.56
CA LYS B 230 28.44 28.09 3.12
C LYS B 230 29.34 27.67 4.32
N TYR B 231 30.38 26.89 4.04
CA TYR B 231 30.95 26.07 5.10
C TYR B 231 32.35 25.73 4.67
N ARG B 232 33.27 25.51 5.63
CA ARG B 232 34.71 25.36 5.31
C ARG B 232 34.90 24.02 4.57
N ILE B 233 35.76 23.97 3.58
CA ILE B 233 36.05 22.70 2.99
C ILE B 233 37.39 22.22 3.55
N PRO B 234 37.42 21.10 4.26
CA PRO B 234 38.71 20.70 4.78
C PRO B 234 39.69 20.56 3.64
N PHE B 235 40.94 21.01 3.85
CA PHE B 235 41.95 20.84 2.83
C PHE B 235 42.11 19.36 2.49
N TYR B 236 41.87 18.48 3.43
CA TYR B 236 42.21 17.09 3.20
C TYR B 236 41.05 16.49 2.44
N MET B 237 39.88 17.15 2.40
CA MET B 237 38.64 16.63 1.70
C MET B 237 38.69 16.63 0.18
N SER B 238 38.62 15.43 -0.42
CA SER B 238 38.74 15.22 -1.89
C SER B 238 37.74 16.00 -2.73
N THR B 239 38.02 16.15 -4.03
CA THR B 239 37.17 17.06 -4.81
C THR B 239 35.90 16.35 -5.11
N ASP B 240 35.98 15.02 -5.31
CA ASP B 240 34.73 14.26 -5.46
C ASP B 240 33.78 14.50 -4.29
N CYS B 241 34.34 14.39 -3.06
CA CYS B 241 33.55 14.62 -1.84
C CYS B 241 32.97 15.99 -1.81
N GLU B 242 33.82 16.94 -2.15
CA GLU B 242 33.40 18.36 -2.25
C GLU B 242 32.15 18.60 -3.14
N ASN B 243 32.12 17.92 -4.29
CA ASN B 243 31.09 18.09 -5.32
C ASN B 243 29.83 17.43 -4.85
N LEU B 244 29.97 16.17 -4.41
CA LEU B 244 28.87 15.48 -3.81
C LEU B 244 28.22 16.46 -2.84
N LEU B 245 29.00 17.10 -1.98
CA LEU B 245 28.32 17.91 -0.99
C LEU B 245 27.62 19.06 -1.63
N LYS B 246 28.06 19.35 -2.85
CA LYS B 246 27.47 20.43 -3.66
C LYS B 246 26.17 20.02 -4.33
N LYS B 247 26.10 18.75 -4.75
CA LYS B 247 24.81 18.08 -4.99
C LYS B 247 23.98 17.96 -3.66
N LEU B 248 24.61 18.19 -2.51
CA LEU B 248 23.92 17.89 -1.25
C LEU B 248 23.52 19.04 -0.43
N LEU B 249 24.42 19.99 -0.26
CA LEU B 249 24.19 21.10 0.69
C LEU B 249 23.59 22.39 0.07
N VAL B 250 23.37 22.35 -1.28
CA VAL B 250 22.61 23.41 -2.04
C VAL B 250 21.40 24.00 -1.30
N LEU B 251 21.24 25.34 -1.39
CA LEU B 251 20.38 26.10 -0.45
C LEU B 251 18.89 26.12 -0.89
N ASN B 252 18.70 25.94 -2.21
CA ASN B 252 17.36 25.81 -2.77
C ASN B 252 16.88 24.44 -3.28
N PRO B 253 15.83 23.96 -2.59
CA PRO B 253 15.11 22.76 -3.02
C PRO B 253 14.61 22.92 -4.47
N ARG B 256 19.08 21.25 -6.35
CA ARG B 256 19.14 20.25 -5.26
C ARG B 256 18.70 18.75 -5.58
N GLY B 257 19.67 17.81 -5.55
CA GLY B 257 19.34 16.38 -5.85
C GLY B 257 18.13 15.75 -5.12
N SER B 258 17.41 14.83 -5.78
CA SER B 258 16.61 13.85 -5.02
C SER B 258 17.37 12.51 -4.93
N LEU B 259 16.97 11.70 -3.96
CA LEU B 259 17.79 10.59 -3.51
C LEU B 259 18.34 9.77 -4.65
N GLU B 260 17.52 9.45 -5.64
CA GLU B 260 17.91 8.53 -6.76
C GLU B 260 19.01 9.19 -7.54
N GLN B 261 18.94 10.55 -7.51
CA GLN B 261 19.90 11.48 -8.09
C GLN B 261 21.24 11.35 -7.30
N ILE B 262 21.21 11.88 -6.06
CA ILE B 262 22.26 11.63 -5.03
C ILE B 262 22.92 10.25 -5.19
N MET B 263 22.08 9.23 -5.31
CA MET B 263 22.54 7.87 -5.38
C MET B 263 23.45 7.75 -6.53
N LYS B 264 23.24 8.60 -7.53
CA LYS B 264 23.95 8.40 -8.81
C LYS B 264 25.39 8.88 -8.81
N ASP B 265 25.63 9.98 -8.07
CA ASP B 265 27.00 10.56 -7.79
C ASP B 265 28.24 9.64 -7.83
N ARG B 266 29.39 10.28 -8.02
CA ARG B 266 30.68 9.60 -8.27
C ARG B 266 31.43 9.28 -6.94
N TRP B 267 31.19 10.10 -5.91
CA TRP B 267 31.91 9.87 -4.66
C TRP B 267 31.29 8.64 -4.03
N MET B 268 29.95 8.78 -3.87
CA MET B 268 29.00 7.70 -3.53
C MET B 268 29.38 6.46 -4.27
N ASN B 269 30.09 6.63 -5.36
CA ASN B 269 30.20 5.50 -6.23
C ASN B 269 31.56 4.94 -6.47
N VAL B 270 32.66 5.48 -5.96
CA VAL B 270 34.02 4.84 -6.12
C VAL B 270 34.11 3.29 -5.87
N GLY B 271 33.10 2.59 -6.39
CA GLY B 271 32.79 1.16 -6.18
C GLY B 271 34.00 0.29 -6.19
N GLU B 276 26.70 0.22 -8.59
CA GLU B 276 26.12 1.59 -8.57
C GLU B 276 24.87 1.68 -7.65
N LEU B 277 25.09 1.99 -6.40
CA LEU B 277 23.96 2.45 -5.57
C LEU B 277 22.58 2.80 -6.28
N LYS B 278 21.77 1.77 -6.55
CA LYS B 278 20.42 1.94 -7.12
C LYS B 278 19.54 1.55 -5.95
N PRO B 279 18.32 2.14 -5.84
CA PRO B 279 17.30 1.87 -4.81
C PRO B 279 17.23 0.42 -4.40
N TYR B 280 16.63 0.17 -3.25
CA TYR B 280 16.81 -1.18 -2.72
C TYR B 280 15.56 -1.90 -3.08
N THR B 281 15.67 -3.13 -3.57
CA THR B 281 14.49 -3.97 -3.53
C THR B 281 14.72 -5.18 -2.60
N GLU B 282 13.63 -5.51 -1.93
CA GLU B 282 13.62 -6.59 -0.98
C GLU B 282 13.83 -7.85 -1.79
N PRO B 283 14.66 -8.77 -1.30
CA PRO B 283 14.53 -9.97 -2.10
C PRO B 283 13.20 -10.72 -1.93
N ASP B 284 13.12 -11.77 -2.73
CA ASP B 284 12.07 -12.72 -2.59
C ASP B 284 12.17 -13.32 -1.20
N PRO B 285 11.11 -13.26 -0.44
CA PRO B 285 11.21 -13.95 0.87
C PRO B 285 11.47 -15.48 0.77
N ASP B 286 12.29 -16.01 1.68
CA ASP B 286 12.45 -17.41 1.82
C ASP B 286 11.69 -17.86 3.04
N PHE B 287 10.49 -18.36 2.84
CA PHE B 287 9.80 -18.95 4.02
C PHE B 287 9.98 -20.50 4.16
N ASN B 288 10.76 -21.09 3.30
CA ASN B 288 10.95 -22.51 3.37
C ASN B 288 12.39 -22.90 3.47
N ASP B 289 13.18 -22.20 4.27
CA ASP B 289 14.53 -22.61 4.45
C ASP B 289 14.42 -23.87 5.28
N THR B 290 14.57 -24.99 4.58
CA THR B 290 14.41 -26.26 5.22
C THR B 290 15.30 -26.47 6.41
N LYS B 291 16.52 -25.92 6.37
CA LYS B 291 17.37 -26.00 7.59
C LYS B 291 16.62 -25.43 8.77
N ARG B 292 15.99 -24.26 8.57
CA ARG B 292 15.35 -23.59 9.71
C ARG B 292 14.10 -24.25 10.17
N ILE B 293 13.37 -24.81 9.23
CA ILE B 293 12.18 -25.51 9.55
C ILE B 293 12.50 -26.76 10.35
N ASP B 294 13.50 -27.54 9.95
CA ASP B 294 13.76 -28.77 10.64
C ASP B 294 14.16 -28.48 12.03
N ILE B 295 15.03 -27.48 12.18
CA ILE B 295 15.39 -27.06 13.51
C ILE B 295 14.11 -26.76 14.28
N MET B 296 13.24 -25.92 13.76
CA MET B 296 12.13 -25.53 14.58
C MET B 296 11.20 -26.70 14.86
N VAL B 297 10.93 -27.52 13.85
CA VAL B 297 10.20 -28.71 14.13
C VAL B 297 10.89 -29.44 15.27
N THR B 298 12.22 -29.51 15.29
CA THR B 298 12.81 -30.23 16.39
C THR B 298 12.50 -29.55 17.71
N MET B 299 12.34 -28.23 17.70
CA MET B 299 12.12 -27.46 18.92
C MET B 299 10.65 -27.63 19.32
N GLY B 300 9.92 -28.37 18.50
CA GLY B 300 8.54 -28.65 18.75
C GLY B 300 7.56 -27.69 18.11
N PHE B 301 7.95 -27.00 17.05
CA PHE B 301 7.05 -26.11 16.34
C PHE B 301 6.43 -26.98 15.29
N ALA B 302 5.34 -26.54 14.74
CA ALA B 302 4.56 -27.33 13.87
C ALA B 302 4.69 -26.65 12.56
N ARG B 303 4.89 -27.45 11.56
CA ARG B 303 5.30 -26.86 10.32
C ARG B 303 4.25 -25.99 9.64
N ASP B 304 2.97 -26.31 9.80
CA ASP B 304 2.00 -25.38 9.25
C ASP B 304 2.03 -24.10 9.93
N GLU B 305 2.20 -24.11 11.25
CA GLU B 305 2.19 -22.84 11.97
C GLU B 305 3.32 -21.97 11.47
N ILE B 306 4.53 -22.54 11.29
CA ILE B 306 5.67 -21.72 10.85
C ILE B 306 5.19 -21.06 9.56
N ASN B 307 4.64 -21.89 8.69
CA ASN B 307 4.10 -21.28 7.47
C ASN B 307 3.01 -20.17 7.58
N ASP B 308 1.96 -20.42 8.37
CA ASP B 308 1.04 -19.36 8.69
C ASP B 308 1.83 -18.19 9.11
N ALA B 309 2.64 -18.37 10.15
CA ALA B 309 3.20 -17.23 10.79
C ALA B 309 3.97 -16.42 9.76
N LEU B 310 4.65 -17.02 8.79
CA LEU B 310 5.49 -16.16 7.99
C LEU B 310 4.59 -15.44 6.96
N ILE B 311 3.87 -16.27 6.20
CA ILE B 311 2.96 -15.80 5.17
C ILE B 311 2.01 -14.63 5.66
N ASN B 312 1.43 -14.79 6.85
CA ASN B 312 0.64 -13.72 7.39
C ASN B 312 1.44 -12.74 8.22
N GLN B 313 2.77 -12.78 8.12
CA GLN B 313 3.62 -11.81 8.83
C GLN B 313 3.14 -11.50 10.22
N LYS B 314 2.94 -12.52 11.03
CA LYS B 314 2.20 -12.39 12.31
C LYS B 314 3.01 -11.83 13.47
N TYR B 315 4.28 -11.53 13.22
CA TYR B 315 5.24 -11.23 14.26
C TYR B 315 5.07 -11.96 15.55
N ASP B 316 4.64 -13.20 15.55
CA ASP B 316 4.62 -13.99 16.82
C ASP B 316 5.94 -14.78 17.18
N GLU B 317 5.96 -15.34 18.39
CA GLU B 317 6.94 -16.32 18.80
C GLU B 317 7.45 -17.26 17.68
N VAL B 318 6.60 -17.61 16.72
CA VAL B 318 6.99 -18.57 15.68
C VAL B 318 7.78 -17.87 14.58
N MET B 319 7.24 -16.80 14.04
CA MET B 319 7.95 -16.07 13.06
C MET B 319 9.23 -15.55 13.66
N ALA B 320 9.17 -15.01 14.87
CA ALA B 320 10.39 -14.49 15.43
C ALA B 320 11.49 -15.54 15.47
N THR B 321 11.13 -16.81 15.76
CA THR B 321 12.12 -17.83 15.87
C THR B 321 12.72 -18.13 14.50
N TYR B 322 11.86 -18.12 13.52
CA TYR B 322 12.30 -18.32 12.18
C TYR B 322 13.29 -17.21 11.79
N ILE B 323 13.02 -15.98 12.14
CA ILE B 323 13.96 -14.96 11.75
C ILE B 323 15.27 -15.04 12.57
N LEU B 324 15.16 -15.35 13.84
CA LEU B 324 16.34 -15.29 14.65
C LEU B 324 17.32 -16.40 14.31
N LEU B 325 16.78 -17.55 13.94
CA LEU B 325 17.60 -18.65 13.52
C LEU B 325 18.38 -18.20 12.29
N GLY B 326 17.94 -17.15 11.62
CA GLY B 326 18.54 -16.73 10.39
C GLY B 326 19.63 -15.70 10.64
N ARG B 327 19.81 -15.31 11.90
CA ARG B 327 20.78 -14.31 12.23
C ARG B 327 21.88 -14.88 13.05
N LYS B 328 23.06 -14.46 12.71
CA LYS B 328 24.26 -14.89 13.40
C LYS B 328 24.29 -13.93 14.57
N GLU C 10 9.67 -46.54 69.71
CA GLU C 10 9.81 -45.07 70.00
C GLU C 10 8.47 -44.39 70.40
N GLN C 11 7.62 -44.11 69.40
CA GLN C 11 6.53 -43.09 69.50
C GLN C 11 5.10 -43.57 69.90
N PRO C 12 4.09 -42.66 69.87
CA PRO C 12 2.77 -43.05 70.36
C PRO C 12 2.10 -44.00 69.38
N HIS C 13 1.04 -44.64 69.79
CA HIS C 13 0.34 -45.55 68.90
C HIS C 13 -1.10 -45.20 68.97
N ILE C 14 -1.82 -45.35 67.85
CA ILE C 14 -3.28 -45.52 67.98
C ILE C 14 -3.79 -46.77 67.29
N GLY C 15 -4.50 -47.60 68.06
CA GLY C 15 -4.80 -48.96 67.63
C GLY C 15 -3.58 -49.61 67.02
N ASN C 16 -3.75 -50.12 65.81
CA ASN C 16 -2.69 -50.80 65.14
C ASN C 16 -1.71 -49.94 64.42
N TYR C 17 -1.62 -48.67 64.74
CA TYR C 17 -0.67 -47.79 64.01
C TYR C 17 0.34 -47.05 64.85
N ARG C 18 1.59 -47.10 64.44
CA ARG C 18 2.62 -46.30 65.08
C ARG C 18 2.55 -44.98 64.34
N LEU C 19 2.44 -43.86 65.05
CA LEU C 19 2.46 -42.53 64.44
C LEU C 19 3.84 -41.95 64.23
N GLN C 20 4.03 -41.11 63.23
CA GLN C 20 5.37 -40.53 62.87
C GLN C 20 5.19 -38.99 62.54
N LYS C 21 6.12 -38.34 61.82
CA LYS C 21 5.93 -36.97 61.34
C LYS C 21 4.48 -36.58 61.32
N THR C 22 4.12 -35.51 62.03
CA THR C 22 2.91 -34.73 61.65
C THR C 22 3.13 -34.29 60.22
N ILE C 23 2.15 -34.38 59.32
CA ILE C 23 2.40 -33.82 58.00
C ILE C 23 1.54 -32.60 57.69
N GLY C 24 0.56 -32.33 58.56
CA GLY C 24 -0.06 -31.01 58.63
C GLY C 24 -1.11 -30.85 59.72
N LYS C 25 -1.43 -29.60 60.01
CA LYS C 25 -2.59 -29.38 60.85
C LYS C 25 -3.47 -28.25 60.28
N GLY C 26 -4.74 -28.29 60.65
CA GLY C 26 -5.60 -27.17 60.48
C GLY C 26 -6.30 -26.87 61.80
N ASN C 27 -7.39 -26.16 61.71
CA ASN C 27 -7.98 -25.72 62.95
C ASN C 27 -8.42 -26.88 63.74
N PHE C 28 -8.98 -27.84 63.04
CA PHE C 28 -9.71 -28.86 63.76
C PHE C 28 -9.12 -30.26 63.57
N ALA C 29 -8.00 -30.34 62.89
CA ALA C 29 -7.49 -31.64 62.48
C ALA C 29 -5.99 -31.60 62.21
N LYS C 30 -5.34 -32.74 62.37
CA LYS C 30 -3.96 -32.87 61.97
C LYS C 30 -3.81 -34.24 61.36
N VAL C 31 -2.75 -34.35 60.58
CA VAL C 31 -2.50 -35.46 59.79
C VAL C 31 -1.09 -35.88 60.14
N LYS C 32 -1.03 -37.14 60.57
CA LYS C 32 0.26 -37.79 60.78
C LYS C 32 0.51 -38.94 59.78
N LEU C 33 1.68 -38.96 59.21
CA LEU C 33 2.22 -40.16 58.60
C LEU C 33 2.25 -41.18 59.72
N ALA C 34 2.01 -42.46 59.41
CA ALA C 34 1.97 -43.56 60.41
C ALA C 34 2.17 -44.90 59.66
N ARG C 35 2.64 -45.91 60.40
CA ARG C 35 2.94 -47.22 59.90
C ARG C 35 2.00 -48.17 60.59
N HIS C 36 1.41 -49.01 59.77
CA HIS C 36 0.48 -49.98 60.27
C HIS C 36 1.32 -51.18 60.73
N VAL C 37 1.18 -51.49 62.03
CA VAL C 37 2.15 -52.39 62.70
C VAL C 37 2.04 -53.85 62.25
N LEU C 38 0.82 -54.30 61.96
CA LEU C 38 0.56 -55.58 61.41
C LEU C 38 1.11 -55.81 59.98
N THR C 39 1.08 -54.79 59.09
CA THR C 39 1.47 -54.99 57.70
C THR C 39 2.71 -54.20 57.25
N GLY C 40 3.12 -53.17 58.00
CA GLY C 40 4.25 -52.36 57.58
C GLY C 40 3.88 -51.25 56.62
N ARG C 41 2.61 -51.18 56.20
CA ARG C 41 2.19 -50.15 55.25
C ARG C 41 2.19 -48.73 55.79
N GLU C 42 2.73 -47.81 55.03
CA GLU C 42 2.65 -46.40 55.34
C GLU C 42 1.22 -45.85 55.11
N VAL C 43 0.67 -45.13 56.05
CA VAL C 43 -0.68 -44.56 55.93
C VAL C 43 -0.71 -43.11 56.46
N ALA C 44 -1.75 -42.34 56.15
CA ALA C 44 -1.84 -40.94 56.64
C ALA C 44 -2.90 -41.05 57.66
N VAL C 45 -2.71 -40.58 58.87
CA VAL C 45 -3.78 -40.73 59.81
C VAL C 45 -4.28 -39.34 60.13
N LYS C 46 -5.53 -39.06 59.77
CA LYS C 46 -6.13 -37.75 60.03
C LYS C 46 -6.76 -37.84 61.38
N ILE C 47 -6.26 -37.02 62.31
CA ILE C 47 -6.71 -37.04 63.69
C ILE C 47 -7.67 -35.87 63.89
N ILE C 48 -8.89 -36.16 64.29
CA ILE C 48 -9.81 -35.05 64.55
C ILE C 48 -10.39 -35.16 65.93
N ASP C 49 -10.26 -34.04 66.63
CA ASP C 49 -10.76 -33.80 67.99
C ASP C 49 -12.30 -33.49 68.02
N LYS C 50 -13.10 -34.40 68.59
CA LYS C 50 -14.54 -34.25 68.50
C LYS C 50 -14.94 -33.15 69.45
N THR C 51 -15.17 -33.48 70.73
CA THR C 51 -15.26 -32.53 71.88
C THR C 51 -15.49 -31.01 71.62
N GLN C 52 -14.57 -30.32 70.95
CA GLN C 52 -14.76 -28.90 70.56
C GLN C 52 -15.81 -28.54 69.44
N LEU C 53 -16.77 -29.41 69.12
CA LEU C 53 -17.48 -29.25 67.85
C LEU C 53 -18.96 -29.29 68.05
N ASN C 54 -19.65 -28.26 67.59
CA ASN C 54 -21.10 -28.21 67.83
C ASN C 54 -21.76 -29.33 67.05
N PRO C 55 -23.05 -29.63 67.31
CA PRO C 55 -23.74 -30.57 66.45
C PRO C 55 -23.61 -30.32 64.95
N THR C 56 -23.40 -29.11 64.47
CA THR C 56 -23.59 -29.07 63.02
C THR C 56 -22.28 -29.52 62.35
N SER C 57 -21.16 -29.07 62.92
CA SER C 57 -19.90 -29.64 62.64
C SER C 57 -19.84 -31.17 62.76
N LEU C 58 -20.53 -31.75 63.71
CA LEU C 58 -20.49 -33.20 63.80
C LEU C 58 -21.11 -33.88 62.59
N GLN C 59 -22.35 -33.49 62.22
CA GLN C 59 -23.00 -33.89 60.96
C GLN C 59 -22.10 -33.70 59.70
N LYS C 60 -21.37 -32.59 59.57
CA LYS C 60 -20.50 -32.46 58.42
C LYS C 60 -19.47 -33.59 58.45
N LEU C 61 -18.75 -33.67 59.58
CA LEU C 61 -17.67 -34.58 59.76
C LEU C 61 -18.11 -35.98 59.42
N PHE C 62 -19.33 -36.34 59.80
CA PHE C 62 -19.76 -37.71 59.59
C PHE C 62 -20.28 -37.84 58.20
N ARG C 63 -20.43 -36.72 57.54
CA ARG C 63 -21.08 -36.84 56.31
C ARG C 63 -19.95 -37.11 55.34
N GLU C 64 -18.87 -36.40 55.56
CA GLU C 64 -17.61 -36.61 54.91
C GLU C 64 -17.09 -38.08 54.97
N VAL C 65 -17.21 -38.68 56.13
CA VAL C 65 -16.73 -40.01 56.39
C VAL C 65 -17.60 -41.03 55.63
N ARG C 66 -18.91 -40.80 55.64
CA ARG C 66 -19.82 -41.70 54.93
C ARG C 66 -19.41 -41.74 53.45
N ILE C 67 -19.18 -40.59 52.84
CA ILE C 67 -18.69 -40.50 51.51
C ILE C 67 -17.29 -41.12 51.30
N MET C 68 -16.30 -40.76 52.13
CA MET C 68 -14.98 -41.40 52.04
C MET C 68 -15.08 -42.94 52.06
N LYS C 69 -15.96 -43.49 52.87
CA LYS C 69 -16.23 -44.90 52.86
C LYS C 69 -16.64 -45.49 51.53
N ILE C 70 -17.14 -44.70 50.58
CA ILE C 70 -17.62 -45.30 49.31
C ILE C 70 -16.76 -45.04 48.09
N LEU C 71 -15.73 -44.26 48.26
CA LEU C 71 -14.93 -43.93 47.10
C LEU C 71 -13.95 -45.05 46.95
N ASN C 72 -14.19 -45.92 45.97
CA ASN C 72 -13.20 -46.92 45.60
C ASN C 72 -12.57 -46.76 44.22
N HIS C 73 -11.54 -45.91 44.09
CA HIS C 73 -11.08 -45.51 42.76
C HIS C 73 -9.55 -45.46 42.76
N PRO C 74 -8.91 -45.98 41.73
CA PRO C 74 -7.42 -46.01 41.91
C PRO C 74 -6.79 -44.60 41.98
N ASN C 75 -7.50 -43.52 41.60
CA ASN C 75 -6.98 -42.17 41.78
C ASN C 75 -7.75 -41.29 42.73
N ILE C 76 -8.47 -41.91 43.63
CA ILE C 76 -9.00 -41.16 44.76
C ILE C 76 -8.40 -41.68 46.04
N VAL C 77 -8.02 -40.86 47.00
CA VAL C 77 -7.40 -41.46 48.15
C VAL C 77 -8.41 -42.37 48.80
N LYS C 78 -8.00 -43.54 49.32
CA LYS C 78 -8.84 -44.59 49.85
C LYS C 78 -8.84 -44.46 51.35
N LEU C 79 -9.95 -44.76 51.95
CA LEU C 79 -10.01 -44.79 53.34
C LEU C 79 -9.62 -46.23 53.70
N PHE C 80 -8.87 -46.44 54.78
CA PHE C 80 -8.48 -47.78 55.20
C PHE C 80 -9.18 -48.17 56.50
N GLU C 81 -9.19 -47.32 57.54
CA GLU C 81 -9.78 -47.65 58.81
C GLU C 81 -10.37 -46.43 59.50
N VAL C 82 -11.39 -46.68 60.32
CA VAL C 82 -11.88 -45.62 61.14
C VAL C 82 -11.85 -46.12 62.57
N ILE C 83 -11.09 -45.41 63.39
CA ILE C 83 -10.95 -45.69 64.79
C ILE C 83 -11.56 -44.50 65.54
N GLU C 84 -12.54 -44.83 66.36
CA GLU C 84 -13.35 -43.81 66.99
C GLU C 84 -13.51 -44.13 68.50
N THR C 85 -12.78 -43.38 69.30
CA THR C 85 -13.00 -43.29 70.74
C THR C 85 -14.17 -42.30 70.90
N GLU C 86 -14.61 -42.10 72.12
CA GLU C 86 -15.73 -41.20 72.36
C GLU C 86 -15.29 -39.71 72.27
N LYS C 87 -13.97 -39.45 72.31
CA LYS C 87 -13.35 -38.10 72.23
C LYS C 87 -12.69 -37.73 70.88
N THR C 88 -12.09 -38.74 70.21
CA THR C 88 -11.32 -38.53 68.97
C THR C 88 -11.79 -39.51 67.86
N LEU C 89 -11.78 -38.97 66.64
CA LEU C 89 -12.04 -39.73 65.46
C LEU C 89 -10.72 -39.78 64.74
N TYR C 90 -10.28 -41.00 64.41
CA TYR C 90 -9.10 -41.16 63.58
C TYR C 90 -9.51 -41.80 62.27
N LEU C 91 -9.08 -41.15 61.20
CA LEU C 91 -9.40 -41.60 59.86
C LEU C 91 -8.13 -42.12 59.25
N VAL C 92 -8.05 -43.41 58.97
CA VAL C 92 -6.77 -43.89 58.47
C VAL C 92 -6.90 -43.98 57.01
N MET C 93 -6.04 -43.30 56.30
CA MET C 93 -6.22 -43.23 54.85
C MET C 93 -4.93 -43.33 54.05
N GLU C 94 -5.08 -43.38 52.71
CA GLU C 94 -3.98 -43.68 51.81
C GLU C 94 -3.07 -42.48 51.80
N TYR C 95 -1.82 -42.67 51.50
CA TYR C 95 -0.92 -41.58 51.65
C TYR C 95 -0.29 -41.27 50.33
N ALA C 96 -0.19 -40.01 50.05
CA ALA C 96 0.32 -39.60 48.79
C ALA C 96 1.41 -38.60 49.09
N SER C 97 2.61 -39.07 48.80
CA SER C 97 3.83 -38.45 49.31
C SER C 97 4.25 -37.36 48.32
N GLY C 98 3.63 -37.34 47.16
CA GLY C 98 4.15 -36.49 46.10
C GLY C 98 3.66 -35.04 46.15
N GLY C 99 2.88 -34.62 47.12
CA GLY C 99 2.44 -33.23 47.09
C GLY C 99 1.31 -32.90 46.09
N GLU C 100 0.99 -31.60 45.98
CA GLU C 100 -0.10 -31.13 45.08
C GLU C 100 0.40 -31.12 43.65
N VAL C 101 -0.49 -31.35 42.69
CA VAL C 101 -0.15 -31.22 41.27
C VAL C 101 0.29 -29.78 40.93
N PHE C 102 -0.50 -28.82 41.39
CA PHE C 102 -0.13 -27.45 41.15
C PHE C 102 1.34 -27.19 41.58
N ASP C 103 1.71 -27.51 42.80
CA ASP C 103 3.10 -27.30 43.25
C ASP C 103 4.06 -28.14 42.39
N TYR C 104 3.70 -29.36 41.98
CA TYR C 104 4.69 -30.13 41.24
C TYR C 104 5.08 -29.45 39.99
N LEU C 105 4.10 -28.92 39.29
CA LEU C 105 4.37 -28.10 38.12
C LEU C 105 5.14 -26.84 38.44
N VAL C 106 4.73 -26.08 39.43
CA VAL C 106 5.56 -24.92 39.74
C VAL C 106 7.00 -25.38 39.91
N ALA C 107 7.27 -26.50 40.57
CA ALA C 107 8.67 -26.94 40.77
C ALA C 107 9.36 -27.61 39.55
N HIS C 108 8.65 -28.26 38.66
CA HIS C 108 9.37 -28.97 37.61
C HIS C 108 9.00 -28.60 36.20
N GLY C 109 8.15 -27.61 36.06
CA GLY C 109 7.66 -27.17 34.75
C GLY C 109 6.74 -28.14 33.99
N ARG C 110 6.50 -27.78 32.73
CA ARG C 110 5.60 -28.56 31.94
C ARG C 110 5.96 -30.03 31.84
N MET C 111 4.91 -30.83 31.88
CA MET C 111 5.05 -32.18 31.41
C MET C 111 4.92 -32.24 29.88
N LYS C 112 5.62 -33.21 29.29
CA LYS C 112 5.32 -33.68 27.96
C LYS C 112 3.87 -34.23 27.87
N GLU C 113 3.26 -33.93 26.74
CA GLU C 113 1.86 -34.23 26.51
C GLU C 113 1.56 -35.66 26.82
N LYS C 114 2.47 -36.60 26.48
CA LYS C 114 2.26 -38.04 26.73
C LYS C 114 2.11 -38.26 28.24
N GLU C 115 2.90 -37.55 29.04
CA GLU C 115 2.80 -37.70 30.49
C GLU C 115 1.52 -37.01 31.03
N ALA C 116 1.27 -35.81 30.55
CA ALA C 116 0.12 -35.00 30.91
C ALA C 116 -1.19 -35.80 30.63
N ARG C 117 -1.21 -36.49 29.49
CA ARG C 117 -2.34 -37.24 29.14
C ARG C 117 -2.58 -38.32 30.15
N ALA C 118 -1.54 -38.85 30.73
CA ALA C 118 -1.66 -39.98 31.66
C ALA C 118 -2.27 -39.47 33.00
N LYS C 119 -1.77 -38.31 33.43
CA LYS C 119 -2.30 -37.67 34.61
C LYS C 119 -3.79 -37.20 34.39
N PHE C 120 -4.10 -36.69 33.19
CA PHE C 120 -5.37 -36.06 32.94
C PHE C 120 -6.45 -37.19 32.84
N ARG C 121 -6.12 -38.30 32.21
CA ARG C 121 -7.06 -39.38 32.17
C ARG C 121 -7.45 -39.77 33.59
N GLN C 122 -6.49 -39.89 34.49
CA GLN C 122 -6.76 -40.19 35.87
C GLN C 122 -7.65 -39.13 36.52
N ILE C 123 -7.27 -37.87 36.42
CA ILE C 123 -8.09 -36.80 36.96
C ILE C 123 -9.53 -36.82 36.44
N VAL C 124 -9.70 -36.86 35.13
CA VAL C 124 -11.05 -36.88 34.61
C VAL C 124 -11.75 -38.16 35.07
N SER C 125 -11.02 -39.26 35.16
CA SER C 125 -11.71 -40.44 35.59
C SER C 125 -12.17 -40.28 37.07
N ALA C 126 -11.35 -39.67 37.90
CA ALA C 126 -11.74 -39.61 39.24
C ALA C 126 -12.77 -38.57 39.52
N VAL C 127 -12.73 -37.45 38.80
CA VAL C 127 -13.71 -36.40 39.02
C VAL C 127 -15.12 -36.87 38.56
N GLN C 128 -15.12 -37.49 37.41
CA GLN C 128 -16.33 -38.05 36.91
C GLN C 128 -16.86 -39.07 37.90
N TYR C 129 -15.98 -39.92 38.41
CA TYR C 129 -16.49 -40.99 39.23
C TYR C 129 -17.11 -40.43 40.50
N CYS C 130 -16.50 -39.38 41.03
CA CYS C 130 -17.02 -38.78 42.27
C CYS C 130 -18.46 -38.42 42.07
N HIS C 131 -18.80 -37.86 40.88
CA HIS C 131 -20.19 -37.44 40.71
C HIS C 131 -21.08 -38.67 40.52
N GLN C 132 -20.54 -39.90 40.31
CA GLN C 132 -21.38 -41.06 40.17
C GLN C 132 -21.77 -41.41 41.53
N LYS C 133 -20.96 -41.00 42.51
CA LYS C 133 -21.14 -41.53 43.86
C LYS C 133 -21.80 -40.63 44.86
N TYR C 134 -21.53 -39.32 44.89
CA TYR C 134 -22.19 -38.48 45.86
C TYR C 134 -22.36 -37.11 45.21
N ILE C 135 -23.22 -36.23 45.75
CA ILE C 135 -23.32 -34.87 45.32
C ILE C 135 -22.19 -33.99 45.79
N VAL C 136 -21.46 -33.49 44.82
CA VAL C 136 -20.37 -32.60 45.06
C VAL C 136 -20.97 -31.23 45.22
N HIS C 137 -20.55 -30.51 46.26
CA HIS C 137 -21.16 -29.23 46.51
C HIS C 137 -20.24 -28.07 46.36
N ARG C 138 -18.90 -28.29 46.20
CA ARG C 138 -17.91 -27.23 46.23
C ARG C 138 -16.90 -27.53 45.17
N ASP C 139 -16.34 -26.53 44.56
CA ASP C 139 -15.51 -26.78 43.42
C ASP C 139 -14.17 -27.51 43.76
N LEU C 140 -13.63 -28.20 42.78
CA LEU C 140 -12.27 -28.75 42.80
C LEU C 140 -11.24 -27.65 43.09
N LYS C 141 -10.20 -27.95 43.84
CA LYS C 141 -9.30 -26.99 44.41
C LYS C 141 -7.93 -27.61 44.27
N ALA C 142 -6.94 -26.77 44.12
CA ALA C 142 -5.59 -27.18 43.83
C ALA C 142 -5.19 -28.26 44.78
N GLU C 143 -5.58 -28.05 46.01
CA GLU C 143 -5.04 -28.89 47.01
C GLU C 143 -5.76 -30.23 47.05
N ASN C 144 -6.77 -30.41 46.20
CA ASN C 144 -7.36 -31.73 46.05
C ASN C 144 -6.51 -32.62 45.09
N LEU C 145 -5.64 -32.05 44.28
CA LEU C 145 -4.93 -32.86 43.31
C LEU C 145 -3.60 -33.34 43.83
N LEU C 146 -3.52 -34.59 44.28
CA LEU C 146 -2.25 -35.08 44.82
C LEU C 146 -1.68 -36.05 43.83
N LEU C 147 -0.36 -36.12 43.86
CA LEU C 147 0.43 -37.15 43.25
C LEU C 147 0.90 -38.09 44.37
N ASP C 148 0.88 -39.39 44.13
CA ASP C 148 1.53 -40.27 45.11
C ASP C 148 3.03 -40.45 44.74
N GLY C 149 3.71 -41.39 45.47
CA GLY C 149 5.08 -41.81 45.20
C GLY C 149 5.40 -42.39 43.82
N ASP C 150 4.48 -43.06 43.14
CA ASP C 150 4.72 -43.37 41.72
C ASP C 150 4.12 -42.36 40.77
N MET C 151 3.83 -41.16 41.26
CA MET C 151 3.53 -40.05 40.40
C MET C 151 2.08 -40.19 39.81
N ASN C 152 1.27 -41.07 40.41
CA ASN C 152 -0.10 -41.20 40.07
C ASN C 152 -0.94 -40.12 40.82
N ILE C 153 -1.97 -39.59 40.10
CA ILE C 153 -2.97 -38.72 40.68
C ILE C 153 -3.72 -39.39 41.86
N LYS C 154 -3.92 -38.65 42.94
CA LYS C 154 -4.89 -39.08 43.92
C LYS C 154 -5.59 -37.87 44.35
N ILE C 155 -6.93 -37.90 44.25
CA ILE C 155 -7.75 -36.75 44.48
C ILE C 155 -8.21 -36.90 45.90
N ALA C 156 -8.24 -35.84 46.68
CA ALA C 156 -8.72 -35.94 48.04
C ALA C 156 -9.77 -34.85 48.34
N ASP C 157 -10.81 -35.20 49.09
CA ASP C 157 -11.72 -34.22 49.61
C ASP C 157 -12.53 -33.39 48.59
N PHE C 158 -12.76 -33.91 47.38
CA PHE C 158 -13.41 -33.14 46.35
C PHE C 158 -14.84 -32.86 46.77
N GLY C 159 -15.08 -31.55 46.94
CA GLY C 159 -16.32 -30.93 47.33
C GLY C 159 -16.48 -30.70 48.85
N PHE C 160 -15.49 -31.08 49.66
CA PHE C 160 -15.60 -31.07 51.11
C PHE C 160 -15.40 -29.65 51.61
N SER C 161 -16.00 -29.26 52.76
CA SER C 161 -15.75 -27.90 53.32
C SER C 161 -14.40 -27.80 53.94
N ASN C 162 -13.96 -26.58 54.28
CA ASN C 162 -12.66 -26.52 54.92
C ASN C 162 -12.70 -26.81 56.41
N GLU C 163 -13.88 -27.00 56.95
CA GLU C 163 -13.91 -27.14 58.37
C GLU C 163 -12.83 -28.08 58.84
N PHE C 164 -12.53 -29.11 58.02
CA PHE C 164 -11.79 -30.25 58.50
C PHE C 164 -10.51 -30.48 57.81
N THR C 165 -10.11 -29.53 56.98
CA THR C 165 -8.84 -29.64 56.28
C THR C 165 -7.68 -29.18 57.16
N VAL C 166 -6.54 -29.18 56.48
CA VAL C 166 -5.24 -29.22 57.02
C VAL C 166 -4.41 -28.48 55.98
N GLY C 167 -3.36 -27.79 56.47
CA GLY C 167 -2.47 -26.94 55.65
C GLY C 167 -2.49 -25.51 56.19
N PRO C 177 -8.64 -17.58 43.20
CA PRO C 177 -7.95 -18.94 42.97
C PRO C 177 -7.88 -19.16 41.47
N PRO C 178 -6.65 -19.22 40.88
CA PRO C 178 -6.73 -19.20 39.39
C PRO C 178 -7.35 -20.47 38.70
N TYR C 179 -7.69 -21.50 39.48
CA TYR C 179 -8.44 -22.65 39.03
C TYR C 179 -9.91 -22.33 38.88
N ALA C 180 -10.37 -21.28 39.54
CA ALA C 180 -11.83 -21.18 39.72
C ALA C 180 -12.55 -20.73 38.45
N ALA C 181 -13.78 -21.22 38.29
CA ALA C 181 -14.54 -20.97 37.07
C ALA C 181 -15.02 -19.54 37.05
N PRO C 182 -15.22 -18.96 35.84
CA PRO C 182 -15.70 -17.57 35.74
C PRO C 182 -16.94 -17.37 36.55
N GLU C 183 -17.84 -18.36 36.52
CA GLU C 183 -19.12 -18.11 37.17
C GLU C 183 -18.83 -18.07 38.68
N LEU C 184 -17.85 -18.81 39.14
CA LEU C 184 -17.55 -18.57 40.52
C LEU C 184 -17.02 -17.15 40.74
N PHE C 185 -16.30 -16.53 39.80
CA PHE C 185 -15.72 -15.19 40.07
C PHE C 185 -16.83 -14.15 40.17
N GLN C 186 -17.89 -14.49 39.45
CA GLN C 186 -19.11 -13.72 39.43
C GLN C 186 -20.06 -14.06 40.57
N GLY C 187 -19.60 -14.79 41.61
CA GLY C 187 -20.47 -15.11 42.77
C GLY C 187 -21.50 -16.28 42.67
N LYS C 188 -21.71 -16.93 41.53
CA LYS C 188 -22.61 -18.12 41.47
C LYS C 188 -22.05 -19.25 42.32
N LYS C 189 -22.87 -19.80 43.22
CA LYS C 189 -22.53 -21.02 43.99
C LYS C 189 -22.34 -22.23 43.04
N TYR C 190 -21.50 -23.20 43.47
CA TYR C 190 -21.12 -24.39 42.66
C TYR C 190 -22.34 -25.11 42.19
N ASP C 191 -22.39 -25.42 40.92
CA ASP C 191 -23.58 -26.08 40.46
C ASP C 191 -23.29 -27.37 39.71
N GLY C 192 -22.10 -27.93 39.82
CA GLY C 192 -21.93 -29.23 39.22
C GLY C 192 -20.83 -29.38 38.24
N PRO C 193 -20.85 -30.48 37.50
CA PRO C 193 -19.72 -30.79 36.66
C PRO C 193 -19.35 -29.72 35.68
N GLU C 194 -20.28 -29.00 35.12
CA GLU C 194 -19.85 -27.93 34.26
C GLU C 194 -18.75 -27.05 34.87
N VAL C 195 -18.86 -26.68 36.16
CA VAL C 195 -17.82 -25.88 36.81
C VAL C 195 -16.47 -26.63 36.77
N ASP C 196 -16.48 -27.97 36.95
CA ASP C 196 -15.27 -28.78 37.08
C ASP C 196 -14.70 -28.76 35.68
N VAL C 197 -15.54 -28.83 34.67
CA VAL C 197 -14.99 -28.74 33.32
C VAL C 197 -14.07 -27.52 33.10
N TRP C 198 -14.47 -26.34 33.57
CA TRP C 198 -13.57 -25.20 33.34
C TRP C 198 -12.22 -25.46 34.08
N SER C 199 -12.31 -25.85 35.35
CA SER C 199 -11.12 -26.16 36.14
C SER C 199 -10.20 -27.17 35.46
N LEU C 200 -10.80 -28.25 34.99
CA LEU C 200 -10.09 -29.18 34.24
C LEU C 200 -9.30 -28.52 33.10
N GLY C 201 -9.73 -27.41 32.61
CA GLY C 201 -9.11 -26.89 31.40
C GLY C 201 -7.93 -26.16 31.93
N VAL C 202 -8.09 -25.53 33.11
CA VAL C 202 -6.96 -24.88 33.78
C VAL C 202 -5.94 -25.97 34.24
N ILE C 203 -6.41 -27.09 34.76
CA ILE C 203 -5.46 -28.13 35.17
C ILE C 203 -4.65 -28.54 33.91
N LEU C 204 -5.34 -28.68 32.78
CA LEU C 204 -4.72 -29.28 31.61
C LEU C 204 -3.70 -28.27 31.14
N TYR C 205 -4.07 -26.98 31.22
CA TYR C 205 -3.22 -25.98 30.60
C TYR C 205 -1.89 -25.90 31.33
N THR C 206 -1.95 -26.04 32.65
CA THR C 206 -0.79 -25.92 33.44
C THR C 206 0.02 -27.24 33.18
N LEU C 207 -0.64 -28.38 33.10
CA LEU C 207 0.14 -29.59 32.97
C LEU C 207 0.96 -29.47 31.68
N VAL C 208 0.41 -28.89 30.62
CA VAL C 208 1.12 -29.12 29.44
C VAL C 208 2.09 -27.95 29.13
N SER C 209 1.94 -26.85 29.90
CA SER C 209 2.70 -25.66 29.67
C SER C 209 3.50 -25.15 30.87
N GLY C 210 3.25 -25.66 32.08
CA GLY C 210 3.94 -25.16 33.23
C GLY C 210 3.27 -23.96 33.85
N SER C 211 2.47 -23.19 33.13
CA SER C 211 1.88 -22.01 33.79
C SER C 211 0.35 -22.00 33.73
N LEU C 212 -0.26 -21.16 34.56
CA LEU C 212 -1.69 -21.07 34.64
C LEU C 212 -2.08 -20.36 33.38
N PRO C 213 -3.30 -20.63 32.78
CA PRO C 213 -3.66 -19.86 31.60
C PRO C 213 -4.15 -18.42 31.88
N PHE C 214 -4.54 -18.10 33.11
CA PHE C 214 -4.96 -16.74 33.53
C PHE C 214 -4.23 -16.44 34.83
N ASP C 215 -3.47 -15.35 34.90
CA ASP C 215 -2.99 -14.91 36.19
C ASP C 215 -3.15 -13.39 36.37
N GLY C 216 -2.72 -12.96 37.56
CA GLY C 216 -2.54 -11.55 37.85
C GLY C 216 -1.95 -11.39 39.23
N GLN C 217 -1.31 -10.24 39.44
CA GLN C 217 -0.76 -9.88 40.78
C GLN C 217 -1.91 -9.80 41.83
N ASN C 218 -2.95 -9.05 41.47
CA ASN C 218 -4.08 -8.90 42.36
C ASN C 218 -5.27 -9.68 41.79
N LEU C 219 -6.27 -9.95 42.64
CA LEU C 219 -7.57 -10.50 42.28
C LEU C 219 -8.37 -9.74 41.19
N LYS C 220 -8.44 -8.42 41.23
CA LYS C 220 -9.19 -7.73 40.16
C LYS C 220 -8.55 -8.12 38.82
N GLU C 221 -7.23 -8.26 38.84
CA GLU C 221 -6.53 -8.54 37.60
C GLU C 221 -6.87 -9.97 37.14
N LEU C 222 -6.87 -10.93 38.06
CA LEU C 222 -7.25 -12.29 37.74
C LEU C 222 -8.61 -12.29 37.14
N ARG C 223 -9.52 -11.62 37.84
CA ARG C 223 -10.93 -11.70 37.62
C ARG C 223 -11.15 -11.24 36.19
N GLU C 224 -10.50 -10.16 35.81
CA GLU C 224 -10.79 -9.62 34.48
C GLU C 224 -10.20 -10.44 33.37
N ARG C 225 -9.12 -11.16 33.68
CA ARG C 225 -8.50 -12.03 32.72
C ARG C 225 -9.29 -13.34 32.53
N VAL C 226 -9.65 -14.02 33.64
CA VAL C 226 -10.54 -15.17 33.55
C VAL C 226 -11.78 -14.80 32.75
N LEU C 227 -12.49 -13.72 33.09
CA LEU C 227 -13.72 -13.37 32.36
C LEU C 227 -13.55 -12.97 30.89
N ARG C 228 -12.38 -12.48 30.52
CA ARG C 228 -12.15 -12.12 29.13
C ARG C 228 -11.95 -13.50 28.43
N GLY C 229 -11.33 -14.47 29.10
CA GLY C 229 -11.32 -15.82 28.59
C GLY C 229 -10.41 -16.11 27.43
N LYS C 230 -9.64 -15.10 27.01
CA LYS C 230 -8.41 -15.26 26.14
C LYS C 230 -7.16 -15.88 26.82
N TYR C 231 -6.51 -16.86 26.21
CA TYR C 231 -5.30 -17.43 26.86
C TYR C 231 -4.30 -17.83 25.73
N ARG C 232 -3.00 -17.78 26.01
CA ARG C 232 -1.92 -17.96 25.00
C ARG C 232 -1.81 -19.44 24.68
N ILE C 233 -1.71 -19.80 23.41
CA ILE C 233 -1.46 -21.19 23.07
C ILE C 233 0.04 -21.36 22.80
N PRO C 234 0.79 -22.07 23.68
CA PRO C 234 2.26 -22.14 23.48
C PRO C 234 2.59 -22.78 22.14
N PHE C 235 3.63 -22.35 21.42
CA PHE C 235 4.00 -22.98 20.10
C PHE C 235 4.18 -24.52 20.26
N TYR C 236 4.56 -25.06 21.43
CA TYR C 236 4.75 -26.53 21.39
C TYR C 236 3.44 -27.40 21.55
N MET C 237 2.36 -26.81 22.00
CA MET C 237 1.16 -27.55 22.42
C MET C 237 0.60 -28.11 21.16
N SER C 238 0.34 -29.40 21.09
CA SER C 238 -0.32 -29.96 19.87
C SER C 238 -1.67 -29.32 19.45
N THR C 239 -2.07 -29.55 18.21
CA THR C 239 -3.31 -29.07 17.87
C THR C 239 -4.40 -29.87 18.60
N ASP C 240 -4.19 -31.15 18.79
CA ASP C 240 -5.15 -31.92 19.54
C ASP C 240 -5.44 -31.32 20.93
N CYS C 241 -4.38 -30.87 21.62
CA CYS C 241 -4.50 -30.48 23.01
C CYS C 241 -5.24 -29.20 22.99
N GLU C 242 -5.14 -28.53 21.86
CA GLU C 242 -5.56 -27.16 21.69
C GLU C 242 -7.06 -27.23 21.53
N ASN C 243 -7.49 -28.14 20.67
CA ASN C 243 -8.90 -28.40 20.56
C ASN C 243 -9.51 -28.91 21.87
N LEU C 244 -8.75 -29.68 22.68
CA LEU C 244 -9.37 -30.22 23.88
C LEU C 244 -9.63 -28.98 24.68
N LEU C 245 -8.64 -28.10 24.72
CA LEU C 245 -8.84 -26.98 25.59
C LEU C 245 -10.10 -26.11 25.14
N LYS C 246 -10.44 -26.14 23.85
CA LYS C 246 -11.58 -25.37 23.39
C LYS C 246 -12.93 -25.94 23.92
N LYS C 247 -12.96 -27.13 24.51
CA LYS C 247 -14.24 -27.66 24.90
C LYS C 247 -14.26 -27.57 26.41
N LEU C 248 -13.13 -27.06 26.97
CA LEU C 248 -12.96 -26.92 28.40
C LEU C 248 -12.98 -25.49 28.87
N LEU C 249 -12.03 -24.73 28.35
CA LEU C 249 -11.98 -23.30 28.67
C LEU C 249 -13.10 -22.45 27.94
N VAL C 250 -14.36 -22.75 28.19
CA VAL C 250 -15.39 -21.89 27.58
C VAL C 250 -16.15 -21.05 28.57
N LEU C 251 -16.38 -19.79 28.27
CA LEU C 251 -17.05 -18.93 29.32
C LEU C 251 -18.48 -19.35 29.64
N ASN C 252 -19.24 -19.71 28.64
CA ASN C 252 -20.59 -20.11 28.95
C ASN C 252 -20.69 -21.58 29.45
N PRO C 253 -21.09 -21.77 30.70
CA PRO C 253 -21.09 -23.17 31.25
C PRO C 253 -21.88 -24.20 30.41
N ILE C 254 -22.94 -23.79 29.75
CA ILE C 254 -23.68 -24.83 29.04
C ILE C 254 -23.05 -25.21 27.70
N LYS C 255 -22.11 -24.39 27.22
CA LYS C 255 -21.35 -24.79 26.02
C LYS C 255 -20.06 -25.57 26.35
N ARG C 256 -19.66 -25.74 27.64
CA ARG C 256 -18.46 -26.59 27.96
C ARG C 256 -18.82 -28.06 27.56
N GLY C 257 -17.85 -28.90 27.22
CA GLY C 257 -18.11 -30.36 27.13
C GLY C 257 -18.61 -30.94 28.47
N SER C 258 -19.26 -32.07 28.40
CA SER C 258 -19.50 -32.79 29.63
C SER C 258 -18.28 -33.69 29.84
N LEU C 259 -18.08 -34.06 31.08
CA LEU C 259 -17.11 -35.10 31.41
C LEU C 259 -17.16 -36.27 30.55
N GLU C 260 -18.32 -36.70 30.08
CA GLU C 260 -18.32 -38.02 29.37
C GLU C 260 -17.82 -37.83 27.93
N GLN C 261 -18.17 -36.69 27.33
CA GLN C 261 -17.56 -36.12 26.08
C GLN C 261 -16.02 -35.89 26.07
N ILE C 262 -15.53 -35.09 27.02
CA ILE C 262 -14.12 -34.92 27.28
C ILE C 262 -13.57 -36.30 27.23
N MET C 263 -14.13 -37.26 27.92
CA MET C 263 -13.55 -38.60 27.85
C MET C 263 -13.31 -39.18 26.48
N LYS C 264 -14.11 -38.77 25.48
CA LYS C 264 -13.91 -39.32 24.14
C LYS C 264 -13.14 -38.32 23.32
N ASP C 265 -12.59 -37.29 23.93
CA ASP C 265 -11.87 -36.34 23.12
C ASP C 265 -10.65 -37.00 22.35
N ARG C 266 -10.25 -36.42 21.23
CA ARG C 266 -9.16 -37.02 20.48
C ARG C 266 -7.88 -37.08 21.30
N TRP C 267 -7.49 -35.94 21.80
CA TRP C 267 -6.31 -35.84 22.55
C TRP C 267 -6.35 -36.73 23.77
N MET C 268 -7.48 -36.82 24.45
CA MET C 268 -7.53 -37.63 25.65
C MET C 268 -7.07 -39.09 25.30
N ASN C 269 -7.21 -39.50 24.04
CA ASN C 269 -7.13 -40.92 23.70
C ASN C 269 -5.98 -41.29 22.75
N VAL C 270 -5.16 -40.32 22.31
CA VAL C 270 -3.94 -40.64 21.60
C VAL C 270 -3.18 -41.70 22.41
N GLY C 271 -2.74 -42.79 21.77
CA GLY C 271 -2.23 -43.94 22.49
C GLY C 271 -3.30 -44.84 23.14
N HIS C 272 -4.58 -44.55 23.04
CA HIS C 272 -5.50 -45.43 23.74
C HIS C 272 -6.68 -45.75 22.82
N GLU C 273 -6.36 -46.13 21.57
CA GLU C 273 -7.42 -46.05 20.55
C GLU C 273 -8.56 -47.06 20.67
N GLU C 274 -8.30 -48.22 21.32
CA GLU C 274 -9.36 -48.98 22.07
C GLU C 274 -9.05 -49.31 23.57
N GLU C 275 -8.54 -48.35 24.30
CA GLU C 275 -8.76 -48.30 25.74
C GLU C 275 -9.11 -46.81 25.86
N GLU C 276 -10.24 -46.48 25.23
CA GLU C 276 -10.71 -45.12 25.06
C GLU C 276 -11.39 -44.76 26.36
N LEU C 277 -10.96 -43.69 26.99
CA LEU C 277 -11.42 -43.38 28.30
C LEU C 277 -12.94 -43.43 28.43
N LYS C 278 -13.41 -44.16 29.45
CA LYS C 278 -14.85 -44.29 29.80
C LYS C 278 -15.10 -44.21 31.29
N PRO C 279 -16.31 -43.89 31.67
CA PRO C 279 -16.55 -43.74 33.12
C PRO C 279 -16.08 -44.96 33.93
N TYR C 280 -15.38 -44.78 35.03
CA TYR C 280 -14.89 -45.94 35.79
C TYR C 280 -16.00 -46.87 36.43
N THR C 281 -15.84 -48.16 36.34
CA THR C 281 -16.79 -49.02 37.07
C THR C 281 -15.98 -49.74 38.20
N GLU C 282 -16.50 -49.87 39.39
CA GLU C 282 -15.78 -50.45 40.47
C GLU C 282 -15.65 -51.83 40.16
N PRO C 283 -14.45 -52.39 40.24
CA PRO C 283 -14.36 -53.86 40.00
C PRO C 283 -15.16 -54.56 41.10
N ASP C 284 -15.70 -55.68 40.78
CA ASP C 284 -16.29 -56.54 41.78
C ASP C 284 -15.38 -56.77 43.01
N PRO C 285 -15.96 -56.77 44.18
CA PRO C 285 -15.20 -56.82 45.45
C PRO C 285 -14.51 -58.20 45.60
N ASP C 286 -13.29 -58.25 46.08
CA ASP C 286 -12.60 -59.52 46.20
C ASP C 286 -12.41 -59.79 47.68
N PHE C 287 -13.46 -60.24 48.32
CA PHE C 287 -13.37 -60.55 49.74
C PHE C 287 -12.78 -61.90 50.10
N ASN C 288 -12.50 -62.76 49.16
CA ASN C 288 -12.04 -64.09 49.54
C ASN C 288 -10.68 -64.36 48.95
N ASP C 289 -9.73 -63.45 49.07
CA ASP C 289 -8.41 -63.76 48.54
C ASP C 289 -7.73 -64.72 49.52
N THR C 290 -7.59 -66.00 49.15
CA THR C 290 -7.12 -66.91 50.13
C THR C 290 -5.71 -66.59 50.62
N LYS C 291 -4.83 -66.02 49.80
CA LYS C 291 -3.54 -65.49 50.35
C LYS C 291 -3.72 -64.57 51.55
N ARG C 292 -4.46 -63.48 51.35
CA ARG C 292 -4.64 -62.56 52.46
C ARG C 292 -5.37 -63.20 53.65
N ILE C 293 -6.29 -64.12 53.34
CA ILE C 293 -7.04 -64.75 54.39
C ILE C 293 -6.11 -65.67 55.17
N ASP C 294 -5.22 -66.37 54.51
CA ASP C 294 -4.35 -67.30 55.19
C ASP C 294 -3.38 -66.53 56.05
N ILE C 295 -2.87 -65.40 55.54
CA ILE C 295 -1.93 -64.61 56.27
C ILE C 295 -2.71 -64.16 57.47
N MET C 296 -3.96 -63.75 57.31
CA MET C 296 -4.71 -63.16 58.49
C MET C 296 -5.05 -64.17 59.58
N VAL C 297 -5.33 -65.38 59.12
CA VAL C 297 -5.70 -66.38 60.06
C VAL C 297 -4.40 -66.66 60.83
N THR C 298 -3.31 -66.85 60.09
CA THR C 298 -2.05 -66.93 60.83
C THR C 298 -1.91 -65.78 61.80
N MET C 299 -2.32 -64.54 61.48
CA MET C 299 -2.06 -63.42 62.38
C MET C 299 -2.95 -63.62 63.52
N GLY C 300 -3.85 -64.60 63.44
CA GLY C 300 -4.80 -64.77 64.50
C GLY C 300 -6.15 -64.20 64.19
N PHE C 301 -6.44 -63.87 62.94
CA PHE C 301 -7.82 -63.49 62.75
C PHE C 301 -8.57 -64.79 62.43
N ALA C 302 -9.88 -64.75 62.65
CA ALA C 302 -10.79 -65.82 62.34
C ALA C 302 -11.36 -65.59 60.91
N ARG C 303 -11.58 -66.65 60.15
CA ARG C 303 -12.09 -66.56 58.79
C ARG C 303 -13.38 -65.84 58.75
N ASP C 304 -14.09 -65.98 59.87
CA ASP C 304 -15.37 -65.36 60.01
C ASP C 304 -15.36 -63.92 60.38
N GLU C 305 -14.56 -63.52 61.40
CA GLU C 305 -14.51 -62.07 61.67
C GLU C 305 -14.13 -61.31 60.39
N ILE C 306 -13.19 -61.88 59.59
CA ILE C 306 -12.72 -61.26 58.41
C ILE C 306 -13.87 -61.06 57.44
N ASN C 307 -14.61 -62.11 57.17
CA ASN C 307 -15.64 -62.02 56.13
C ASN C 307 -16.70 -61.05 56.61
N ASP C 308 -17.07 -61.17 57.87
CA ASP C 308 -18.00 -60.25 58.43
C ASP C 308 -17.66 -58.80 58.15
N ALA C 309 -16.40 -58.49 58.44
CA ALA C 309 -15.94 -57.17 58.49
C ALA C 309 -15.95 -56.62 57.11
N LEU C 310 -15.79 -57.45 56.10
CA LEU C 310 -15.68 -56.97 54.75
C LEU C 310 -17.10 -56.73 54.16
N ILE C 311 -18.02 -57.70 54.32
CA ILE C 311 -19.31 -57.68 53.61
C ILE C 311 -20.03 -56.53 54.26
N ASN C 312 -19.78 -56.35 55.55
CA ASN C 312 -20.43 -55.28 56.25
C ASN C 312 -19.67 -54.00 56.23
N GLN C 313 -18.60 -53.95 55.42
CA GLN C 313 -17.76 -52.75 55.30
C GLN C 313 -17.47 -52.07 56.63
N LYS C 314 -16.91 -52.79 57.60
CA LYS C 314 -16.88 -52.24 58.96
C LYS C 314 -15.83 -51.18 59.14
N TYR C 315 -14.79 -51.20 58.32
CA TYR C 315 -13.77 -50.21 58.50
C TYR C 315 -13.01 -50.27 59.82
N ASP C 316 -12.90 -51.46 60.37
CA ASP C 316 -12.26 -51.75 61.68
C ASP C 316 -10.78 -52.29 61.57
N GLU C 317 -10.20 -52.77 62.67
CA GLU C 317 -8.81 -53.32 62.70
C GLU C 317 -8.66 -54.45 61.64
N VAL C 318 -9.73 -55.22 61.41
CA VAL C 318 -9.69 -56.41 60.52
C VAL C 318 -9.84 -56.09 59.03
N MET C 319 -10.86 -55.33 58.68
CA MET C 319 -11.03 -54.93 57.32
C MET C 319 -9.75 -54.18 56.84
N ALA C 320 -9.17 -53.36 57.71
CA ALA C 320 -8.09 -52.56 57.24
C ALA C 320 -6.88 -53.45 56.96
N THR C 321 -6.74 -54.56 57.69
CA THR C 321 -5.59 -55.40 57.49
C THR C 321 -5.77 -56.11 56.21
N TYR C 322 -6.99 -56.55 55.97
CA TYR C 322 -7.26 -57.13 54.62
C TYR C 322 -6.97 -56.09 53.53
N ILE C 323 -7.28 -54.81 53.74
CA ILE C 323 -7.01 -53.94 52.61
C ILE C 323 -5.53 -53.74 52.52
N LEU C 324 -4.92 -53.50 53.67
CA LEU C 324 -3.50 -53.09 53.56
C LEU C 324 -2.66 -54.21 52.97
N LEU C 325 -3.09 -55.47 53.22
CA LEU C 325 -2.32 -56.61 52.71
C LEU C 325 -2.24 -56.58 51.21
N GLY C 326 -3.20 -55.90 50.60
CA GLY C 326 -3.40 -55.96 49.17
C GLY C 326 -2.78 -54.80 48.49
N ARG C 327 -2.22 -53.84 49.20
CA ARG C 327 -1.47 -52.82 48.48
C ARG C 327 0.08 -52.86 48.67
N LYS C 328 0.84 -52.37 47.69
CA LYS C 328 2.31 -52.15 47.89
C LYS C 328 2.61 -51.22 49.05
N GLN D 11 22.73 6.18 34.40
CA GLN D 11 21.80 5.95 35.59
C GLN D 11 21.15 7.27 36.10
N PRO D 12 19.82 7.27 36.33
CA PRO D 12 19.18 8.54 36.84
C PRO D 12 19.35 8.82 38.38
N HIS D 13 19.73 10.06 38.67
CA HIS D 13 20.05 10.50 39.99
C HIS D 13 18.91 11.44 40.41
N ILE D 14 18.42 11.35 41.64
CA ILE D 14 17.79 12.53 42.25
C ILE D 14 18.60 12.88 43.47
N GLY D 15 18.94 14.14 43.63
CA GLY D 15 19.86 14.52 44.67
C GLY D 15 21.06 13.57 44.86
N ASN D 16 21.30 13.12 46.07
CA ASN D 16 22.41 12.26 46.26
C ASN D 16 22.00 10.79 46.09
N TYR D 17 20.98 10.48 45.29
CA TYR D 17 20.45 9.06 45.20
C TYR D 17 20.37 8.54 43.78
N ARG D 18 20.85 7.31 43.58
CA ARG D 18 20.88 6.78 42.26
C ARG D 18 19.69 5.84 42.05
N LEU D 19 18.70 6.29 41.31
CA LEU D 19 17.47 5.49 41.17
C LEU D 19 17.67 4.14 40.47
N GLN D 20 17.07 3.10 41.04
CA GLN D 20 17.15 1.72 40.61
C GLN D 20 15.73 1.15 40.29
N LYS D 21 15.51 -0.13 40.57
CA LYS D 21 14.26 -0.83 40.27
C LYS D 21 13.09 0.04 40.71
N THR D 22 11.98 0.01 40.00
CA THR D 22 10.72 0.52 40.55
C THR D 22 10.16 -0.60 41.39
N ILE D 23 9.71 -0.33 42.58
CA ILE D 23 9.17 -1.43 43.33
C ILE D 23 7.73 -1.17 43.61
N GLY D 24 7.19 -0.09 43.04
CA GLY D 24 5.83 0.20 43.35
C GLY D 24 5.31 1.29 42.49
N LYS D 25 4.07 1.09 42.04
CA LYS D 25 3.42 2.08 41.20
C LYS D 25 1.96 2.11 41.64
N GLY D 26 1.47 3.31 41.91
CA GLY D 26 0.03 3.58 42.05
C GLY D 26 -0.27 4.85 41.24
N ASN D 27 -1.44 5.44 41.45
CA ASN D 27 -1.89 6.56 40.59
C ASN D 27 -1.33 7.93 40.87
N PHE D 28 -0.58 8.06 41.94
CA PHE D 28 -0.24 9.39 42.41
C PHE D 28 1.18 9.40 42.98
N ALA D 29 1.71 8.20 43.25
CA ALA D 29 3.06 8.01 43.76
C ALA D 29 3.57 6.81 43.07
N LYS D 30 4.84 6.85 42.63
CA LYS D 30 5.65 5.64 42.46
C LYS D 30 6.78 5.60 43.49
N VAL D 31 7.13 4.34 43.81
CA VAL D 31 8.23 3.99 44.65
C VAL D 31 9.34 3.28 43.86
N LYS D 32 10.51 3.91 43.86
CA LYS D 32 11.74 3.29 43.33
C LYS D 32 12.72 2.94 44.45
N LEU D 33 13.33 1.76 44.35
CA LEU D 33 14.61 1.48 45.05
C LEU D 33 15.75 2.47 44.63
N ALA D 34 16.77 2.65 45.44
CA ALA D 34 17.84 3.66 45.17
C ALA D 34 18.98 3.46 46.13
N ARG D 35 20.15 3.99 45.75
CA ARG D 35 21.34 3.95 46.59
C ARG D 35 21.78 5.32 46.83
N HIS D 36 22.15 5.53 48.08
CA HIS D 36 22.63 6.83 48.48
C HIS D 36 24.07 6.94 48.13
N VAL D 37 24.42 7.83 47.22
CA VAL D 37 25.79 7.75 46.63
C VAL D 37 26.88 8.11 47.61
N LEU D 38 26.55 8.80 48.69
CA LEU D 38 27.60 9.21 49.61
C LEU D 38 27.95 8.12 50.56
N THR D 39 26.99 7.26 50.87
CA THR D 39 27.20 6.26 51.94
C THR D 39 26.88 4.87 51.52
N GLY D 40 26.30 4.65 50.34
CA GLY D 40 26.09 3.33 49.76
C GLY D 40 24.86 2.66 50.30
N ARG D 41 24.12 3.33 51.17
CA ARG D 41 22.88 2.73 51.76
C ARG D 41 21.73 2.60 50.76
N GLU D 42 21.02 1.47 50.82
CA GLU D 42 19.82 1.29 50.07
C GLU D 42 18.73 2.09 50.74
N VAL D 43 18.02 2.92 49.97
CA VAL D 43 16.81 3.56 50.42
C VAL D 43 15.59 3.30 49.52
N ALA D 44 14.45 3.95 49.79
CA ALA D 44 13.18 3.70 49.07
C ALA D 44 12.84 5.09 48.71
N VAL D 45 12.53 5.39 47.46
CA VAL D 45 12.23 6.74 47.13
C VAL D 45 10.83 6.72 46.56
N LYS D 46 10.03 7.62 47.11
CA LYS D 46 8.62 7.72 46.79
C LYS D 46 8.51 9.03 46.10
N ILE D 47 8.05 8.90 44.86
CA ILE D 47 8.06 9.96 43.88
C ILE D 47 6.62 10.37 43.67
N ILE D 48 6.32 11.61 44.04
CA ILE D 48 4.99 12.13 43.92
C ILE D 48 5.02 13.38 43.03
N ASP D 49 4.46 13.23 41.82
CA ASP D 49 4.30 14.36 40.90
C ASP D 49 3.30 15.40 41.48
N LYS D 50 3.76 16.63 41.67
CA LYS D 50 2.97 17.67 42.36
C LYS D 50 1.97 18.39 41.42
N THR D 51 2.27 18.31 40.12
CA THR D 51 1.50 19.02 39.08
C THR D 51 0.16 18.34 38.73
N GLN D 52 0.00 17.04 38.98
CA GLN D 52 -1.37 16.41 38.87
C GLN D 52 -2.30 16.56 40.15
N LEU D 53 -2.06 17.61 40.96
CA LEU D 53 -2.71 17.70 42.26
C LEU D 53 -3.29 19.06 42.56
N ASN D 54 -4.54 19.02 43.01
CA ASN D 54 -5.29 20.23 43.30
C ASN D 54 -4.82 20.75 44.65
N PRO D 55 -5.40 21.83 45.20
CA PRO D 55 -4.76 22.15 46.48
C PRO D 55 -5.21 21.33 47.72
N THR D 56 -6.28 20.51 47.61
CA THR D 56 -6.64 19.69 48.79
C THR D 56 -5.78 18.41 48.81
N SER D 57 -5.51 17.87 47.63
CA SER D 57 -4.49 16.86 47.57
C SER D 57 -3.13 17.35 48.14
N LEU D 58 -2.69 18.53 47.73
CA LEU D 58 -1.48 19.12 48.28
C LEU D 58 -1.43 19.19 49.79
N GLN D 59 -2.43 19.81 50.41
CA GLN D 59 -2.29 19.98 51.86
C GLN D 59 -2.19 18.64 52.60
N LYS D 60 -3.02 17.67 52.19
CA LYS D 60 -2.95 16.31 52.65
C LYS D 60 -1.61 15.60 52.39
N LEU D 61 -1.00 15.81 51.22
CA LEU D 61 0.28 15.26 51.03
C LEU D 61 1.24 15.93 51.99
N PHE D 62 1.14 17.24 52.17
CA PHE D 62 2.03 17.86 53.13
C PHE D 62 1.69 17.47 54.57
N ARG D 63 0.49 16.96 54.78
CA ARG D 63 0.11 16.56 56.11
C ARG D 63 0.90 15.29 56.47
N GLU D 64 0.72 14.26 55.62
CA GLU D 64 1.35 12.99 55.74
C GLU D 64 2.89 13.09 55.92
N VAL D 65 3.55 13.95 55.15
CA VAL D 65 5.00 14.15 55.26
C VAL D 65 5.37 14.61 56.63
N ARG D 66 4.60 15.54 57.17
CA ARG D 66 4.95 16.26 58.39
C ARG D 66 4.85 15.27 59.55
N ILE D 67 3.98 14.26 59.39
CA ILE D 67 3.85 13.18 60.36
C ILE D 67 5.06 12.23 60.28
N MET D 68 5.37 11.82 59.05
CA MET D 68 6.44 10.95 58.71
C MET D 68 7.70 11.49 59.31
N LYS D 69 7.89 12.80 59.21
CA LYS D 69 9.03 13.49 59.79
C LYS D 69 9.14 13.26 61.29
N ILE D 70 8.08 12.86 61.97
CA ILE D 70 8.23 12.67 63.42
C ILE D 70 8.21 11.21 63.90
N LEU D 71 8.06 10.27 63.00
CA LEU D 71 8.07 8.90 63.47
C LEU D 71 9.51 8.27 63.56
N ASN D 72 9.93 8.04 64.78
CA ASN D 72 11.23 7.55 65.06
C ASN D 72 11.15 6.32 65.94
N HIS D 73 10.77 5.24 65.34
CA HIS D 73 10.52 4.08 66.11
C HIS D 73 11.15 2.94 65.36
N PRO D 74 11.77 2.01 66.05
CA PRO D 74 12.50 0.96 65.30
C PRO D 74 11.56 0.05 64.47
N ASN D 75 10.27 0.33 64.49
CA ASN D 75 9.37 -0.56 63.76
C ASN D 75 8.40 0.27 62.96
N ILE D 76 8.82 1.47 62.61
CA ILE D 76 8.08 2.28 61.73
C ILE D 76 9.01 2.81 60.64
N VAL D 77 8.63 2.75 59.34
CA VAL D 77 9.55 3.16 58.34
C VAL D 77 10.07 4.54 58.66
N LYS D 78 11.39 4.72 58.67
CA LYS D 78 11.95 6.03 58.99
C LYS D 78 12.06 6.87 57.71
N LEU D 79 11.89 8.18 57.78
CA LEU D 79 12.07 9.03 56.68
C LEU D 79 13.48 9.57 56.80
N PHE D 80 14.21 9.65 55.66
CA PHE D 80 15.60 10.08 55.66
C PHE D 80 15.82 11.40 54.96
N GLU D 81 15.11 11.62 53.86
CA GLU D 81 15.25 12.91 53.24
C GLU D 81 14.04 13.30 52.41
N VAL D 82 13.88 14.60 52.25
CA VAL D 82 12.84 15.22 51.46
C VAL D 82 13.55 16.09 50.45
N ILE D 83 13.34 15.77 49.18
CA ILE D 83 13.82 16.60 48.05
C ILE D 83 12.61 17.11 47.31
N GLU D 84 12.49 18.42 47.15
CA GLU D 84 11.34 18.98 46.43
C GLU D 84 11.77 19.93 45.36
N THR D 85 11.31 19.64 44.14
CA THR D 85 11.21 20.63 43.06
C THR D 85 9.79 21.25 43.08
N GLU D 86 9.66 22.46 42.49
CA GLU D 86 8.38 22.98 41.95
C GLU D 86 7.36 21.88 41.64
N LYS D 87 7.71 20.89 40.80
CA LYS D 87 6.74 19.83 40.35
C LYS D 87 6.90 18.36 40.86
N THR D 88 7.96 18.08 41.61
CA THR D 88 8.07 16.75 42.23
C THR D 88 8.49 16.82 43.72
N LEU D 89 7.83 16.02 44.54
CA LEU D 89 8.20 15.86 45.89
C LEU D 89 8.90 14.53 45.93
N TYR D 90 10.06 14.50 46.60
CA TYR D 90 10.79 13.23 46.74
C TYR D 90 11.01 12.88 48.22
N LEU D 91 10.45 11.73 48.62
CA LEU D 91 10.56 11.25 49.97
C LEU D 91 11.43 10.01 50.04
N VAL D 92 12.59 10.15 50.70
CA VAL D 92 13.56 9.09 50.80
C VAL D 92 13.37 8.46 52.15
N MET D 93 13.11 7.17 52.18
CA MET D 93 12.71 6.58 53.41
C MET D 93 13.26 5.17 53.50
N GLU D 94 13.29 4.60 54.69
CA GLU D 94 13.86 3.31 54.96
C GLU D 94 13.17 2.40 54.00
N TYR D 95 13.64 1.19 53.79
CA TYR D 95 13.21 0.29 52.77
C TYR D 95 13.02 -1.04 53.41
N ALA D 96 11.84 -1.59 53.31
CA ALA D 96 11.62 -2.91 53.88
C ALA D 96 11.70 -4.07 52.82
N SER D 97 12.88 -4.63 52.63
CA SER D 97 13.03 -5.61 51.59
C SER D 97 12.24 -6.85 51.86
N GLY D 98 11.62 -7.02 53.00
CA GLY D 98 10.90 -8.24 53.24
C GLY D 98 9.44 -8.28 52.80
N GLY D 99 8.90 -7.21 52.23
CA GLY D 99 7.50 -7.33 51.74
C GLY D 99 6.39 -7.28 52.82
N GLU D 100 5.23 -7.84 52.58
CA GLU D 100 4.13 -7.61 53.51
C GLU D 100 3.91 -8.76 54.44
N VAL D 101 3.44 -8.48 55.64
CA VAL D 101 3.20 -9.58 56.54
C VAL D 101 2.19 -10.57 55.94
N PHE D 102 1.03 -10.10 55.50
CA PHE D 102 0.14 -11.07 54.88
C PHE D 102 0.84 -11.78 53.73
N ASP D 103 1.57 -11.06 52.90
CA ASP D 103 2.25 -11.79 51.82
C ASP D 103 3.27 -12.84 52.33
N TYR D 104 3.90 -12.59 53.48
CA TYR D 104 4.83 -13.58 54.00
C TYR D 104 4.06 -14.75 54.65
N LEU D 105 2.84 -14.47 55.10
CA LEU D 105 1.99 -15.56 55.61
C LEU D 105 1.52 -16.50 54.50
N VAL D 106 0.91 -15.88 53.46
CA VAL D 106 0.52 -16.54 52.21
C VAL D 106 1.73 -17.34 51.74
N ALA D 107 2.87 -16.70 51.51
CA ALA D 107 4.08 -17.48 51.21
C ALA D 107 4.55 -18.61 52.14
N HIS D 108 4.51 -18.46 53.49
CA HIS D 108 5.16 -19.48 54.36
C HIS D 108 4.26 -20.21 55.31
N GLY D 109 3.00 -19.81 55.34
CA GLY D 109 2.05 -20.41 56.29
C GLY D 109 2.23 -19.85 57.70
N ARG D 110 1.53 -20.44 58.66
CA ARG D 110 1.38 -19.86 59.96
C ARG D 110 2.76 -19.72 60.62
N MET D 111 2.82 -18.91 61.67
CA MET D 111 4.03 -18.71 62.37
C MET D 111 4.03 -19.52 63.66
N LYS D 112 5.19 -20.01 64.05
CA LYS D 112 5.26 -20.62 65.37
C LYS D 112 4.88 -19.53 66.43
N GLU D 113 4.12 -19.84 67.47
CA GLU D 113 3.79 -18.76 68.46
C GLU D 113 5.00 -17.88 68.87
N LYS D 114 6.17 -18.49 69.07
CA LYS D 114 7.35 -17.81 69.48
C LYS D 114 7.66 -16.76 68.45
N GLU D 115 7.42 -17.04 67.16
CA GLU D 115 7.79 -16.03 66.14
C GLU D 115 6.68 -14.96 65.96
N ALA D 116 5.45 -15.38 66.10
CA ALA D 116 4.30 -14.52 66.04
C ALA D 116 4.43 -13.46 67.14
N ARG D 117 4.74 -13.96 68.37
CA ARG D 117 5.03 -13.10 69.52
C ARG D 117 6.02 -12.01 69.20
N ALA D 118 7.09 -12.35 68.51
CA ALA D 118 8.17 -11.35 68.34
C ALA D 118 7.65 -10.24 67.45
N LYS D 119 6.83 -10.65 66.48
CA LYS D 119 6.32 -9.73 65.49
C LYS D 119 5.20 -8.94 66.17
N PHE D 120 4.29 -9.62 66.83
CA PHE D 120 3.25 -8.92 67.48
C PHE D 120 3.75 -7.87 68.51
N ARG D 121 4.90 -8.15 69.15
CA ARG D 121 5.44 -7.20 70.16
C ARG D 121 5.74 -5.89 69.48
N GLN D 122 6.45 -6.00 68.34
CA GLN D 122 6.78 -4.87 67.45
C GLN D 122 5.58 -4.12 66.89
N ILE D 123 4.56 -4.87 66.49
CA ILE D 123 3.40 -4.23 65.93
C ILE D 123 2.70 -3.45 66.98
N VAL D 124 2.52 -4.07 68.13
CA VAL D 124 1.76 -3.37 69.11
C VAL D 124 2.54 -2.13 69.56
N SER D 125 3.86 -2.26 69.68
CA SER D 125 4.62 -1.16 70.23
C SER D 125 4.56 0.00 69.26
N ALA D 126 4.77 -0.28 67.97
CA ALA D 126 4.65 0.71 66.92
C ALA D 126 3.21 1.39 66.89
N VAL D 127 2.16 0.59 66.96
CA VAL D 127 0.86 1.14 66.90
C VAL D 127 0.59 2.10 68.10
N GLN D 128 0.89 1.65 69.32
CA GLN D 128 0.73 2.47 70.50
C GLN D 128 1.59 3.70 70.28
N TYR D 129 2.82 3.52 69.79
CA TYR D 129 3.68 4.69 69.68
C TYR D 129 3.09 5.80 68.77
N CYS D 130 2.56 5.42 67.59
CA CYS D 130 1.90 6.36 66.65
C CYS D 130 0.83 7.22 67.38
N HIS D 131 -0.03 6.55 68.15
CA HIS D 131 -1.00 7.28 68.91
C HIS D 131 -0.34 8.22 69.85
N GLN D 132 0.95 8.10 70.20
CA GLN D 132 1.50 9.00 71.22
C GLN D 132 1.91 10.22 70.38
N LYS D 133 1.92 10.07 69.06
CA LYS D 133 2.67 11.05 68.24
C LYS D 133 1.87 11.98 67.40
N TYR D 134 0.78 11.46 66.81
CA TYR D 134 -0.25 12.18 66.04
C TYR D 134 -1.62 11.46 66.19
N ILE D 135 -2.69 12.17 65.80
CA ILE D 135 -4.06 11.65 65.84
C ILE D 135 -4.17 10.83 64.59
N VAL D 136 -4.55 9.58 64.78
CA VAL D 136 -4.55 8.64 63.68
C VAL D 136 -5.94 8.74 63.14
N HIS D 137 -6.15 9.10 61.91
CA HIS D 137 -7.59 9.09 61.51
C HIS D 137 -8.11 7.83 60.87
N ARG D 138 -7.31 6.77 60.76
CA ARG D 138 -7.87 5.54 60.19
C ARG D 138 -7.15 4.24 60.49
N ASP D 139 -7.89 3.16 60.41
CA ASP D 139 -7.45 1.88 60.94
C ASP D 139 -6.33 1.30 60.15
N LEU D 140 -5.41 0.69 60.87
CA LEU D 140 -4.53 -0.36 60.41
C LEU D 140 -5.08 -1.10 59.20
N LYS D 141 -4.23 -1.20 58.21
CA LYS D 141 -4.44 -1.85 56.98
C LYS D 141 -3.25 -2.84 56.86
N ALA D 142 -3.57 -4.06 56.42
CA ALA D 142 -2.60 -5.16 56.26
C ALA D 142 -1.43 -4.84 55.38
N GLU D 143 -1.57 -3.81 54.55
CA GLU D 143 -0.45 -3.37 53.76
C GLU D 143 0.39 -2.33 54.48
N ASN D 144 0.04 -2.04 55.74
CA ASN D 144 0.89 -1.20 56.61
C ASN D 144 2.03 -2.03 57.22
N LEU D 145 1.80 -3.33 57.33
CA LEU D 145 2.72 -4.21 57.98
C LEU D 145 3.75 -4.83 57.02
N LEU D 146 4.95 -4.23 56.98
CA LEU D 146 6.05 -4.70 56.17
C LEU D 146 7.06 -5.49 57.01
N LEU D 147 7.94 -6.29 56.39
CA LEU D 147 9.08 -6.84 57.09
C LEU D 147 10.34 -6.34 56.47
N ASP D 148 11.37 -6.20 57.28
CA ASP D 148 12.64 -5.75 56.73
C ASP D 148 13.47 -6.99 56.42
N GLY D 149 14.64 -6.78 55.79
CA GLY D 149 15.58 -7.84 55.52
C GLY D 149 15.81 -8.83 56.65
N ASP D 150 15.70 -8.41 57.92
CA ASP D 150 15.96 -9.28 59.08
C ASP D 150 14.71 -9.76 59.71
N MET D 151 13.59 -9.59 59.00
CA MET D 151 12.29 -10.05 59.54
C MET D 151 11.69 -9.20 60.71
N ASN D 152 12.16 -7.98 60.89
CA ASN D 152 11.61 -7.08 61.84
C ASN D 152 10.43 -6.34 61.24
N ILE D 153 9.35 -6.14 62.01
CA ILE D 153 8.21 -5.38 61.51
C ILE D 153 8.55 -3.96 61.16
N LYS D 154 8.02 -3.47 60.04
CA LYS D 154 8.07 -2.05 59.77
C LYS D 154 6.68 -1.57 59.40
N ILE D 155 6.06 -0.75 60.26
CA ILE D 155 4.75 -0.15 59.92
C ILE D 155 4.98 1.01 58.95
N ALA D 156 4.32 0.95 57.82
CA ALA D 156 4.29 2.07 56.91
C ALA D 156 2.88 2.68 56.88
N ASP D 157 2.81 4.01 56.98
CA ASP D 157 1.63 4.79 56.56
C ASP D 157 0.42 4.53 57.47
N PHE D 158 0.65 4.44 58.77
CA PHE D 158 -0.46 4.07 59.63
C PHE D 158 -1.45 5.22 59.69
N GLY D 159 -2.65 4.92 59.16
CA GLY D 159 -3.80 5.83 59.15
C GLY D 159 -3.73 6.89 58.07
N PHE D 160 -2.71 6.82 57.23
CA PHE D 160 -2.59 7.74 56.11
C PHE D 160 -3.66 7.53 55.07
N SER D 161 -3.84 8.50 54.18
CA SER D 161 -4.82 8.38 53.09
C SER D 161 -4.38 7.43 51.96
N ASN D 162 -5.34 6.73 51.33
CA ASN D 162 -5.09 5.91 50.12
C ASN D 162 -4.44 6.64 49.01
N GLU D 163 -4.52 7.97 49.02
CA GLU D 163 -4.21 8.70 47.82
C GLU D 163 -2.79 8.45 47.30
N PHE D 164 -1.84 8.20 48.19
CA PHE D 164 -0.54 8.06 47.67
C PHE D 164 0.10 6.70 47.90
N THR D 165 -0.71 5.64 47.98
CA THR D 165 -0.17 4.29 48.11
C THR D 165 0.28 3.64 46.80
N VAL D 166 0.21 2.30 46.70
CA VAL D 166 0.95 1.47 45.74
C VAL D 166 0.61 -0.06 45.86
N GLY D 167 -0.18 -0.63 44.93
CA GLY D 167 -0.66 -2.06 45.02
C GLY D 167 -0.26 -2.94 46.21
N PRO D 177 -9.94 -5.80 53.34
CA PRO D 177 -10.45 -5.19 54.60
C PRO D 177 -11.23 -6.13 55.55
N PRO D 178 -10.79 -7.41 55.71
CA PRO D 178 -11.39 -8.27 56.78
C PRO D 178 -10.78 -8.07 58.19
N TYR D 179 -9.98 -6.98 58.27
CA TYR D 179 -9.28 -6.53 59.48
C TYR D 179 -10.15 -5.57 60.21
N ALA D 180 -11.32 -5.34 59.65
CA ALA D 180 -12.10 -4.19 60.01
C ALA D 180 -12.99 -4.55 61.16
N ALA D 181 -13.23 -3.58 62.02
CA ALA D 181 -13.98 -3.84 63.24
C ALA D 181 -15.48 -3.81 63.03
N PRO D 182 -16.22 -4.53 63.87
CA PRO D 182 -17.67 -4.57 63.82
C PRO D 182 -18.23 -3.16 63.70
N GLU D 183 -18.07 -2.36 64.75
CA GLU D 183 -18.64 -1.04 64.71
C GLU D 183 -18.40 -0.37 63.38
N LEU D 184 -17.33 -0.73 62.70
CA LEU D 184 -16.99 -0.04 61.43
C LEU D 184 -17.86 -0.53 60.29
N PHE D 185 -18.39 -1.74 60.46
CA PHE D 185 -19.39 -2.30 59.57
C PHE D 185 -20.79 -1.75 59.83
N GLN D 186 -20.94 -1.01 60.91
CA GLN D 186 -22.06 -0.15 61.12
C GLN D 186 -21.92 1.24 60.47
N GLY D 187 -20.83 1.51 59.77
CA GLY D 187 -20.56 2.90 59.35
C GLY D 187 -20.12 3.94 60.44
N LYS D 188 -19.89 3.54 61.71
CA LYS D 188 -19.12 4.40 62.65
C LYS D 188 -17.72 4.77 62.08
N LYS D 189 -17.29 5.99 62.32
CA LYS D 189 -16.01 6.47 61.81
C LYS D 189 -14.95 5.93 62.79
N TYR D 190 -13.70 5.81 62.31
CA TYR D 190 -12.57 5.38 63.10
C TYR D 190 -12.40 6.36 64.21
N ASP D 191 -12.41 5.87 65.43
CA ASP D 191 -12.36 6.75 66.56
C ASP D 191 -11.23 6.44 67.49
N GLY D 192 -10.19 5.74 67.01
CA GLY D 192 -9.00 5.53 67.82
C GLY D 192 -8.53 4.09 68.07
N PRO D 193 -7.68 3.91 69.07
CA PRO D 193 -7.05 2.65 69.35
C PRO D 193 -8.03 1.55 69.70
N GLU D 194 -9.17 1.86 70.33
CA GLU D 194 -10.15 0.78 70.53
C GLU D 194 -10.36 0.04 69.17
N VAL D 195 -10.29 0.74 68.05
CA VAL D 195 -10.55 0.06 66.80
C VAL D 195 -9.33 -0.82 66.42
N ASP D 196 -8.13 -0.21 66.47
CA ASP D 196 -6.85 -0.93 66.28
C ASP D 196 -6.83 -2.22 67.02
N VAL D 197 -7.45 -2.24 68.20
CA VAL D 197 -7.32 -3.45 69.04
C VAL D 197 -7.98 -4.68 68.36
N TRP D 198 -9.10 -4.40 67.71
CA TRP D 198 -9.79 -5.41 67.00
C TRP D 198 -8.87 -5.81 65.84
N SER D 199 -8.25 -4.86 65.13
CA SER D 199 -7.48 -5.22 63.91
C SER D 199 -6.30 -6.07 64.29
N LEU D 200 -5.76 -5.74 65.48
CA LEU D 200 -4.65 -6.38 66.11
C LEU D 200 -5.04 -7.82 66.46
N GLY D 201 -6.29 -8.05 66.87
CA GLY D 201 -6.75 -9.42 67.09
C GLY D 201 -6.82 -10.20 65.76
N VAL D 202 -7.38 -9.60 64.72
CA VAL D 202 -7.36 -10.28 63.43
C VAL D 202 -5.90 -10.59 63.03
N ILE D 203 -4.94 -9.69 63.27
CA ILE D 203 -3.58 -9.96 62.86
C ILE D 203 -2.99 -11.13 63.65
N LEU D 204 -3.23 -11.12 64.96
CA LEU D 204 -2.71 -12.18 65.81
C LEU D 204 -3.17 -13.51 65.22
N TYR D 205 -4.47 -13.68 65.15
CA TYR D 205 -5.05 -14.90 64.69
C TYR D 205 -4.45 -15.33 63.36
N THR D 206 -4.03 -14.36 62.57
CA THR D 206 -3.62 -14.71 61.25
C THR D 206 -2.22 -15.23 61.38
N LEU D 207 -1.39 -14.45 62.03
CA LEU D 207 -0.04 -14.83 62.32
C LEU D 207 0.02 -16.18 62.92
N VAL D 208 -0.96 -16.58 63.72
CA VAL D 208 -0.71 -17.85 64.28
C VAL D 208 -1.52 -18.99 63.73
N SER D 209 -2.69 -18.70 63.15
CA SER D 209 -3.52 -19.77 62.63
C SER D 209 -3.12 -19.92 61.19
N GLY D 210 -2.63 -18.85 60.58
CA GLY D 210 -2.21 -18.99 59.21
C GLY D 210 -3.39 -18.66 58.31
N SER D 211 -4.58 -18.49 58.90
CA SER D 211 -5.71 -18.01 58.15
C SER D 211 -6.56 -16.92 58.89
N LEU D 212 -7.51 -16.28 58.21
CA LEU D 212 -8.23 -15.14 58.80
C LEU D 212 -9.34 -15.65 59.71
N PRO D 213 -9.66 -14.94 60.81
CA PRO D 213 -10.75 -15.42 61.65
C PRO D 213 -12.12 -15.19 61.04
N PHE D 214 -12.21 -14.26 60.10
CA PHE D 214 -13.52 -14.03 59.58
C PHE D 214 -13.51 -14.06 58.10
N ASP D 215 -14.24 -15.03 57.58
CA ASP D 215 -14.21 -15.23 56.14
C ASP D 215 -15.55 -15.02 55.47
N GLY D 216 -15.49 -14.91 54.15
CA GLY D 216 -16.66 -14.68 53.32
C GLY D 216 -16.49 -14.96 51.84
N GLN D 217 -17.52 -15.62 51.31
CA GLN D 217 -17.67 -15.74 49.87
C GLN D 217 -17.78 -14.35 49.20
N ASN D 218 -18.02 -13.32 50.03
CA ASN D 218 -18.35 -11.95 49.59
C ASN D 218 -18.56 -10.96 50.78
N LEU D 219 -18.35 -9.65 50.51
CA LEU D 219 -18.48 -8.55 51.49
C LEU D 219 -19.71 -8.62 52.39
N LYS D 220 -20.78 -9.21 51.90
CA LYS D 220 -21.95 -9.34 52.74
C LYS D 220 -21.67 -10.34 53.84
N GLU D 221 -21.03 -11.46 53.49
CA GLU D 221 -20.90 -12.60 54.43
C GLU D 221 -19.82 -12.36 55.51
N LEU D 222 -18.72 -11.74 55.07
CA LEU D 222 -17.79 -11.09 55.95
C LEU D 222 -18.56 -10.36 57.06
N ARG D 223 -19.26 -9.28 56.68
CA ARG D 223 -19.89 -8.40 57.65
C ARG D 223 -20.67 -9.20 58.65
N GLU D 224 -21.51 -10.12 58.23
CA GLU D 224 -22.31 -10.82 59.22
C GLU D 224 -21.41 -11.64 60.06
N ARG D 225 -20.41 -12.28 59.46
CA ARG D 225 -19.56 -13.15 60.27
C ARG D 225 -18.74 -12.31 61.30
N VAL D 226 -18.19 -11.18 60.82
CA VAL D 226 -17.57 -10.20 61.70
C VAL D 226 -18.56 -9.68 62.78
N LEU D 227 -19.81 -9.39 62.42
CA LEU D 227 -20.81 -8.97 63.42
C LEU D 227 -21.33 -10.10 64.36
N ARG D 228 -21.29 -11.36 63.91
CA ARG D 228 -21.55 -12.48 64.85
C ARG D 228 -20.52 -12.42 65.93
N GLY D 229 -19.27 -12.19 65.50
CA GLY D 229 -18.12 -12.08 66.41
C GLY D 229 -17.46 -13.39 66.79
N LYS D 230 -17.88 -14.50 66.18
CA LYS D 230 -17.42 -15.83 66.56
C LYS D 230 -16.22 -16.31 65.72
N TYR D 231 -15.27 -17.04 66.32
CA TYR D 231 -14.12 -17.46 65.50
C TYR D 231 -13.69 -18.86 65.89
N ARG D 232 -13.11 -19.60 65.00
CA ARG D 232 -12.81 -20.95 65.40
C ARG D 232 -11.44 -20.91 66.09
N ILE D 233 -11.26 -21.59 67.22
CA ILE D 233 -9.95 -21.57 67.89
C ILE D 233 -9.21 -22.79 67.43
N PRO D 234 -8.06 -22.60 66.79
CA PRO D 234 -7.34 -23.80 66.35
C PRO D 234 -7.06 -24.69 67.54
N PHE D 235 -7.22 -25.99 67.33
CA PHE D 235 -6.88 -26.97 68.36
C PHE D 235 -5.46 -26.69 68.76
N TYR D 236 -4.56 -26.21 67.90
CA TYR D 236 -3.13 -26.14 68.38
C TYR D 236 -2.73 -24.80 69.08
N MET D 237 -3.60 -23.79 69.01
CA MET D 237 -3.34 -22.43 69.56
C MET D 237 -3.19 -22.52 71.09
N SER D 238 -2.11 -21.98 71.66
CA SER D 238 -1.96 -22.09 73.13
C SER D 238 -3.10 -21.41 73.85
N THR D 239 -3.36 -21.86 75.07
CA THR D 239 -4.30 -21.16 75.97
C THR D 239 -4.07 -19.69 76.19
N ASP D 240 -2.82 -19.35 76.42
CA ASP D 240 -2.45 -17.98 76.57
C ASP D 240 -2.82 -17.20 75.36
N CYS D 241 -2.68 -17.81 74.16
CA CYS D 241 -2.88 -17.02 72.92
C CYS D 241 -4.35 -16.79 72.78
N GLU D 242 -5.11 -17.77 73.22
CA GLU D 242 -6.51 -17.71 73.00
C GLU D 242 -7.07 -16.66 73.95
N ASN D 243 -6.62 -16.72 75.22
CA ASN D 243 -6.85 -15.64 76.20
C ASN D 243 -6.46 -14.25 75.67
N LEU D 244 -5.35 -14.15 74.96
CA LEU D 244 -4.96 -12.87 74.41
C LEU D 244 -6.12 -12.45 73.50
N LEU D 245 -6.55 -13.38 72.61
CA LEU D 245 -7.56 -13.02 71.58
C LEU D 245 -8.92 -12.66 72.22
N LYS D 246 -9.21 -13.28 73.38
CA LYS D 246 -10.45 -12.97 74.15
C LYS D 246 -10.52 -11.46 74.53
N LYS D 247 -9.42 -10.72 74.37
CA LYS D 247 -9.35 -9.34 74.78
C LYS D 247 -9.11 -8.37 73.62
N LEU D 248 -8.97 -8.91 72.43
CA LEU D 248 -8.83 -8.15 71.22
C LEU D 248 -10.15 -8.18 70.37
N LEU D 249 -10.68 -9.38 70.14
CA LEU D 249 -11.83 -9.65 69.24
C LEU D 249 -13.02 -9.70 70.10
N VAL D 250 -13.32 -8.60 70.76
CA VAL D 250 -14.57 -8.52 71.50
C VAL D 250 -15.49 -7.51 70.82
N LEU D 251 -16.76 -7.89 70.61
CA LEU D 251 -17.62 -7.06 69.79
C LEU D 251 -17.78 -5.68 70.38
N ASN D 252 -17.93 -5.63 71.69
CA ASN D 252 -18.12 -4.32 72.29
C ASN D 252 -16.85 -3.42 72.36
N PRO D 253 -16.83 -2.36 71.57
CA PRO D 253 -15.57 -1.69 71.57
C PRO D 253 -15.06 -1.40 72.94
N ILE D 254 -15.87 -1.16 73.96
CA ILE D 254 -15.29 -0.60 75.17
C ILE D 254 -14.90 -1.73 76.10
N LYS D 255 -15.28 -2.93 75.70
CA LYS D 255 -14.87 -4.06 76.48
C LYS D 255 -13.52 -4.62 75.99
N ARG D 256 -12.98 -4.07 74.90
CA ARG D 256 -11.70 -4.46 74.41
C ARG D 256 -10.56 -4.07 75.35
N GLY D 257 -9.47 -4.81 75.43
CA GLY D 257 -8.44 -4.23 76.28
C GLY D 257 -7.82 -3.03 75.56
N SER D 258 -7.07 -2.22 76.28
CA SER D 258 -6.43 -1.07 75.67
C SER D 258 -5.05 -1.47 75.12
N LEU D 259 -4.45 -0.56 74.34
CA LEU D 259 -3.22 -0.95 73.77
C LEU D 259 -2.34 -1.23 74.99
N GLU D 260 -2.47 -0.36 76.01
CA GLU D 260 -1.50 -0.49 77.15
C GLU D 260 -1.78 -1.77 77.96
N GLN D 261 -3.02 -2.24 77.97
CA GLN D 261 -3.26 -3.51 78.64
C GLN D 261 -2.70 -4.69 77.87
N ILE D 262 -2.80 -4.66 76.56
CA ILE D 262 -2.40 -5.74 75.68
C ILE D 262 -0.94 -5.93 75.95
N MET D 263 -0.21 -4.85 76.13
CA MET D 263 1.17 -4.99 76.36
C MET D 263 1.48 -5.79 77.59
N LYS D 264 0.55 -5.89 78.53
CA LYS D 264 0.91 -6.61 79.76
C LYS D 264 0.38 -7.93 79.69
N ASP D 265 -0.05 -8.34 78.51
CA ASP D 265 -0.70 -9.66 78.41
C ASP D 265 0.31 -10.81 78.70
N ARG D 266 -0.17 -11.88 79.34
CA ARG D 266 0.60 -13.11 79.50
C ARG D 266 1.24 -13.62 78.16
N TRP D 267 0.43 -13.89 77.15
CA TRP D 267 0.98 -14.39 75.92
C TRP D 267 2.06 -13.47 75.33
N MET D 268 1.90 -12.16 75.53
CA MET D 268 2.77 -11.14 74.92
C MET D 268 4.15 -11.21 75.53
N ASN D 269 4.20 -11.56 76.81
CA ASN D 269 5.44 -11.43 77.53
C ASN D 269 6.10 -12.81 77.81
N VAL D 270 5.56 -13.90 77.26
CA VAL D 270 6.14 -15.19 77.55
C VAL D 270 7.62 -15.08 77.11
N GLY D 271 8.53 -15.41 78.03
CA GLY D 271 9.94 -15.27 77.71
C GLY D 271 10.44 -13.86 77.61
N HIS D 272 9.69 -12.87 78.09
CA HIS D 272 10.29 -11.60 78.52
C HIS D 272 9.67 -11.18 79.86
N GLU D 273 9.56 -12.11 80.80
CA GLU D 273 8.82 -11.76 82.01
C GLU D 273 9.52 -10.67 82.89
N GLU D 274 10.82 -10.38 82.68
CA GLU D 274 11.41 -9.19 83.38
C GLU D 274 11.78 -8.07 82.38
N GLU D 275 10.90 -7.91 81.41
CA GLU D 275 10.92 -6.74 80.57
C GLU D 275 9.65 -6.84 79.76
N GLU D 276 8.56 -6.75 80.48
CA GLU D 276 7.29 -6.68 79.88
C GLU D 276 7.27 -5.59 78.89
N LEU D 277 6.59 -5.83 77.78
CA LEU D 277 6.47 -4.78 76.83
C LEU D 277 5.84 -3.57 77.48
N LYS D 278 6.38 -2.43 77.13
CA LYS D 278 5.77 -1.21 77.59
C LYS D 278 5.79 -0.15 76.47
N PRO D 279 4.99 0.90 76.62
CA PRO D 279 5.04 2.00 75.60
C PRO D 279 6.47 2.40 75.26
N TYR D 280 6.70 2.70 74.02
CA TYR D 280 8.02 3.03 73.63
C TYR D 280 8.31 4.47 73.98
N THR D 281 9.55 4.71 74.31
CA THR D 281 9.88 6.03 74.64
C THR D 281 11.12 6.38 73.82
N GLU D 282 11.22 7.56 73.30
CA GLU D 282 12.18 7.67 72.21
C GLU D 282 13.44 7.96 72.89
N PRO D 283 14.57 7.41 72.41
CA PRO D 283 15.84 7.70 73.10
C PRO D 283 16.22 9.15 72.90
N ASP D 284 17.12 9.62 73.76
CA ASP D 284 17.50 11.03 73.69
C ASP D 284 18.31 11.14 72.44
N PRO D 285 18.01 12.10 71.62
CA PRO D 285 18.46 12.10 70.23
C PRO D 285 19.96 12.24 70.27
N ASP D 286 20.71 11.51 69.45
CA ASP D 286 22.17 11.68 69.49
C ASP D 286 22.77 12.36 68.28
N PHE D 287 23.08 13.63 68.37
CA PHE D 287 23.42 14.41 67.21
C PHE D 287 24.88 14.69 67.21
N ASN D 288 25.59 13.99 68.07
CA ASN D 288 27.00 14.28 68.27
C ASN D 288 27.91 13.09 68.20
N ASP D 289 27.52 12.12 67.38
CA ASP D 289 28.19 10.90 67.35
C ASP D 289 29.56 11.11 66.66
N THR D 290 30.65 10.87 67.36
CA THR D 290 31.91 11.31 66.81
C THR D 290 32.36 10.53 65.52
N LYS D 291 32.19 9.22 65.52
CA LYS D 291 32.34 8.53 64.29
C LYS D 291 31.60 9.22 63.10
N ARG D 292 30.28 9.24 63.10
CA ARG D 292 29.56 9.82 61.99
C ARG D 292 29.93 11.25 61.75
N ILE D 293 30.30 11.97 62.78
CA ILE D 293 30.63 13.35 62.59
C ILE D 293 31.93 13.44 61.93
N ASP D 294 32.94 12.69 62.41
CA ASP D 294 34.26 12.58 61.76
C ASP D 294 34.15 12.20 60.31
N ILE D 295 33.35 11.20 60.02
CA ILE D 295 33.21 10.84 58.66
C ILE D 295 32.70 12.06 57.92
N MET D 296 31.58 12.66 58.37
CA MET D 296 31.06 13.78 57.59
C MET D 296 32.04 14.98 57.43
N VAL D 297 32.84 15.18 58.42
CA VAL D 297 33.69 16.31 58.33
C VAL D 297 34.81 15.97 57.33
N THR D 298 35.28 14.74 57.34
CA THR D 298 36.20 14.28 56.33
C THR D 298 35.49 14.32 54.96
N MET D 299 34.18 14.09 54.95
CA MET D 299 33.42 14.22 53.67
C MET D 299 33.38 15.71 53.25
N GLY D 300 33.73 16.61 54.16
CA GLY D 300 33.64 17.99 53.82
C GLY D 300 32.34 18.70 54.11
N PHE D 301 31.41 18.12 54.84
CA PHE D 301 30.40 18.94 55.53
C PHE D 301 31.07 19.66 56.69
N ALA D 302 30.62 20.86 56.97
CA ALA D 302 31.17 21.60 58.15
C ALA D 302 30.46 21.13 59.43
N ARG D 303 31.09 21.27 60.58
CA ARG D 303 30.50 20.79 61.83
C ARG D 303 29.21 21.56 62.15
N ASP D 304 29.32 22.89 62.09
CA ASP D 304 28.19 23.78 62.23
C ASP D 304 27.06 23.40 61.31
N GLU D 305 27.32 23.11 60.04
CA GLU D 305 26.17 22.86 59.23
C GLU D 305 25.48 21.57 59.55
N ILE D 306 26.23 20.62 60.16
CA ILE D 306 25.70 19.28 60.36
C ILE D 306 24.77 19.47 61.51
N ASN D 307 25.21 20.29 62.44
CA ASN D 307 24.44 20.42 63.65
C ASN D 307 23.19 21.18 63.46
N ASP D 308 23.20 22.23 62.61
CA ASP D 308 21.96 22.96 62.32
C ASP D 308 21.00 22.07 61.59
N ALA D 309 21.57 21.21 60.74
CA ALA D 309 20.72 20.41 59.89
C ALA D 309 19.96 19.38 60.76
N LEU D 310 20.59 18.90 61.84
CA LEU D 310 19.91 17.96 62.75
C LEU D 310 19.04 18.64 63.80
N ILE D 311 19.51 19.72 64.40
CA ILE D 311 18.70 20.34 65.47
C ILE D 311 17.40 20.87 64.86
N ASN D 312 17.49 21.32 63.61
CA ASN D 312 16.38 21.94 62.96
C ASN D 312 15.63 20.88 62.16
N GLN D 313 15.94 19.60 62.36
CA GLN D 313 15.30 18.57 61.54
C GLN D 313 15.06 19.00 60.07
N LYS D 314 16.13 19.50 59.43
CA LYS D 314 15.99 19.93 58.04
C LYS D 314 15.62 18.85 57.03
N TYR D 315 15.92 17.58 57.33
CA TYR D 315 15.78 16.52 56.35
C TYR D 315 16.42 16.89 55.00
N ASP D 316 17.54 17.60 55.03
CA ASP D 316 18.30 17.86 53.81
C ASP D 316 19.29 16.73 53.43
N GLU D 317 20.25 17.06 52.58
CA GLU D 317 21.30 16.12 52.28
C GLU D 317 22.21 15.95 53.51
N VAL D 318 22.36 16.98 54.30
CA VAL D 318 23.21 16.79 55.48
C VAL D 318 22.63 15.80 56.51
N MET D 319 21.36 15.96 56.81
CA MET D 319 20.79 15.16 57.85
C MET D 319 20.75 13.80 57.32
N ALA D 320 20.41 13.68 56.06
CA ALA D 320 20.15 12.37 55.60
C ALA D 320 21.46 11.59 55.62
N THR D 321 22.59 12.27 55.41
CA THR D 321 23.82 11.49 55.39
C THR D 321 24.13 10.93 56.80
N TYR D 322 23.95 11.81 57.78
CA TYR D 322 24.20 11.49 59.16
C TYR D 322 23.36 10.32 59.57
N ILE D 323 22.07 10.28 59.26
CA ILE D 323 21.26 9.11 59.55
C ILE D 323 21.70 7.95 58.72
N LEU D 324 21.95 8.13 57.45
CA LEU D 324 22.34 6.93 56.70
C LEU D 324 23.65 6.27 57.24
N LEU D 325 24.57 7.09 57.79
CA LEU D 325 25.81 6.58 58.34
C LEU D 325 25.52 5.64 59.49
N GLY D 326 24.26 5.69 59.99
CA GLY D 326 23.92 5.08 61.23
C GLY D 326 23.25 3.78 60.99
N ARG D 327 23.02 3.46 59.75
CA ARG D 327 22.07 2.47 59.40
C ARG D 327 22.95 1.43 58.65
N LYS D 328 22.62 0.14 58.75
CA LYS D 328 23.34 -1.02 58.05
C LYS D 328 23.43 -0.81 56.51
N GLN E 11 -20.60 28.65 -81.74
CA GLN E 11 -19.65 29.43 -82.61
C GLN E 11 -18.60 28.54 -83.31
N PRO E 12 -17.81 27.73 -82.54
CA PRO E 12 -16.90 26.97 -83.43
C PRO E 12 -17.75 26.06 -84.30
N HIS E 13 -17.41 25.99 -85.58
CA HIS E 13 -18.08 25.11 -86.52
C HIS E 13 -16.99 24.20 -87.11
N ILE E 14 -17.38 23.11 -87.75
CA ILE E 14 -16.55 22.37 -88.71
C ILE E 14 -17.55 21.66 -89.60
N GLY E 15 -17.40 21.79 -90.91
CA GLY E 15 -18.47 21.49 -91.85
C GLY E 15 -19.81 21.98 -91.28
N ASN E 16 -20.81 21.10 -91.42
CA ASN E 16 -22.12 21.35 -90.96
C ASN E 16 -22.37 21.07 -89.50
N TYR E 17 -21.40 21.35 -88.62
CA TYR E 17 -21.58 20.95 -87.19
C TYR E 17 -21.24 22.07 -86.20
N ARG E 18 -22.18 22.44 -85.35
CA ARG E 18 -21.89 23.42 -84.35
C ARG E 18 -21.30 22.64 -83.19
N LEU E 19 -19.99 22.79 -82.98
CA LEU E 19 -19.30 22.15 -81.84
C LEU E 19 -19.86 22.62 -80.50
N GLN E 20 -20.34 21.76 -79.61
CA GLN E 20 -20.81 22.27 -78.34
C GLN E 20 -19.80 21.92 -77.22
N LYS E 21 -20.23 21.58 -76.01
CA LYS E 21 -19.19 21.16 -75.03
C LYS E 21 -18.32 19.99 -75.58
N THR E 22 -17.08 19.97 -75.11
CA THR E 22 -16.25 18.82 -75.23
C THR E 22 -16.52 17.79 -74.11
N ILE E 23 -16.51 16.53 -74.49
CA ILE E 23 -17.01 15.54 -73.61
C ILE E 23 -15.96 14.49 -73.38
N GLY E 24 -14.85 14.54 -74.13
CA GLY E 24 -13.73 13.68 -73.87
C GLY E 24 -12.48 14.22 -74.49
N LYS E 25 -11.34 13.89 -73.87
CA LYS E 25 -10.01 14.29 -74.39
C LYS E 25 -8.99 13.22 -74.09
N GLY E 26 -7.99 13.08 -74.95
CA GLY E 26 -6.95 12.04 -74.80
C GLY E 26 -5.64 12.48 -75.45
N ASN E 27 -4.65 11.63 -75.48
CA ASN E 27 -3.42 12.14 -76.05
C ASN E 27 -3.54 12.72 -77.50
N PHE E 28 -4.12 12.01 -78.45
CA PHE E 28 -4.22 12.55 -79.81
C PHE E 28 -5.65 12.92 -80.28
N ALA E 29 -6.60 13.11 -79.39
CA ALA E 29 -7.99 13.16 -79.85
C ALA E 29 -8.86 13.78 -78.76
N LYS E 30 -9.83 14.55 -79.23
CA LYS E 30 -10.74 15.33 -78.44
C LYS E 30 -12.14 14.90 -78.99
N VAL E 31 -13.11 14.72 -78.11
CA VAL E 31 -14.44 14.45 -78.54
C VAL E 31 -15.36 15.59 -78.10
N LYS E 32 -15.91 16.30 -79.08
CA LYS E 32 -16.88 17.33 -78.73
C LYS E 32 -18.23 16.86 -79.11
N LEU E 33 -19.16 17.00 -78.17
CA LEU E 33 -20.61 17.03 -78.43
C LEU E 33 -20.98 18.04 -79.55
N ALA E 34 -21.91 17.75 -80.43
CA ALA E 34 -22.19 18.76 -81.49
C ALA E 34 -23.48 18.53 -82.12
N ARG E 35 -24.04 19.59 -82.70
CA ARG E 35 -25.34 19.53 -83.37
C ARG E 35 -25.15 19.66 -84.85
N HIS E 36 -25.67 18.72 -85.60
CA HIS E 36 -25.61 18.82 -87.03
C HIS E 36 -26.61 19.89 -87.47
N VAL E 37 -26.19 20.95 -88.18
CA VAL E 37 -27.05 22.13 -88.27
C VAL E 37 -28.07 21.92 -89.36
N LEU E 38 -27.85 20.96 -90.28
CA LEU E 38 -28.83 20.79 -91.29
C LEU E 38 -30.06 20.14 -90.68
N THR E 39 -29.91 19.31 -89.66
CA THR E 39 -31.06 18.39 -89.30
C THR E 39 -31.44 18.47 -87.84
N GLY E 40 -30.60 19.19 -87.07
CA GLY E 40 -30.71 19.28 -85.63
C GLY E 40 -30.32 18.09 -84.79
N ARG E 41 -29.81 17.01 -85.40
CA ARG E 41 -29.34 15.87 -84.56
C ARG E 41 -28.09 16.16 -83.69
N GLU E 42 -28.04 15.65 -82.46
CA GLU E 42 -26.85 15.70 -81.62
C GLU E 42 -25.93 14.58 -82.16
N VAL E 43 -24.66 14.94 -82.40
CA VAL E 43 -23.68 13.91 -82.74
C VAL E 43 -22.48 13.97 -81.86
N ALA E 44 -21.55 13.05 -82.04
CA ALA E 44 -20.26 13.18 -81.31
C ALA E 44 -19.22 13.34 -82.39
N VAL E 45 -18.42 14.39 -82.26
CA VAL E 45 -17.38 14.69 -83.24
C VAL E 45 -16.01 14.38 -82.67
N LYS E 46 -15.34 13.33 -83.12
CA LYS E 46 -14.01 13.12 -82.59
C LYS E 46 -13.03 13.90 -83.43
N ILE E 47 -12.41 14.94 -82.84
CA ILE E 47 -11.30 15.66 -83.54
C ILE E 47 -9.94 15.01 -83.24
N ILE E 48 -9.21 14.66 -84.29
CA ILE E 48 -7.89 14.07 -84.16
C ILE E 48 -6.92 14.78 -85.09
N ASP E 49 -5.97 15.52 -84.54
CA ASP E 49 -4.88 16.16 -85.39
C ASP E 49 -3.88 15.11 -85.94
N LYS E 50 -3.56 15.22 -87.21
CA LYS E 50 -2.72 14.25 -87.85
C LYS E 50 -1.28 14.72 -88.24
N THR E 51 -0.95 15.96 -87.95
CA THR E 51 0.37 16.43 -88.31
C THR E 51 1.36 15.85 -87.27
N GLN E 52 0.96 15.92 -85.99
CA GLN E 52 1.70 15.31 -84.88
C GLN E 52 1.85 13.76 -84.96
N LEU E 53 1.77 13.13 -86.15
CA LEU E 53 1.61 11.65 -86.23
C LEU E 53 2.50 10.97 -87.23
N ASN E 54 3.24 9.97 -86.79
CA ASN E 54 4.23 9.33 -87.68
C ASN E 54 3.54 8.45 -88.71
N PRO E 55 4.22 8.11 -89.83
CA PRO E 55 3.57 7.10 -90.75
C PRO E 55 2.71 5.94 -90.19
N THR E 56 3.14 5.21 -89.15
CA THR E 56 2.38 3.97 -88.81
C THR E 56 1.10 4.31 -88.11
N SER E 57 1.22 5.16 -87.09
CA SER E 57 0.13 5.98 -86.55
C SER E 57 -1.00 6.41 -87.56
N LEU E 58 -0.66 7.18 -88.60
CA LEU E 58 -1.59 7.47 -89.69
C LEU E 58 -2.28 6.24 -90.19
N GLN E 59 -1.52 5.16 -90.42
CA GLN E 59 -2.05 3.86 -90.96
C GLN E 59 -2.93 3.15 -89.95
N LYS E 60 -2.61 3.31 -88.69
CA LYS E 60 -3.43 2.73 -87.69
C LYS E 60 -4.78 3.55 -87.72
N LEU E 61 -4.78 4.86 -87.50
CA LEU E 61 -5.94 5.72 -87.64
C LEU E 61 -6.83 5.40 -88.84
N PHE E 62 -6.25 5.38 -90.04
CA PHE E 62 -6.98 4.95 -91.22
C PHE E 62 -7.54 3.54 -91.20
N ARG E 63 -6.80 2.62 -90.60
CA ARG E 63 -7.30 1.22 -90.42
C ARG E 63 -8.59 1.19 -89.51
N GLU E 64 -8.53 1.87 -88.38
CA GLU E 64 -9.68 2.11 -87.55
C GLU E 64 -10.90 2.75 -88.30
N VAL E 65 -10.65 3.82 -89.06
CA VAL E 65 -11.66 4.50 -89.82
C VAL E 65 -12.32 3.56 -90.85
N ARG E 66 -11.53 2.75 -91.54
CA ARG E 66 -12.14 1.77 -92.43
C ARG E 66 -13.03 0.85 -91.66
N ILE E 67 -12.73 0.52 -90.43
CA ILE E 67 -13.56 -0.47 -89.72
C ILE E 67 -14.90 0.13 -89.35
N MET E 68 -14.79 1.29 -88.72
CA MET E 68 -15.93 2.14 -88.44
C MET E 68 -16.88 2.25 -89.60
N LYS E 69 -16.34 2.45 -90.80
CA LYS E 69 -17.23 2.66 -91.92
C LYS E 69 -18.16 1.50 -92.12
N ILE E 70 -17.73 0.30 -91.82
CA ILE E 70 -18.56 -0.86 -92.16
C ILE E 70 -19.35 -1.45 -91.03
N LEU E 71 -19.32 -0.86 -89.87
CA LEU E 71 -20.00 -1.44 -88.79
C LEU E 71 -21.36 -0.79 -88.76
N ASN E 72 -22.38 -1.48 -89.27
CA ASN E 72 -23.76 -1.11 -89.12
C ASN E 72 -24.69 -1.96 -88.19
N HIS E 73 -24.75 -1.62 -86.92
CA HIS E 73 -25.42 -2.49 -85.96
C HIS E 73 -26.11 -1.58 -84.96
N PRO E 74 -27.34 -1.88 -84.61
CA PRO E 74 -28.02 -0.91 -83.74
C PRO E 74 -27.33 -0.78 -82.40
N ASN E 75 -26.42 -1.69 -82.11
CA ASN E 75 -25.79 -1.64 -80.84
C ASN E 75 -24.27 -1.39 -80.92
N ILE E 76 -23.82 -0.77 -82.00
CA ILE E 76 -22.43 -0.38 -82.13
C ILE E 76 -22.49 1.07 -82.61
N VAL E 77 -21.70 1.97 -82.01
CA VAL E 77 -21.88 3.34 -82.32
C VAL E 77 -21.66 3.57 -83.80
N LYS E 78 -22.54 4.35 -84.44
CA LYS E 78 -22.50 4.43 -85.90
C LYS E 78 -21.54 5.51 -86.33
N LEU E 79 -20.88 5.32 -87.45
CA LEU E 79 -20.14 6.43 -88.01
C LEU E 79 -21.13 7.31 -88.90
N PHE E 80 -21.11 8.64 -88.83
CA PHE E 80 -22.05 9.37 -89.74
C PHE E 80 -21.26 10.13 -90.78
N GLU E 81 -20.16 10.78 -90.38
CA GLU E 81 -19.42 11.55 -91.36
C GLU E 81 -17.90 11.51 -91.16
N VAL E 82 -17.16 11.52 -92.26
CA VAL E 82 -15.75 11.85 -92.16
C VAL E 82 -15.49 13.11 -92.92
N ILE E 83 -15.09 14.10 -92.13
CA ILE E 83 -14.38 15.29 -92.54
C ILE E 83 -12.81 15.35 -92.26
N GLU E 84 -12.05 15.57 -93.32
CA GLU E 84 -10.58 15.45 -93.36
C GLU E 84 -9.95 16.70 -93.99
N THR E 85 -9.03 17.35 -93.33
CA THR E 85 -8.26 18.39 -94.02
C THR E 85 -6.80 17.91 -94.04
N GLU E 86 -5.91 18.38 -94.92
CA GLU E 86 -4.50 17.87 -94.85
C GLU E 86 -3.97 17.78 -93.39
N LYS E 87 -4.35 18.76 -92.57
CA LYS E 87 -3.90 18.78 -91.20
C LYS E 87 -4.69 17.85 -90.26
N THR E 88 -5.99 17.62 -90.52
CA THR E 88 -6.97 17.17 -89.49
C THR E 88 -8.06 16.18 -89.91
N LEU E 89 -8.48 15.39 -88.92
CA LEU E 89 -9.45 14.37 -89.16
C LEU E 89 -10.56 14.50 -88.13
N TYR E 90 -11.78 14.52 -88.70
CA TYR E 90 -13.05 14.53 -87.95
C TYR E 90 -13.92 13.38 -88.30
N LEU E 91 -14.42 12.78 -87.25
CA LEU E 91 -15.18 11.57 -87.31
C LEU E 91 -16.44 11.92 -86.53
N VAL E 92 -17.52 12.07 -87.29
CA VAL E 92 -18.80 12.45 -86.71
C VAL E 92 -19.46 11.14 -86.50
N MET E 93 -19.87 10.95 -85.28
CA MET E 93 -20.47 9.69 -84.94
C MET E 93 -21.58 9.81 -83.89
N GLU E 94 -22.19 8.67 -83.64
CA GLU E 94 -23.30 8.58 -82.78
C GLU E 94 -22.88 8.93 -81.39
N TYR E 95 -23.76 9.53 -80.64
CA TYR E 95 -23.44 10.00 -79.36
C TYR E 95 -24.16 9.11 -78.36
N ALA E 96 -23.51 8.84 -77.24
CA ALA E 96 -24.11 8.02 -76.21
C ALA E 96 -23.97 8.84 -74.94
N SER E 97 -25.08 9.46 -74.54
CA SER E 97 -25.20 10.27 -73.32
C SER E 97 -25.06 9.42 -72.08
N GLY E 98 -25.69 8.24 -72.05
CA GLY E 98 -25.58 7.31 -70.89
C GLY E 98 -24.23 6.90 -70.27
N GLY E 99 -23.08 7.21 -70.86
CA GLY E 99 -21.85 6.93 -70.12
C GLY E 99 -21.48 5.47 -70.23
N GLU E 100 -20.48 5.02 -69.47
CA GLU E 100 -20.06 3.62 -69.45
C GLU E 100 -20.93 2.69 -68.63
N VAL E 101 -21.08 1.44 -69.09
CA VAL E 101 -21.80 0.43 -68.30
C VAL E 101 -21.21 0.17 -66.90
N PHE E 102 -19.91 -0.18 -66.82
CA PHE E 102 -19.33 -0.41 -65.50
C PHE E 102 -19.74 0.73 -64.53
N ASP E 103 -19.59 1.99 -64.96
CA ASP E 103 -19.93 3.17 -64.13
C ASP E 103 -21.37 3.27 -63.75
N TYR E 104 -22.20 2.81 -64.66
CA TYR E 104 -23.58 2.85 -64.45
C TYR E 104 -23.93 1.88 -63.35
N LEU E 105 -23.30 0.70 -63.33
CA LEU E 105 -23.51 -0.25 -62.19
C LEU E 105 -22.97 0.32 -60.87
N VAL E 106 -21.66 0.56 -60.83
CA VAL E 106 -21.05 1.39 -59.83
C VAL E 106 -21.78 2.70 -59.50
N ALA E 107 -22.96 3.00 -60.04
CA ALA E 107 -23.74 4.19 -59.60
C ALA E 107 -25.18 3.87 -59.20
N HIS E 108 -25.85 2.92 -59.85
CA HIS E 108 -27.31 2.69 -59.61
C HIS E 108 -27.39 1.29 -59.11
N GLY E 109 -26.25 0.69 -58.86
CA GLY E 109 -26.21 -0.71 -58.39
C GLY E 109 -26.53 -1.75 -59.44
N ARG E 110 -26.57 -3.00 -59.04
CA ARG E 110 -26.95 -4.06 -59.92
C ARG E 110 -28.29 -3.90 -60.62
N MET E 111 -28.52 -4.70 -61.67
CA MET E 111 -29.75 -4.72 -62.45
C MET E 111 -30.60 -5.97 -62.22
N LYS E 112 -31.89 -5.77 -62.22
CA LYS E 112 -32.81 -6.88 -62.08
C LYS E 112 -32.44 -7.73 -63.33
N GLU E 113 -32.65 -9.05 -63.29
CA GLU E 113 -32.26 -9.93 -64.41
C GLU E 113 -32.89 -9.57 -65.76
N LYS E 114 -34.13 -9.17 -65.81
CA LYS E 114 -34.79 -8.76 -67.08
C LYS E 114 -34.04 -7.60 -67.71
N GLU E 115 -33.52 -6.69 -66.88
CA GLU E 115 -32.77 -5.60 -67.45
C GLU E 115 -31.32 -6.02 -67.85
N ALA E 116 -30.64 -6.75 -66.98
CA ALA E 116 -29.37 -7.31 -67.33
C ALA E 116 -29.49 -8.11 -68.65
N ARG E 117 -30.51 -8.97 -68.77
CA ARG E 117 -30.80 -9.63 -70.05
C ARG E 117 -30.93 -8.76 -71.30
N ALA E 118 -31.71 -7.66 -71.28
CA ALA E 118 -31.85 -6.81 -72.55
C ALA E 118 -30.48 -6.28 -73.00
N LYS E 119 -29.70 -5.75 -72.05
CA LYS E 119 -28.39 -5.23 -72.27
C LYS E 119 -27.42 -6.39 -72.75
N PHE E 120 -27.47 -7.55 -72.11
CA PHE E 120 -26.56 -8.64 -72.43
C PHE E 120 -26.81 -9.18 -73.79
N ARG E 121 -28.09 -9.31 -74.18
CA ARG E 121 -28.41 -9.65 -75.60
C ARG E 121 -27.79 -8.60 -76.49
N GLN E 122 -27.87 -7.33 -76.16
CA GLN E 122 -27.31 -6.38 -77.15
C GLN E 122 -25.81 -6.47 -77.16
N ILE E 123 -25.18 -6.69 -76.01
CA ILE E 123 -23.69 -6.86 -75.95
C ILE E 123 -23.13 -7.98 -76.88
N VAL E 124 -23.81 -9.13 -76.79
CA VAL E 124 -23.36 -10.32 -77.38
C VAL E 124 -23.58 -10.25 -78.81
N SER E 125 -24.72 -9.76 -79.19
CA SER E 125 -25.02 -9.64 -80.64
C SER E 125 -23.99 -8.69 -81.26
N ALA E 126 -23.73 -7.59 -80.57
CA ALA E 126 -22.79 -6.63 -81.14
C ALA E 126 -21.40 -7.29 -81.34
N VAL E 127 -21.01 -8.05 -80.34
CA VAL E 127 -19.66 -8.57 -80.29
C VAL E 127 -19.56 -9.65 -81.35
N GLN E 128 -20.58 -10.49 -81.44
CA GLN E 128 -20.52 -11.58 -82.39
C GLN E 128 -20.43 -10.98 -83.77
N TYR E 129 -21.25 -9.94 -84.00
CA TYR E 129 -21.22 -9.21 -85.25
C TYR E 129 -19.87 -8.59 -85.63
N CYS E 130 -19.24 -7.95 -84.66
CA CYS E 130 -17.88 -7.51 -84.93
C CYS E 130 -17.04 -8.59 -85.66
N HIS E 131 -17.08 -9.83 -85.14
CA HIS E 131 -16.13 -10.87 -85.54
C HIS E 131 -16.44 -11.29 -86.94
N GLN E 132 -17.67 -10.96 -87.38
CA GLN E 132 -18.13 -11.21 -88.75
C GLN E 132 -17.51 -10.26 -89.73
N LYS E 133 -16.99 -9.19 -89.21
CA LYS E 133 -16.71 -8.00 -90.02
C LYS E 133 -15.23 -7.58 -90.05
N TYR E 134 -14.50 -7.81 -89.01
CA TYR E 134 -13.13 -7.48 -89.10
C TYR E 134 -12.54 -8.39 -88.08
N ILE E 135 -11.21 -8.41 -88.09
CA ILE E 135 -10.46 -9.15 -87.17
C ILE E 135 -10.26 -8.30 -85.93
N VAL E 136 -10.65 -8.80 -84.77
CA VAL E 136 -10.56 -8.01 -83.57
C VAL E 136 -9.21 -8.32 -82.96
N HIS E 137 -8.35 -7.34 -82.83
CA HIS E 137 -7.06 -7.63 -82.35
C HIS E 137 -6.90 -7.53 -80.88
N ARG E 138 -7.94 -7.17 -80.15
CA ARG E 138 -7.76 -6.92 -78.71
C ARG E 138 -9.06 -7.10 -77.92
N ASP E 139 -8.98 -7.46 -76.66
CA ASP E 139 -10.17 -7.89 -75.98
C ASP E 139 -11.04 -6.68 -75.63
N LEU E 140 -12.30 -6.96 -75.36
CA LEU E 140 -13.27 -6.01 -74.93
C LEU E 140 -12.74 -5.40 -73.68
N LYS E 141 -12.99 -4.11 -73.52
CA LYS E 141 -12.57 -3.40 -72.36
C LYS E 141 -13.87 -2.78 -71.91
N ALA E 142 -14.04 -2.66 -70.60
CA ALA E 142 -15.28 -2.13 -70.04
C ALA E 142 -15.66 -0.77 -70.68
N GLU E 143 -14.66 0.05 -70.96
CA GLU E 143 -14.96 1.32 -71.57
C GLU E 143 -15.38 1.30 -73.09
N ASN E 144 -15.45 0.09 -73.66
CA ASN E 144 -16.09 -0.08 -74.93
C ASN E 144 -17.65 -0.13 -74.75
N LEU E 145 -18.18 -0.23 -73.52
CA LEU E 145 -19.56 -0.51 -73.30
C LEU E 145 -20.24 0.70 -72.85
N LEU E 146 -20.77 1.48 -73.79
CA LEU E 146 -21.54 2.69 -73.49
C LEU E 146 -23.07 2.40 -73.47
N LEU E 147 -23.84 3.27 -72.83
CA LEU E 147 -25.29 3.25 -72.96
C LEU E 147 -25.65 4.54 -73.68
N ASP E 148 -26.73 4.53 -74.46
CA ASP E 148 -27.25 5.77 -75.01
C ASP E 148 -28.43 6.19 -74.15
N GLY E 149 -28.97 7.43 -74.39
CA GLY E 149 -30.14 8.03 -73.72
C GLY E 149 -31.36 7.09 -73.48
N ASP E 150 -31.63 6.11 -74.32
CA ASP E 150 -32.66 5.14 -73.92
C ASP E 150 -32.08 3.94 -73.15
N MET E 151 -30.90 4.11 -72.57
CA MET E 151 -30.29 2.99 -71.91
C MET E 151 -30.01 1.73 -72.84
N ASN E 152 -29.94 1.90 -74.18
CA ASN E 152 -29.53 0.84 -75.11
C ASN E 152 -28.00 0.69 -75.17
N ILE E 153 -27.50 -0.52 -75.34
CA ILE E 153 -26.03 -0.64 -75.37
C ILE E 153 -25.53 -0.06 -76.68
N LYS E 154 -24.35 0.58 -76.66
CA LYS E 154 -23.64 0.93 -77.85
C LYS E 154 -22.19 0.55 -77.64
N ILE E 155 -21.60 -0.36 -78.41
CA ILE E 155 -20.19 -0.70 -78.26
C ILE E 155 -19.40 0.33 -79.07
N ALA E 156 -18.24 0.71 -78.62
CA ALA E 156 -17.41 1.63 -79.40
C ALA E 156 -15.97 1.16 -79.37
N ASP E 157 -15.33 1.02 -80.52
CA ASP E 157 -13.86 0.69 -80.57
C ASP E 157 -13.47 -0.76 -80.18
N PHE E 158 -14.41 -1.71 -80.28
CA PHE E 158 -14.11 -3.05 -79.93
C PHE E 158 -12.81 -3.47 -80.66
N GLY E 159 -11.71 -3.63 -79.92
CA GLY E 159 -10.50 -4.14 -80.49
C GLY E 159 -9.50 -3.08 -80.91
N PHE E 160 -9.78 -1.82 -80.62
CA PHE E 160 -8.94 -0.73 -81.16
C PHE E 160 -7.71 -0.45 -80.22
N SER E 161 -6.66 0.24 -80.69
CA SER E 161 -5.59 0.51 -79.75
C SER E 161 -6.01 1.68 -78.89
N ASN E 162 -5.37 1.86 -77.77
CA ASN E 162 -5.74 3.02 -77.00
C ASN E 162 -5.18 4.31 -77.66
N GLU E 163 -4.35 4.22 -78.72
CA GLU E 163 -3.72 5.42 -79.27
C GLU E 163 -4.64 6.62 -79.50
N PHE E 164 -5.86 6.37 -79.98
CA PHE E 164 -6.79 7.49 -80.28
C PHE E 164 -7.98 7.50 -79.38
N THR E 165 -7.77 6.95 -78.21
CA THR E 165 -8.80 6.70 -77.26
C THR E 165 -8.94 7.96 -76.45
N VAL E 166 -9.95 8.07 -75.60
CA VAL E 166 -10.20 9.38 -75.02
C VAL E 166 -10.65 9.20 -73.60
N GLY E 167 -10.44 10.19 -72.71
CA GLY E 167 -10.76 10.01 -71.28
C GLY E 167 -9.53 9.85 -70.36
N ASN E 168 -9.78 9.78 -69.05
CA ASN E 168 -8.73 9.60 -68.01
C ASN E 168 -8.57 8.12 -67.78
N LYS E 169 -7.35 7.61 -67.87
CA LYS E 169 -7.13 6.15 -67.82
C LYS E 169 -6.57 5.69 -66.48
N LEU E 170 -6.43 6.55 -65.48
CA LEU E 170 -5.71 6.07 -64.32
C LEU E 170 -6.39 4.76 -63.80
N ASP E 171 -7.72 4.82 -63.61
CA ASP E 171 -8.62 3.76 -62.98
C ASP E 171 -8.31 2.40 -63.47
N THR E 172 -7.79 2.39 -64.70
CA THR E 172 -7.49 1.25 -65.54
C THR E 172 -6.21 0.50 -65.14
N PHE E 173 -5.25 1.19 -64.54
CA PHE E 173 -4.07 0.51 -64.07
C PHE E 173 -4.49 -0.75 -63.20
N CYS E 174 -5.46 -0.54 -62.27
CA CYS E 174 -6.09 -1.58 -61.37
C CYS E 174 -7.49 -2.02 -61.79
N GLY E 175 -8.12 -1.24 -62.69
CA GLY E 175 -9.53 -1.42 -63.02
C GLY E 175 -9.82 -2.50 -64.04
N SER E 176 -8.89 -2.72 -64.99
CA SER E 176 -9.13 -3.70 -66.08
C SER E 176 -8.35 -5.01 -66.03
N PRO E 177 -7.33 -5.13 -65.17
CA PRO E 177 -7.00 -6.54 -65.06
C PRO E 177 -8.14 -7.51 -64.57
N PRO E 178 -9.13 -7.03 -63.77
CA PRO E 178 -10.14 -8.05 -63.40
C PRO E 178 -11.03 -8.48 -64.56
N TYR E 179 -10.87 -7.90 -65.77
CA TYR E 179 -11.69 -8.35 -66.91
C TYR E 179 -10.94 -9.37 -67.72
N ALA E 180 -9.65 -9.43 -67.51
CA ALA E 180 -8.77 -10.25 -68.29
C ALA E 180 -8.95 -11.77 -68.07
N ALA E 181 -9.05 -12.48 -69.19
CA ALA E 181 -9.29 -13.91 -69.19
C ALA E 181 -8.08 -14.52 -68.57
N PRO E 182 -8.20 -15.70 -67.95
CA PRO E 182 -7.01 -16.27 -67.39
C PRO E 182 -5.90 -16.42 -68.42
N GLU E 183 -6.21 -16.90 -69.65
CA GLU E 183 -5.13 -17.08 -70.62
C GLU E 183 -4.31 -15.83 -70.79
N LEU E 184 -4.91 -14.64 -70.71
CA LEU E 184 -4.18 -13.37 -70.79
C LEU E 184 -3.18 -13.25 -69.60
N PHE E 185 -3.64 -13.66 -68.40
CA PHE E 185 -2.86 -13.63 -67.15
C PHE E 185 -1.66 -14.57 -67.21
N GLN E 186 -1.72 -15.62 -68.04
CA GLN E 186 -0.59 -16.56 -68.26
C GLN E 186 0.19 -16.17 -69.51
N GLY E 187 -0.01 -14.92 -69.97
CA GLY E 187 0.61 -14.39 -71.17
C GLY E 187 0.04 -14.55 -72.59
N LYS E 188 -0.86 -15.52 -72.88
CA LYS E 188 -1.46 -15.64 -74.26
C LYS E 188 -1.82 -14.25 -74.89
N LYS E 189 -1.47 -13.96 -76.15
CA LYS E 189 -1.99 -12.71 -76.75
C LYS E 189 -3.51 -12.97 -76.98
N TYR E 190 -4.31 -11.90 -77.04
CA TYR E 190 -5.76 -12.02 -77.34
C TYR E 190 -5.89 -12.83 -78.57
N ASP E 191 -6.84 -13.73 -78.62
CA ASP E 191 -7.02 -14.45 -79.85
C ASP E 191 -8.45 -14.84 -80.20
N GLY E 192 -9.42 -14.03 -79.87
CA GLY E 192 -10.73 -14.28 -80.47
C GLY E 192 -11.93 -14.43 -79.57
N PRO E 193 -12.98 -14.91 -80.16
CA PRO E 193 -14.19 -15.06 -79.40
C PRO E 193 -14.00 -15.73 -78.02
N GLU E 194 -13.05 -16.64 -77.86
CA GLU E 194 -12.96 -17.41 -76.60
C GLU E 194 -12.45 -16.54 -75.48
N VAL E 195 -11.62 -15.57 -75.79
CA VAL E 195 -11.27 -14.65 -74.75
C VAL E 195 -12.53 -13.92 -74.36
N ASP E 196 -13.30 -13.47 -75.38
CA ASP E 196 -14.42 -12.50 -75.23
C ASP E 196 -15.49 -13.06 -74.32
N VAL E 197 -15.72 -14.34 -74.54
CA VAL E 197 -16.64 -15.07 -73.74
C VAL E 197 -16.30 -15.05 -72.23
N TRP E 198 -15.02 -14.94 -71.88
CA TRP E 198 -14.69 -14.90 -70.44
C TRP E 198 -15.02 -13.49 -69.98
N SER E 199 -14.57 -12.50 -70.77
CA SER E 199 -14.90 -11.07 -70.61
C SER E 199 -16.42 -10.83 -70.42
N LEU E 200 -17.19 -11.53 -71.26
CA LEU E 200 -18.61 -11.51 -71.27
C LEU E 200 -19.14 -12.03 -69.93
N GLY E 201 -18.43 -12.99 -69.35
CA GLY E 201 -18.90 -13.60 -68.15
C GLY E 201 -18.70 -12.63 -67.03
N VAL E 202 -17.56 -12.01 -67.05
CA VAL E 202 -17.28 -10.99 -66.11
C VAL E 202 -18.28 -9.80 -66.17
N ILE E 203 -18.75 -9.46 -67.37
CA ILE E 203 -19.72 -8.37 -67.55
C ILE E 203 -21.11 -8.87 -67.02
N LEU E 204 -21.47 -10.11 -67.36
CA LEU E 204 -22.75 -10.63 -66.90
C LEU E 204 -22.74 -10.54 -65.36
N TYR E 205 -21.65 -11.01 -64.75
CA TYR E 205 -21.66 -11.23 -63.35
C TYR E 205 -21.80 -9.88 -62.66
N THR E 206 -21.17 -8.86 -63.22
CA THR E 206 -21.28 -7.55 -62.62
C THR E 206 -22.58 -6.89 -63.00
N LEU E 207 -23.19 -7.28 -64.09
CA LEU E 207 -24.44 -6.68 -64.51
C LEU E 207 -25.42 -7.13 -63.46
N VAL E 208 -25.43 -8.42 -63.13
CA VAL E 208 -26.51 -8.90 -62.29
C VAL E 208 -26.29 -8.87 -60.76
N SER E 209 -25.03 -8.65 -60.36
CA SER E 209 -24.61 -8.64 -58.98
C SER E 209 -24.04 -7.25 -58.54
N GLY E 210 -23.91 -6.34 -59.48
CA GLY E 210 -23.38 -5.06 -59.14
C GLY E 210 -21.91 -5.11 -58.84
N SER E 211 -21.35 -6.30 -58.62
CA SER E 211 -19.93 -6.31 -58.24
C SER E 211 -19.00 -7.34 -59.03
N LEU E 212 -17.67 -7.24 -58.93
CA LEU E 212 -16.91 -8.05 -59.90
C LEU E 212 -16.83 -9.42 -59.36
N PRO E 213 -16.68 -10.45 -60.21
CA PRO E 213 -16.54 -11.81 -59.69
C PRO E 213 -15.18 -12.14 -59.11
N PHE E 214 -14.12 -11.53 -59.57
CA PHE E 214 -12.75 -11.79 -59.10
C PHE E 214 -12.12 -10.47 -58.75
N ASP E 215 -11.63 -10.39 -57.51
CA ASP E 215 -10.98 -9.22 -56.94
C ASP E 215 -9.64 -9.58 -56.26
N GLY E 216 -8.94 -8.57 -55.72
CA GLY E 216 -7.61 -8.80 -55.19
C GLY E 216 -6.86 -7.51 -54.96
N GLN E 217 -6.19 -7.44 -53.81
CA GLN E 217 -5.43 -6.27 -53.35
C GLN E 217 -4.24 -5.98 -54.22
N ASN E 218 -3.61 -7.02 -54.74
CA ASN E 218 -2.55 -6.84 -55.71
C ASN E 218 -2.89 -7.78 -56.85
N LEU E 219 -2.08 -7.71 -57.89
CA LEU E 219 -2.34 -8.41 -59.10
C LEU E 219 -1.99 -9.87 -58.95
N LYS E 220 -1.02 -10.18 -58.11
CA LYS E 220 -0.58 -11.57 -57.90
C LYS E 220 -1.76 -12.29 -57.22
N GLU E 221 -2.44 -11.59 -56.30
CA GLU E 221 -3.64 -12.12 -55.70
C GLU E 221 -4.81 -12.13 -56.69
N LEU E 222 -5.13 -11.00 -57.27
CA LEU E 222 -6.14 -10.97 -58.29
C LEU E 222 -5.93 -12.08 -59.32
N ARG E 223 -4.68 -12.30 -59.75
CA ARG E 223 -4.33 -13.34 -60.74
C ARG E 223 -4.53 -14.77 -60.19
N GLU E 224 -4.24 -14.91 -58.90
CA GLU E 224 -4.32 -16.22 -58.24
C GLU E 224 -5.79 -16.62 -58.13
N ARG E 225 -6.68 -15.65 -57.87
CA ARG E 225 -8.08 -15.97 -57.79
C ARG E 225 -8.74 -16.26 -59.14
N VAL E 226 -8.34 -15.50 -60.19
CA VAL E 226 -8.85 -15.76 -61.52
C VAL E 226 -8.50 -17.17 -61.89
N LEU E 227 -7.23 -17.55 -61.80
CA LEU E 227 -6.78 -18.96 -62.00
C LEU E 227 -7.53 -20.01 -61.18
N ARG E 228 -7.95 -19.71 -59.97
CA ARG E 228 -8.72 -20.72 -59.23
C ARG E 228 -10.17 -20.74 -59.81
N GLY E 229 -10.60 -19.61 -60.35
CA GLY E 229 -11.87 -19.56 -61.10
C GLY E 229 -13.19 -19.84 -60.40
N LYS E 230 -13.23 -19.75 -59.07
CA LYS E 230 -14.43 -19.77 -58.26
C LYS E 230 -14.85 -18.34 -57.94
N TYR E 231 -16.15 -18.17 -57.85
CA TYR E 231 -16.66 -16.89 -57.62
C TYR E 231 -17.97 -17.12 -56.88
N ARG E 232 -18.34 -16.19 -56.00
CA ARG E 232 -19.58 -16.31 -55.22
C ARG E 232 -20.78 -16.21 -56.08
N ILE E 233 -21.77 -17.07 -55.86
CA ILE E 233 -23.11 -16.89 -56.43
C ILE E 233 -24.00 -16.13 -55.41
N PRO E 234 -24.42 -14.88 -55.72
CA PRO E 234 -25.28 -14.26 -54.66
C PRO E 234 -26.64 -14.99 -54.47
N PHE E 235 -27.22 -14.98 -53.26
CA PHE E 235 -28.51 -15.72 -53.04
C PHE E 235 -29.55 -15.31 -54.10
N TYR E 236 -29.56 -14.05 -54.54
CA TYR E 236 -30.66 -13.66 -55.52
C TYR E 236 -30.54 -14.06 -57.03
N MET E 237 -29.36 -14.55 -57.48
CA MET E 237 -29.13 -14.89 -58.86
C MET E 237 -29.98 -16.07 -59.24
N SER E 238 -30.68 -16.04 -60.37
CA SER E 238 -31.42 -17.25 -60.78
C SER E 238 -30.51 -18.42 -61.17
N THR E 239 -31.08 -19.61 -61.19
CA THR E 239 -30.23 -20.77 -61.49
C THR E 239 -29.86 -20.68 -62.97
N ASP E 240 -30.77 -20.16 -63.77
CA ASP E 240 -30.54 -19.92 -65.13
C ASP E 240 -29.35 -19.07 -65.36
N CYS E 241 -29.19 -18.01 -64.59
CA CYS E 241 -28.11 -17.08 -64.83
C CYS E 241 -26.79 -17.77 -64.41
N GLU E 242 -26.91 -18.62 -63.37
CA GLU E 242 -25.75 -19.35 -62.84
C GLU E 242 -25.32 -20.32 -63.93
N ASN E 243 -26.32 -20.91 -64.61
CA ASN E 243 -26.00 -21.85 -65.65
C ASN E 243 -25.36 -21.20 -66.88
N LEU E 244 -25.72 -19.95 -67.14
CA LEU E 244 -25.11 -19.28 -68.25
C LEU E 244 -23.71 -18.95 -67.79
N LEU E 245 -23.55 -18.52 -66.53
CA LEU E 245 -22.21 -18.18 -66.11
C LEU E 245 -21.24 -19.40 -66.15
N LYS E 246 -21.77 -20.61 -66.07
CA LYS E 246 -20.96 -21.80 -66.01
C LYS E 246 -20.36 -22.07 -67.40
N LYS E 247 -21.03 -21.57 -68.44
CA LYS E 247 -20.59 -21.72 -69.82
C LYS E 247 -19.78 -20.55 -70.24
N LEU E 248 -19.62 -19.54 -69.38
CA LEU E 248 -18.73 -18.43 -69.69
C LEU E 248 -17.53 -18.36 -68.75
N LEU E 249 -17.68 -18.37 -67.44
CA LEU E 249 -16.45 -18.34 -66.61
C LEU E 249 -15.82 -19.73 -66.51
N VAL E 250 -15.33 -20.24 -67.60
CA VAL E 250 -14.72 -21.54 -67.54
C VAL E 250 -13.23 -21.38 -67.89
N LEU E 251 -12.41 -21.96 -67.02
CA LEU E 251 -10.98 -21.66 -67.08
C LEU E 251 -10.30 -21.99 -68.42
N ASN E 252 -10.86 -22.92 -69.16
CA ASN E 252 -10.18 -23.49 -70.32
C ASN E 252 -10.93 -23.02 -71.56
N PRO E 253 -10.25 -22.19 -72.34
CA PRO E 253 -10.81 -21.45 -73.47
C PRO E 253 -11.70 -22.37 -74.30
N ILE E 254 -11.23 -23.60 -74.51
CA ILE E 254 -11.86 -24.46 -75.49
C ILE E 254 -13.06 -25.07 -74.86
N LYS E 255 -13.26 -24.78 -73.61
CA LYS E 255 -14.36 -25.41 -72.94
C LYS E 255 -15.49 -24.36 -72.71
N ARG E 256 -15.23 -23.13 -73.14
CA ARG E 256 -16.22 -22.06 -73.20
C ARG E 256 -17.26 -22.30 -74.32
N GLY E 257 -18.42 -21.67 -74.20
CA GLY E 257 -19.43 -21.76 -75.24
C GLY E 257 -18.94 -20.83 -76.26
N SER E 258 -19.34 -21.00 -77.50
CA SER E 258 -19.05 -19.94 -78.51
C SER E 258 -20.12 -18.87 -78.35
N LEU E 259 -19.92 -17.76 -79.02
CA LEU E 259 -20.95 -16.76 -79.02
C LEU E 259 -22.23 -17.34 -79.59
N GLU E 260 -22.15 -18.16 -80.64
CA GLU E 260 -23.40 -18.64 -81.21
C GLU E 260 -24.05 -19.61 -80.18
N GLN E 261 -23.24 -20.32 -79.40
CA GLN E 261 -23.82 -21.15 -78.30
C GLN E 261 -24.48 -20.36 -77.14
N ILE E 262 -23.78 -19.32 -76.68
CA ILE E 262 -24.37 -18.34 -75.73
C ILE E 262 -25.74 -17.84 -76.27
N MET E 263 -25.81 -17.44 -77.51
CA MET E 263 -27.02 -16.88 -77.98
C MET E 263 -28.23 -17.83 -77.81
N LYS E 264 -28.01 -19.15 -77.65
CA LYS E 264 -29.11 -20.08 -77.51
C LYS E 264 -29.27 -20.50 -76.07
N ASP E 265 -28.50 -19.92 -75.18
CA ASP E 265 -28.63 -20.26 -73.82
C ASP E 265 -30.02 -19.86 -73.29
N ARG E 266 -30.53 -20.62 -72.32
CA ARG E 266 -31.84 -20.46 -71.72
C ARG E 266 -32.07 -19.04 -71.14
N TRP E 267 -31.10 -18.58 -70.35
CA TRP E 267 -31.23 -17.31 -69.66
C TRP E 267 -31.19 -16.22 -70.72
N MET E 268 -30.42 -16.41 -71.81
CA MET E 268 -30.42 -15.36 -72.84
C MET E 268 -31.83 -15.15 -73.36
N ASN E 269 -32.62 -16.22 -73.34
CA ASN E 269 -33.83 -16.22 -74.11
C ASN E 269 -35.13 -16.21 -73.33
N VAL E 270 -35.03 -16.22 -72.02
CA VAL E 270 -36.16 -15.97 -71.17
C VAL E 270 -36.87 -14.73 -71.73
N GLY E 271 -38.17 -14.89 -71.92
CA GLY E 271 -38.96 -13.79 -72.40
C GLY E 271 -38.87 -13.57 -73.90
N HIS E 272 -37.97 -14.23 -74.60
CA HIS E 272 -37.89 -14.06 -76.04
C HIS E 272 -38.01 -15.42 -76.68
N GLU E 273 -38.74 -16.31 -76.00
CA GLU E 273 -38.80 -17.74 -76.30
C GLU E 273 -39.24 -18.12 -77.73
N GLU E 274 -39.93 -17.21 -78.43
CA GLU E 274 -40.32 -17.46 -79.82
C GLU E 274 -39.71 -16.38 -80.73
N GLU E 275 -38.48 -15.97 -80.41
CA GLU E 275 -37.68 -14.98 -81.13
C GLU E 275 -36.24 -15.07 -80.50
N GLU E 276 -35.68 -16.29 -80.51
CA GLU E 276 -34.35 -16.59 -79.96
C GLU E 276 -33.25 -15.73 -80.52
N LEU E 277 -32.27 -15.43 -79.69
CA LEU E 277 -31.17 -14.58 -80.07
C LEU E 277 -30.31 -15.26 -81.12
N LYS E 278 -30.14 -14.61 -82.27
CA LYS E 278 -29.49 -15.22 -83.43
C LYS E 278 -28.39 -14.21 -83.90
N PRO E 279 -27.33 -14.66 -84.60
CA PRO E 279 -26.39 -13.63 -85.18
C PRO E 279 -27.12 -12.52 -85.98
N TYR E 280 -26.83 -11.26 -85.71
CA TYR E 280 -27.38 -10.18 -86.46
C TYR E 280 -27.13 -10.22 -88.03
N THR E 281 -28.13 -9.91 -88.85
CA THR E 281 -27.83 -9.71 -90.30
C THR E 281 -28.10 -8.25 -90.67
N GLU E 282 -27.27 -7.58 -91.44
CA GLU E 282 -27.60 -6.19 -91.80
C GLU E 282 -28.88 -6.10 -92.64
N PRO E 283 -29.70 -5.11 -92.36
CA PRO E 283 -30.87 -5.12 -93.20
C PRO E 283 -30.39 -4.58 -94.54
N ASP E 284 -31.11 -4.91 -95.59
CA ASP E 284 -30.94 -4.29 -96.88
C ASP E 284 -30.91 -2.79 -96.72
N PRO E 285 -29.99 -2.12 -97.42
CA PRO E 285 -29.89 -0.67 -97.36
C PRO E 285 -31.17 -0.03 -97.93
N ASP E 286 -31.53 1.19 -97.55
CA ASP E 286 -32.62 1.96 -98.19
C ASP E 286 -32.12 3.29 -98.67
N PHE E 287 -31.71 3.35 -99.91
CA PHE E 287 -31.02 4.52 -100.32
C PHE E 287 -31.90 5.40 -101.12
N ASN E 288 -33.15 5.02 -101.28
CA ASN E 288 -34.07 5.76 -102.11
C ASN E 288 -35.28 6.24 -101.33
N ASP E 289 -35.10 6.62 -100.07
CA ASP E 289 -36.26 7.12 -99.38
C ASP E 289 -36.58 8.47 -99.95
N THR E 290 -37.72 8.52 -100.63
CA THR E 290 -38.13 9.75 -101.27
C THR E 290 -38.45 10.88 -100.28
N LYS E 291 -38.95 10.60 -99.06
CA LYS E 291 -39.05 11.73 -98.13
C LYS E 291 -37.69 12.34 -97.91
N ARG E 292 -36.74 11.49 -97.51
CA ARG E 292 -35.49 12.02 -97.06
C ARG E 292 -34.84 12.70 -98.22
N ILE E 293 -34.94 12.09 -99.43
CA ILE E 293 -34.36 12.69 -100.65
C ILE E 293 -34.99 14.04 -101.02
N ASP E 294 -36.33 14.10 -100.97
CA ASP E 294 -37.00 15.40 -101.21
C ASP E 294 -36.55 16.43 -100.18
N ILE E 295 -36.43 16.09 -98.91
CA ILE E 295 -36.04 17.13 -97.99
C ILE E 295 -34.67 17.51 -98.47
N MET E 296 -33.89 16.52 -98.88
CA MET E 296 -32.51 16.86 -99.16
C MET E 296 -32.37 17.83 -100.31
N VAL E 297 -33.02 17.50 -101.42
CA VAL E 297 -33.12 18.45 -102.54
C VAL E 297 -33.67 19.85 -102.10
N THR E 298 -34.70 19.88 -101.28
CA THR E 298 -35.13 21.22 -100.84
C THR E 298 -33.98 21.96 -100.17
N MET E 299 -33.09 21.23 -99.49
CA MET E 299 -31.93 21.78 -98.75
C MET E 299 -30.79 22.29 -99.67
N GLY E 300 -30.81 21.82 -100.91
CA GLY E 300 -29.84 22.27 -101.90
C GLY E 300 -29.01 21.18 -102.58
N PHE E 301 -29.19 19.95 -102.14
CA PHE E 301 -28.47 18.78 -102.62
C PHE E 301 -29.06 18.38 -103.94
N ALA E 302 -28.34 17.60 -104.74
CA ALA E 302 -28.96 17.07 -105.97
C ALA E 302 -29.34 15.62 -105.85
N ARG E 303 -30.44 15.28 -106.49
CA ARG E 303 -30.91 13.93 -106.45
C ARG E 303 -29.83 12.96 -106.93
N ASP E 304 -28.87 13.35 -107.83
CA ASP E 304 -27.75 12.40 -108.30
C ASP E 304 -26.65 12.28 -107.34
N GLU E 305 -26.18 13.39 -106.81
CA GLU E 305 -25.22 13.20 -105.83
C GLU E 305 -25.72 12.28 -104.64
N ILE E 306 -27.03 12.26 -104.33
CA ILE E 306 -27.47 11.58 -103.12
C ILE E 306 -27.24 10.10 -103.29
N ASN E 307 -27.61 9.60 -104.42
CA ASN E 307 -27.34 8.19 -104.69
C ASN E 307 -25.86 7.84 -104.65
N ASP E 308 -25.06 8.69 -105.24
CA ASP E 308 -23.65 8.48 -105.28
C ASP E 308 -22.98 8.33 -103.93
N ALA E 309 -23.23 9.30 -103.03
CA ALA E 309 -22.66 9.32 -101.75
C ALA E 309 -23.04 7.99 -101.07
N LEU E 310 -24.28 7.51 -101.31
CA LEU E 310 -24.72 6.33 -100.61
C LEU E 310 -24.23 4.99 -101.17
N ILE E 311 -24.40 4.69 -102.48
CA ILE E 311 -24.01 3.35 -102.96
C ILE E 311 -22.50 3.25 -102.79
N ASN E 312 -21.79 4.40 -102.96
CA ASN E 312 -20.33 4.45 -102.72
C ASN E 312 -19.85 4.65 -101.26
N GLN E 313 -20.77 4.63 -100.31
CA GLN E 313 -20.47 4.88 -98.92
C GLN E 313 -19.46 5.94 -98.76
N LYS E 314 -19.69 7.11 -99.33
CA LYS E 314 -18.71 8.19 -99.22
C LYS E 314 -18.52 8.84 -97.86
N TYR E 315 -19.32 8.52 -96.82
CA TYR E 315 -19.27 9.33 -95.60
C TYR E 315 -19.01 10.85 -95.75
N ASP E 316 -19.61 11.49 -96.75
CA ASP E 316 -19.49 12.96 -96.86
C ASP E 316 -20.69 13.69 -96.25
N GLU E 317 -20.83 14.98 -96.55
CA GLU E 317 -21.85 15.81 -95.90
C GLU E 317 -23.22 15.31 -96.40
N VAL E 318 -23.19 14.73 -97.57
CA VAL E 318 -24.39 14.34 -98.25
C VAL E 318 -24.87 13.07 -97.66
N MET E 319 -24.03 12.04 -97.58
CA MET E 319 -24.41 10.77 -96.95
C MET E 319 -24.76 11.01 -95.47
N ALA E 320 -24.04 11.91 -94.82
CA ALA E 320 -24.33 12.16 -93.42
C ALA E 320 -25.75 12.75 -93.21
N THR E 321 -26.18 13.65 -94.10
CA THR E 321 -27.48 14.25 -93.99
C THR E 321 -28.54 13.16 -94.19
N TYR E 322 -28.37 12.34 -95.17
CA TYR E 322 -29.36 11.29 -95.36
C TYR E 322 -29.52 10.31 -94.19
N ILE E 323 -28.41 9.95 -93.53
CA ILE E 323 -28.46 9.12 -92.33
C ILE E 323 -29.09 9.91 -91.22
N LEU E 324 -28.57 11.11 -91.00
CA LEU E 324 -28.99 11.84 -89.85
C LEU E 324 -30.50 12.15 -90.00
N LEU E 325 -30.96 12.39 -91.24
CA LEU E 325 -32.38 12.61 -91.35
C LEU E 325 -33.23 11.39 -90.87
N GLY E 326 -32.64 10.20 -90.77
CA GLY E 326 -33.50 9.03 -90.55
C GLY E 326 -33.52 8.68 -89.08
N ARG E 327 -32.87 9.49 -88.27
CA ARG E 327 -32.80 9.20 -86.87
C ARG E 327 -33.54 10.23 -86.02
N LYS E 328 -33.93 9.80 -84.83
CA LYS E 328 -33.96 10.62 -83.56
C LYS E 328 -35.22 10.18 -82.84
N GLN F 11 -18.35 5.90 -29.78
CA GLN F 11 -18.42 5.76 -28.27
C GLN F 11 -17.07 5.30 -27.65
N PRO F 12 -16.22 4.59 -28.43
CA PRO F 12 -14.89 4.34 -27.82
C PRO F 12 -14.01 5.58 -27.90
N HIS F 13 -13.02 5.60 -27.02
CA HIS F 13 -12.25 6.77 -26.75
C HIS F 13 -10.80 6.37 -26.49
N ILE F 14 -9.85 7.12 -27.03
CA ILE F 14 -8.52 7.00 -26.51
C ILE F 14 -8.18 8.38 -26.01
N GLY F 15 -7.63 8.50 -24.81
CA GLY F 15 -7.29 9.83 -24.30
C GLY F 15 -8.42 10.87 -24.48
N ASN F 16 -8.09 12.11 -24.87
CA ASN F 16 -9.08 13.13 -25.11
C ASN F 16 -9.74 12.96 -26.49
N TYR F 17 -9.78 11.78 -27.09
CA TYR F 17 -10.34 11.56 -28.47
C TYR F 17 -11.44 10.54 -28.55
N ARG F 18 -12.45 10.84 -29.33
CA ARG F 18 -13.56 9.95 -29.50
C ARG F 18 -13.43 9.32 -30.90
N LEU F 19 -13.32 7.98 -30.98
CA LEU F 19 -13.04 7.36 -32.30
C LEU F 19 -14.21 7.23 -33.24
N GLN F 20 -14.05 7.44 -34.52
CA GLN F 20 -15.18 7.22 -35.40
C GLN F 20 -14.79 6.22 -36.55
N LYS F 21 -15.43 6.28 -37.71
CA LYS F 21 -15.08 5.36 -38.75
C LYS F 21 -13.55 5.06 -38.88
N THR F 22 -13.21 3.94 -39.52
CA THR F 22 -11.84 3.62 -39.84
C THR F 22 -11.58 4.21 -41.17
N ILE F 23 -10.44 4.85 -41.36
CA ILE F 23 -10.24 5.44 -42.66
C ILE F 23 -9.11 4.82 -43.49
N GLY F 24 -8.26 3.99 -42.88
CA GLY F 24 -7.40 3.06 -43.60
C GLY F 24 -6.93 2.00 -42.61
N LYS F 25 -6.66 0.79 -43.12
CA LYS F 25 -6.07 -0.38 -42.40
C LYS F 25 -4.76 -0.68 -43.11
N GLY F 26 -3.71 -0.94 -42.35
CA GLY F 26 -2.48 -1.38 -42.95
C GLY F 26 -2.31 -2.88 -42.75
N ASN F 27 -1.46 -3.25 -41.80
CA ASN F 27 -1.20 -4.65 -41.58
C ASN F 27 -0.65 -4.68 -40.21
N PHE F 28 0.10 -3.64 -39.88
CA PHE F 28 0.55 -3.49 -38.52
C PHE F 28 0.07 -2.17 -37.91
N ALA F 29 -0.95 -1.56 -38.50
CA ALA F 29 -1.39 -0.20 -38.14
C ALA F 29 -2.73 0.13 -38.75
N LYS F 30 -3.58 0.83 -38.00
CA LYS F 30 -4.88 1.21 -38.51
C LYS F 30 -5.05 2.77 -38.43
N VAL F 31 -5.86 3.32 -39.35
CA VAL F 31 -6.24 4.71 -39.17
C VAL F 31 -7.72 5.06 -38.99
N LYS F 32 -7.91 5.69 -37.84
CA LYS F 32 -9.22 6.09 -37.43
C LYS F 32 -9.47 7.62 -37.48
N LEU F 33 -10.59 7.96 -38.10
CA LEU F 33 -11.13 9.31 -37.98
C LEU F 33 -11.57 9.45 -36.55
N ALA F 34 -11.35 10.60 -35.94
CA ALA F 34 -11.70 10.81 -34.51
C ALA F 34 -11.92 12.30 -34.27
N ARG F 35 -12.73 12.61 -33.26
CA ARG F 35 -12.91 13.97 -32.88
C ARG F 35 -12.30 14.27 -31.49
N HIS F 36 -11.59 15.38 -31.35
CA HIS F 36 -10.98 15.79 -30.09
C HIS F 36 -12.08 16.41 -29.22
N VAL F 37 -12.33 15.79 -28.07
CA VAL F 37 -13.46 16.14 -27.26
C VAL F 37 -13.29 17.51 -26.60
N LEU F 38 -12.05 17.89 -26.38
CA LEU F 38 -11.80 19.14 -25.69
C LEU F 38 -12.11 20.36 -26.64
N THR F 39 -11.98 20.15 -27.96
CA THR F 39 -12.02 21.27 -28.89
C THR F 39 -12.87 21.08 -30.12
N GLY F 40 -13.25 19.83 -30.41
CA GLY F 40 -14.19 19.54 -31.44
C GLY F 40 -13.54 19.22 -32.76
N ARG F 41 -12.21 19.38 -32.87
CA ARG F 41 -11.52 19.17 -34.16
C ARG F 41 -11.48 17.73 -34.55
N GLU F 42 -11.66 17.48 -35.82
CA GLU F 42 -11.57 16.17 -36.37
C GLU F 42 -10.07 15.92 -36.55
N VAL F 43 -9.58 14.74 -36.06
CA VAL F 43 -8.19 14.41 -36.29
C VAL F 43 -8.02 13.04 -36.85
N ALA F 44 -6.78 12.61 -37.09
CA ALA F 44 -6.57 11.25 -37.56
C ALA F 44 -5.77 10.52 -36.53
N VAL F 45 -6.30 9.43 -35.99
CA VAL F 45 -5.56 8.58 -35.01
C VAL F 45 -5.06 7.31 -35.70
N LYS F 46 -3.72 7.15 -35.66
CA LYS F 46 -3.05 6.00 -36.31
C LYS F 46 -2.75 5.20 -35.07
N ILE F 47 -3.25 3.96 -35.08
CA ILE F 47 -3.25 3.03 -33.93
C ILE F 47 -2.28 1.96 -34.31
N ILE F 48 -1.21 1.85 -33.57
CA ILE F 48 -0.26 0.81 -33.87
C ILE F 48 -0.16 -0.13 -32.69
N ASP F 49 -0.54 -1.38 -33.00
CA ASP F 49 -0.51 -2.50 -32.05
C ASP F 49 0.90 -2.94 -31.78
N LYS F 50 1.45 -2.66 -30.62
CA LYS F 50 2.82 -3.03 -30.47
C LYS F 50 3.03 -4.40 -29.82
N THR F 51 1.96 -5.04 -29.34
CA THR F 51 2.18 -6.32 -28.63
C THR F 51 3.12 -7.20 -29.46
N GLN F 52 2.78 -7.34 -30.74
CA GLN F 52 3.51 -8.25 -31.61
C GLN F 52 4.46 -7.51 -32.58
N LEU F 53 5.59 -7.00 -32.07
CA LEU F 53 6.56 -6.37 -32.94
C LEU F 53 7.96 -6.64 -32.41
N ASN F 54 8.80 -7.24 -33.24
CA ASN F 54 10.16 -7.60 -32.82
C ASN F 54 10.90 -6.30 -32.52
N PRO F 55 11.99 -6.37 -31.73
CA PRO F 55 12.70 -5.14 -31.39
C PRO F 55 12.93 -4.21 -32.60
N THR F 56 13.39 -4.74 -33.75
CA THR F 56 13.70 -3.79 -34.79
C THR F 56 12.49 -3.02 -35.36
N SER F 57 11.31 -3.64 -35.48
CA SER F 57 10.12 -2.89 -35.87
C SER F 57 9.75 -1.75 -34.92
N LEU F 58 9.80 -2.02 -33.60
CA LEU F 58 9.67 -0.95 -32.61
C LEU F 58 10.57 0.25 -32.77
N GLN F 59 11.78 0.05 -33.24
CA GLN F 59 12.72 1.10 -33.11
C GLN F 59 12.58 1.95 -34.38
N LYS F 60 12.10 1.31 -35.44
CA LYS F 60 11.68 1.93 -36.69
C LYS F 60 10.47 2.87 -36.47
N LEU F 61 9.51 2.38 -35.68
CA LEU F 61 8.32 3.09 -35.34
C LEU F 61 8.68 4.33 -34.55
N PHE F 62 9.54 4.23 -33.59
CA PHE F 62 9.89 5.42 -32.87
C PHE F 62 10.81 6.30 -33.68
N ARG F 63 11.42 5.74 -34.70
CA ARG F 63 12.28 6.58 -35.49
C ARG F 63 11.29 7.44 -36.33
N GLU F 64 10.32 6.78 -36.97
CA GLU F 64 9.20 7.43 -37.66
C GLU F 64 8.46 8.49 -36.86
N VAL F 65 8.33 8.27 -35.57
CA VAL F 65 7.68 9.19 -34.72
C VAL F 65 8.56 10.41 -34.48
N ARG F 66 9.82 10.24 -34.08
CA ARG F 66 10.71 11.42 -33.83
C ARG F 66 10.72 12.37 -35.06
N ILE F 67 10.76 11.79 -36.27
CA ILE F 67 10.70 12.54 -37.54
C ILE F 67 9.39 13.34 -37.62
N MET F 68 8.24 12.66 -37.50
CA MET F 68 6.94 13.26 -37.52
C MET F 68 6.90 14.45 -36.57
N LYS F 69 7.60 14.43 -35.45
CA LYS F 69 7.58 15.59 -34.59
C LYS F 69 8.29 16.86 -35.00
N ILE F 70 9.25 16.81 -35.93
CA ILE F 70 9.97 18.01 -36.31
C ILE F 70 9.49 18.53 -37.66
N LEU F 71 8.60 17.82 -38.36
CA LEU F 71 8.10 18.36 -39.58
C LEU F 71 7.16 19.53 -39.24
N ASN F 72 7.25 20.64 -39.98
CA ASN F 72 6.39 21.73 -39.71
C ASN F 72 6.20 22.57 -40.94
N HIS F 73 5.31 22.10 -41.81
CA HIS F 73 5.14 22.55 -43.21
C HIS F 73 3.59 22.46 -43.62
N PRO F 74 3.02 23.53 -44.19
CA PRO F 74 1.50 23.54 -44.36
C PRO F 74 1.08 22.40 -45.33
N ASN F 75 2.08 21.71 -45.87
CA ASN F 75 1.78 20.71 -46.85
C ASN F 75 2.25 19.35 -46.45
N ILE F 76 2.46 19.16 -45.12
CA ILE F 76 2.85 17.87 -44.63
C ILE F 76 2.00 17.58 -43.43
N VAL F 77 1.27 16.48 -43.40
CA VAL F 77 0.48 16.21 -42.21
C VAL F 77 1.18 16.49 -40.93
N LYS F 78 0.52 17.23 -40.08
CA LYS F 78 1.13 17.65 -38.84
C LYS F 78 0.77 16.57 -37.80
N LEU F 79 1.65 16.35 -36.84
CA LEU F 79 1.36 15.40 -35.80
C LEU F 79 0.77 16.24 -34.69
N PHE F 80 -0.32 15.80 -34.03
CA PHE F 80 -0.80 16.64 -32.91
C PHE F 80 -0.42 16.06 -31.61
N GLU F 81 -0.61 14.76 -31.47
CA GLU F 81 -0.47 14.22 -30.14
C GLU F 81 0.12 12.82 -30.20
N VAL F 82 0.82 12.45 -29.12
CA VAL F 82 1.25 11.07 -28.99
C VAL F 82 0.73 10.42 -27.73
N ILE F 83 -0.06 9.36 -27.91
CA ILE F 83 -0.62 8.64 -26.74
C ILE F 83 -0.10 7.20 -26.77
N GLU F 84 0.46 6.77 -25.67
CA GLU F 84 1.03 5.47 -25.65
C GLU F 84 0.94 4.76 -24.31
N THR F 85 0.37 3.53 -24.33
CA THR F 85 0.31 2.59 -23.18
C THR F 85 1.62 1.79 -22.90
N GLU F 86 1.44 0.47 -22.70
CA GLU F 86 2.48 -0.54 -22.92
C GLU F 86 2.14 -1.34 -24.19
N LYS F 87 0.85 -1.68 -24.39
CA LYS F 87 0.41 -2.49 -25.52
C LYS F 87 0.23 -1.81 -26.91
N THR F 88 0.20 -0.46 -26.95
CA THR F 88 -0.34 0.28 -28.14
C THR F 88 0.00 1.77 -28.31
N LEU F 89 0.32 2.12 -29.56
CA LEU F 89 0.81 3.46 -29.85
C LEU F 89 -0.26 4.21 -30.63
N TYR F 90 -0.60 5.37 -30.12
CA TYR F 90 -1.58 6.20 -30.84
C TYR F 90 -0.90 7.44 -31.41
N LEU F 91 -1.04 7.68 -32.69
CA LEU F 91 -0.41 8.90 -33.17
C LEU F 91 -1.49 9.81 -33.69
N VAL F 92 -1.66 10.95 -32.99
CA VAL F 92 -2.80 11.82 -33.34
C VAL F 92 -2.30 12.85 -34.29
N MET F 93 -2.90 12.83 -35.46
CA MET F 93 -2.36 13.62 -36.50
C MET F 93 -3.38 14.38 -37.33
N GLU F 94 -2.92 15.22 -38.26
CA GLU F 94 -3.79 15.98 -39.10
C GLU F 94 -4.61 15.11 -40.00
N TYR F 95 -5.90 15.35 -40.01
CA TYR F 95 -6.77 14.70 -40.93
C TYR F 95 -6.94 15.35 -42.33
N ALA F 96 -6.95 14.57 -43.38
CA ALA F 96 -7.00 15.14 -44.73
C ALA F 96 -8.26 14.69 -45.42
N SER F 97 -9.31 15.47 -45.26
CA SER F 97 -10.64 14.99 -45.63
C SER F 97 -10.77 14.71 -47.10
N GLY F 98 -9.97 15.26 -47.99
CA GLY F 98 -10.10 14.95 -49.40
C GLY F 98 -9.49 13.62 -49.82
N GLY F 99 -8.88 12.86 -48.90
CA GLY F 99 -8.20 11.61 -49.33
C GLY F 99 -6.96 11.77 -50.21
N GLU F 100 -6.71 10.76 -51.04
CA GLU F 100 -5.47 10.58 -51.76
C GLU F 100 -5.47 11.18 -53.16
N VAL F 101 -4.34 11.65 -53.70
CA VAL F 101 -4.37 12.38 -54.96
C VAL F 101 -4.71 11.46 -56.10
N PHE F 102 -4.00 10.37 -56.22
CA PHE F 102 -4.32 9.42 -57.25
C PHE F 102 -5.81 8.97 -57.20
N ASP F 103 -6.40 8.82 -56.03
CA ASP F 103 -7.84 8.45 -56.02
C ASP F 103 -8.67 9.62 -56.48
N TYR F 104 -8.21 10.83 -56.13
CA TYR F 104 -8.91 12.00 -56.59
C TYR F 104 -8.88 12.16 -58.13
N LEU F 105 -7.75 11.86 -58.78
CA LEU F 105 -7.72 11.98 -60.24
C LEU F 105 -8.56 10.95 -60.91
N VAL F 106 -8.68 9.79 -60.25
CA VAL F 106 -9.50 8.75 -60.84
C VAL F 106 -10.98 9.29 -60.70
N ALA F 107 -11.41 9.55 -59.48
CA ALA F 107 -12.73 10.15 -59.27
C ALA F 107 -13.01 11.44 -60.06
N HIS F 108 -12.06 12.30 -60.42
CA HIS F 108 -12.50 13.63 -61.05
C HIS F 108 -11.82 13.94 -62.36
N GLY F 109 -10.94 13.05 -62.77
CA GLY F 109 -10.17 13.19 -63.99
C GLY F 109 -9.05 14.21 -63.90
N ARG F 110 -8.46 14.51 -65.04
CA ARG F 110 -7.26 15.34 -65.09
C ARG F 110 -7.55 16.76 -64.64
N MET F 111 -6.73 17.34 -63.78
CA MET F 111 -6.73 18.78 -63.52
C MET F 111 -6.27 19.68 -64.66
N LYS F 112 -6.88 20.86 -64.72
CA LYS F 112 -6.40 21.93 -65.62
C LYS F 112 -4.96 22.27 -65.14
N GLU F 113 -4.09 22.68 -66.04
CA GLU F 113 -2.67 23.00 -65.70
C GLU F 113 -2.58 23.95 -64.53
N LYS F 114 -3.52 24.89 -64.48
CA LYS F 114 -3.46 25.90 -63.41
C LYS F 114 -3.64 25.28 -62.04
N GLU F 115 -4.54 24.30 -61.94
CA GLU F 115 -4.79 23.68 -60.63
C GLU F 115 -3.58 22.67 -60.32
N ALA F 116 -3.07 22.00 -61.35
CA ALA F 116 -1.97 21.05 -61.22
C ALA F 116 -0.80 21.84 -60.64
N ARG F 117 -0.57 23.05 -61.16
CA ARG F 117 0.50 23.87 -60.70
C ARG F 117 0.39 24.16 -59.21
N ALA F 118 -0.79 24.48 -58.75
CA ALA F 118 -0.88 24.82 -57.35
C ALA F 118 -0.52 23.63 -56.42
N LYS F 119 -0.92 22.46 -56.87
CA LYS F 119 -0.75 21.29 -56.13
C LYS F 119 0.74 20.89 -56.24
N PHE F 120 1.36 21.10 -57.39
CA PHE F 120 2.68 20.52 -57.64
C PHE F 120 3.65 21.49 -56.92
N ARG F 121 3.36 22.79 -56.98
CA ARG F 121 4.13 23.69 -56.15
C ARG F 121 4.14 23.18 -54.70
N GLN F 122 3.01 22.71 -54.21
CA GLN F 122 3.00 22.25 -52.81
C GLN F 122 3.83 20.96 -52.67
N ILE F 123 3.80 20.11 -53.66
CA ILE F 123 4.45 18.80 -53.55
C ILE F 123 5.93 19.02 -53.44
N VAL F 124 6.45 19.79 -54.41
CA VAL F 124 7.86 19.91 -54.59
C VAL F 124 8.31 20.58 -53.36
N SER F 125 7.60 21.62 -52.92
CA SER F 125 8.03 22.29 -51.69
C SER F 125 8.08 21.35 -50.45
N ALA F 126 7.15 20.43 -50.31
CA ALA F 126 7.11 19.66 -49.07
C ALA F 126 8.24 18.66 -49.14
N VAL F 127 8.46 18.13 -50.32
CA VAL F 127 9.43 17.13 -50.53
C VAL F 127 10.86 17.75 -50.28
N GLN F 128 11.23 18.86 -50.95
CA GLN F 128 12.52 19.50 -50.72
C GLN F 128 12.66 19.73 -49.19
N TYR F 129 11.64 20.30 -48.65
CA TYR F 129 11.65 20.49 -47.22
C TYR F 129 11.90 19.23 -46.42
N CYS F 130 11.27 18.12 -46.84
CA CYS F 130 11.54 16.84 -46.18
C CYS F 130 13.05 16.54 -46.14
N HIS F 131 13.69 16.64 -47.28
CA HIS F 131 15.10 16.31 -47.36
C HIS F 131 15.99 17.33 -46.61
N GLN F 132 15.49 18.49 -46.25
CA GLN F 132 16.29 19.38 -45.39
C GLN F 132 16.24 18.91 -43.94
N LYS F 133 15.36 17.99 -43.61
CA LYS F 133 15.01 17.73 -42.24
C LYS F 133 15.33 16.35 -41.76
N TYR F 134 15.24 15.34 -42.61
CA TYR F 134 15.64 14.02 -42.13
C TYR F 134 16.00 13.28 -43.36
N ILE F 135 16.63 12.12 -43.16
CA ILE F 135 17.09 11.29 -44.25
C ILE F 135 15.93 10.46 -44.73
N VAL F 136 15.71 10.55 -46.00
CA VAL F 136 14.57 9.94 -46.55
C VAL F 136 15.03 8.64 -47.07
N HIS F 137 14.43 7.55 -46.65
CA HIS F 137 15.04 6.29 -47.00
C HIS F 137 14.41 5.54 -48.13
N ARG F 138 13.21 5.94 -48.54
CA ARG F 138 12.43 5.15 -49.49
C ARG F 138 11.81 6.14 -50.46
N ASP F 139 11.44 5.71 -51.66
CA ASP F 139 10.81 6.68 -52.59
C ASP F 139 9.43 7.23 -52.15
N LEU F 140 9.10 8.39 -52.70
CA LEU F 140 7.74 8.90 -52.74
C LEU F 140 6.70 7.82 -53.21
N LYS F 141 5.57 7.68 -52.52
CA LYS F 141 4.47 6.73 -52.88
C LYS F 141 3.12 7.47 -52.93
N ALA F 142 2.15 6.92 -53.68
CA ALA F 142 0.82 7.46 -53.84
C ALA F 142 0.14 7.71 -52.49
N GLU F 143 0.20 6.74 -51.57
CA GLU F 143 -0.44 6.98 -50.27
C GLU F 143 0.15 8.17 -49.50
N ASN F 144 1.29 8.72 -49.94
CA ASN F 144 1.92 9.86 -49.25
C ASN F 144 1.17 11.13 -49.60
N LEU F 145 0.43 11.12 -50.71
CA LEU F 145 -0.12 12.32 -51.35
C LEU F 145 -1.62 12.48 -51.08
N LEU F 146 -1.93 13.33 -50.10
CA LEU F 146 -3.31 13.49 -49.65
C LEU F 146 -3.81 14.86 -50.01
N LEU F 147 -5.13 15.03 -50.06
CA LEU F 147 -5.70 16.38 -50.17
C LEU F 147 -6.44 16.68 -48.88
N ASP F 148 -6.43 17.96 -48.47
CA ASP F 148 -7.30 18.33 -47.36
C ASP F 148 -8.68 18.90 -47.84
N GLY F 149 -9.56 19.24 -46.89
CA GLY F 149 -10.82 19.90 -47.11
C GLY F 149 -10.75 20.96 -48.17
N ASP F 150 -9.72 21.82 -48.13
CA ASP F 150 -9.68 22.90 -49.09
C ASP F 150 -8.92 22.54 -50.27
N MET F 151 -8.68 21.27 -50.48
CA MET F 151 -7.94 20.87 -51.68
C MET F 151 -6.37 21.20 -51.67
N ASN F 152 -5.80 21.47 -50.50
CA ASN F 152 -4.37 21.65 -50.42
C ASN F 152 -3.74 20.27 -50.30
N ILE F 153 -2.55 20.10 -50.90
CA ILE F 153 -1.75 18.88 -50.76
C ILE F 153 -1.40 18.64 -49.29
N LYS F 154 -1.47 17.42 -48.82
CA LYS F 154 -0.83 17.15 -47.52
C LYS F 154 0.04 15.94 -47.73
N ILE F 155 1.31 15.98 -47.34
CA ILE F 155 2.06 14.76 -47.58
C ILE F 155 2.26 14.07 -46.31
N ALA F 156 2.21 12.76 -46.35
CA ALA F 156 2.33 11.96 -45.11
C ALA F 156 3.36 10.87 -45.33
N ASP F 157 4.21 10.68 -44.31
CA ASP F 157 5.04 9.51 -44.20
C ASP F 157 6.05 9.25 -45.35
N PHE F 158 6.51 10.33 -45.96
CA PHE F 158 7.47 10.29 -47.00
C PHE F 158 8.80 9.64 -46.57
N GLY F 159 9.10 8.53 -47.23
CA GLY F 159 10.26 7.75 -46.90
C GLY F 159 10.01 6.74 -45.80
N PHE F 160 8.86 6.77 -45.15
CA PHE F 160 8.57 5.79 -44.10
C PHE F 160 8.40 4.35 -44.65
N SER F 161 8.42 3.37 -43.74
CA SER F 161 8.45 1.98 -44.11
C SER F 161 7.08 1.43 -44.45
N ASN F 162 7.07 0.41 -45.28
CA ASN F 162 5.89 -0.37 -45.62
C ASN F 162 5.14 -0.86 -44.39
N GLU F 163 5.90 -1.03 -43.31
CA GLU F 163 5.42 -1.72 -42.13
C GLU F 163 4.25 -1.01 -41.51
N PHE F 164 4.33 0.31 -41.29
CA PHE F 164 3.21 0.96 -40.63
C PHE F 164 2.38 1.80 -41.58
N THR F 165 2.39 1.40 -42.85
CA THR F 165 1.74 2.06 -43.97
C THR F 165 0.27 1.76 -43.95
N VAL F 166 -0.52 2.74 -44.34
CA VAL F 166 -1.88 2.41 -44.66
C VAL F 166 -1.92 1.91 -46.10
N GLY F 167 -2.70 0.82 -46.28
CA GLY F 167 -3.08 0.18 -47.59
C GLY F 167 -3.30 1.13 -48.77
N ASN F 168 -3.31 0.56 -49.98
CA ASN F 168 -2.84 1.35 -51.10
C ASN F 168 -2.86 0.82 -52.53
N LYS F 169 -3.62 -0.24 -52.85
CA LYS F 169 -3.66 -0.75 -54.26
C LYS F 169 -2.52 -0.19 -55.17
N LEU F 170 -2.64 1.07 -55.60
CA LEU F 170 -1.78 1.65 -56.61
C LEU F 170 -0.31 1.36 -56.31
N ASP F 171 0.10 1.54 -55.06
CA ASP F 171 1.52 1.43 -54.73
C ASP F 171 2.05 0.04 -54.90
N THR F 172 1.25 -0.94 -54.48
CA THR F 172 1.71 -2.33 -54.46
C THR F 172 0.78 -3.20 -55.24
N PHE F 173 0.13 -2.67 -56.27
CA PHE F 173 -0.75 -3.54 -57.07
C PHE F 173 0.06 -4.38 -58.03
N CYS F 174 1.27 -3.93 -58.37
CA CYS F 174 1.98 -4.50 -59.46
C CYS F 174 3.40 -4.68 -59.05
N GLY F 175 3.64 -4.99 -57.77
CA GLY F 175 5.00 -5.31 -57.32
C GLY F 175 5.81 -4.03 -57.17
N SER F 176 6.32 -3.45 -58.28
CA SER F 176 6.75 -2.01 -58.30
C SER F 176 5.68 -1.01 -58.82
N PRO F 177 5.50 0.11 -58.09
CA PRO F 177 4.47 1.06 -58.48
C PRO F 177 4.85 1.81 -59.78
N PRO F 178 3.85 2.25 -60.58
CA PRO F 178 4.08 2.88 -61.92
C PRO F 178 4.84 4.24 -61.83
N TYR F 179 5.02 4.74 -60.61
CA TYR F 179 5.72 5.98 -60.53
C TYR F 179 7.16 5.76 -60.12
N ALA F 180 7.67 4.54 -60.21
CA ALA F 180 9.01 4.27 -59.72
C ALA F 180 10.05 4.33 -60.83
N ALA F 181 11.25 4.74 -60.42
CA ALA F 181 12.30 5.26 -61.32
C ALA F 181 13.01 4.12 -62.00
N PRO F 182 13.51 4.33 -63.24
CA PRO F 182 14.18 3.27 -63.99
C PRO F 182 15.08 2.47 -63.04
N GLU F 183 15.89 3.17 -62.25
CA GLU F 183 16.79 2.50 -61.37
C GLU F 183 16.11 1.71 -60.28
N LEU F 184 14.95 2.09 -59.77
CA LEU F 184 14.39 1.19 -58.74
C LEU F 184 14.02 -0.16 -59.35
N PHE F 185 13.64 -0.18 -60.63
CA PHE F 185 13.19 -1.38 -61.34
C PHE F 185 14.34 -2.30 -61.52
N GLN F 186 15.46 -1.69 -61.91
CA GLN F 186 16.69 -2.38 -62.05
C GLN F 186 17.29 -2.90 -60.68
N GLY F 187 16.49 -2.97 -59.61
CA GLY F 187 17.04 -3.24 -58.26
C GLY F 187 18.02 -2.29 -57.49
N LYS F 188 18.43 -1.12 -58.00
CA LYS F 188 19.16 -0.10 -57.15
C LYS F 188 18.28 0.35 -55.92
N LYS F 189 18.87 0.47 -54.74
CA LYS F 189 18.09 0.95 -53.62
C LYS F 189 17.95 2.51 -53.68
N TYR F 190 16.90 3.03 -53.05
CA TYR F 190 16.60 4.46 -53.19
C TYR F 190 17.80 5.27 -52.72
N ASP F 191 18.06 6.45 -53.27
CA ASP F 191 19.14 7.29 -52.71
C ASP F 191 19.02 8.82 -52.92
N GLY F 192 17.87 9.40 -52.69
CA GLY F 192 17.86 10.80 -52.69
C GLY F 192 16.88 11.41 -53.63
N PRO F 193 16.90 12.72 -53.64
CA PRO F 193 16.07 13.50 -54.45
C PRO F 193 16.17 13.02 -55.85
N GLU F 194 17.26 12.44 -56.32
CA GLU F 194 17.19 12.21 -57.77
C GLU F 194 16.01 11.34 -58.13
N VAL F 195 15.76 10.35 -57.30
CA VAL F 195 14.67 9.45 -57.52
C VAL F 195 13.36 10.19 -57.35
N ASP F 196 13.23 11.05 -56.35
CA ASP F 196 12.00 11.80 -56.17
C ASP F 196 11.58 12.41 -57.51
N VAL F 197 12.57 12.97 -58.20
CA VAL F 197 12.30 13.87 -59.30
C VAL F 197 11.63 13.12 -60.44
N TRP F 198 12.08 11.89 -60.69
CA TRP F 198 11.40 11.04 -61.67
C TRP F 198 9.90 10.81 -61.23
N SER F 199 9.66 10.44 -59.95
CA SER F 199 8.31 10.09 -59.54
C SER F 199 7.46 11.33 -59.60
N LEU F 200 8.11 12.48 -59.42
CA LEU F 200 7.50 13.76 -59.43
C LEU F 200 7.06 14.01 -60.84
N GLY F 201 7.80 13.47 -61.78
CA GLY F 201 7.43 13.66 -63.22
C GLY F 201 6.20 12.83 -63.51
N VAL F 202 6.14 11.63 -62.91
CA VAL F 202 5.00 10.76 -63.06
C VAL F 202 3.76 11.47 -62.43
N ILE F 203 3.91 11.93 -61.19
CA ILE F 203 2.91 12.72 -60.56
C ILE F 203 2.34 13.84 -61.49
N LEU F 204 3.19 14.64 -62.07
CA LEU F 204 2.72 15.79 -62.82
C LEU F 204 2.02 15.27 -64.09
N TYR F 205 2.64 14.32 -64.75
CA TYR F 205 2.03 13.74 -65.95
C TYR F 205 0.62 13.28 -65.59
N THR F 206 0.43 12.69 -64.43
CA THR F 206 -0.86 12.15 -64.19
C THR F 206 -1.76 13.28 -63.67
N LEU F 207 -1.19 14.32 -63.07
CA LEU F 207 -2.07 15.32 -62.51
C LEU F 207 -2.65 16.04 -63.69
N VAL F 208 -1.86 16.22 -64.75
CA VAL F 208 -2.37 17.03 -65.87
C VAL F 208 -3.02 16.28 -67.02
N SER F 209 -2.76 14.96 -67.14
CA SER F 209 -3.36 14.18 -68.22
C SER F 209 -4.47 13.21 -67.76
N GLY F 210 -4.50 12.86 -66.46
CA GLY F 210 -5.45 11.90 -65.90
C GLY F 210 -4.98 10.49 -66.13
N SER F 211 -3.89 10.34 -66.85
CA SER F 211 -3.35 9.02 -67.14
C SER F 211 -1.89 8.86 -66.70
N LEU F 212 -1.46 7.60 -66.51
CA LEU F 212 -0.06 7.28 -66.24
C LEU F 212 0.81 7.49 -67.46
N PRO F 213 2.06 7.96 -67.28
CA PRO F 213 2.90 8.03 -68.44
C PRO F 213 3.39 6.64 -68.81
N PHE F 214 3.41 5.71 -67.87
CA PHE F 214 3.95 4.39 -68.22
C PHE F 214 3.03 3.29 -67.85
N ASP F 215 2.57 2.53 -68.83
CA ASP F 215 1.56 1.47 -68.56
C ASP F 215 2.04 0.05 -68.81
N GLY F 216 1.24 -0.94 -68.42
CA GLY F 216 1.57 -2.37 -68.73
C GLY F 216 0.60 -3.43 -68.22
N GLN F 217 0.36 -4.50 -68.98
CA GLN F 217 -0.60 -5.57 -68.48
C GLN F 217 -0.01 -6.24 -67.24
N ASN F 218 1.31 -6.19 -67.08
CA ASN F 218 2.01 -6.90 -65.99
C ASN F 218 3.38 -6.26 -65.65
N LEU F 219 4.01 -6.76 -64.60
CA LEU F 219 5.29 -6.20 -64.20
C LEU F 219 6.37 -6.15 -65.29
N LYS F 220 6.57 -7.22 -66.07
CA LYS F 220 7.54 -7.17 -67.19
C LYS F 220 7.23 -6.02 -68.15
N GLU F 221 5.98 -5.84 -68.48
CA GLU F 221 5.66 -4.88 -69.50
C GLU F 221 5.82 -3.47 -68.95
N LEU F 222 5.50 -3.26 -67.67
CA LEU F 222 5.71 -1.94 -67.07
C LEU F 222 7.19 -1.64 -67.10
N ARG F 223 7.97 -2.60 -66.60
CA ARG F 223 9.38 -2.35 -66.37
C ARG F 223 10.05 -1.95 -67.67
N GLU F 224 9.63 -2.60 -68.71
CA GLU F 224 10.19 -2.33 -69.97
C GLU F 224 9.93 -0.92 -70.43
N ARG F 225 8.74 -0.42 -70.13
CA ARG F 225 8.27 0.81 -70.75
C ARG F 225 8.86 1.95 -69.94
N VAL F 226 8.88 1.75 -68.62
CA VAL F 226 9.66 2.62 -67.79
C VAL F 226 11.12 2.64 -68.21
N LEU F 227 11.77 1.48 -68.39
CA LEU F 227 13.22 1.56 -68.73
C LEU F 227 13.43 2.21 -70.06
N ARG F 228 12.44 2.08 -70.94
CA ARG F 228 12.50 2.73 -72.23
C ARG F 228 12.31 4.21 -72.05
N GLY F 229 11.46 4.62 -71.14
CA GLY F 229 11.29 6.07 -70.96
C GLY F 229 10.63 6.94 -72.02
N LYS F 230 10.18 6.42 -73.20
CA LYS F 230 9.36 7.25 -74.17
C LYS F 230 7.98 7.46 -73.57
N TYR F 231 7.37 8.61 -73.70
CA TYR F 231 6.00 8.80 -73.15
C TYR F 231 5.19 9.82 -73.97
N ARG F 232 3.88 9.61 -74.09
CA ARG F 232 3.07 10.40 -75.07
C ARG F 232 2.87 11.78 -74.51
N ILE F 233 3.05 12.79 -75.34
CA ILE F 233 2.70 14.10 -74.86
C ILE F 233 1.25 14.39 -75.28
N PRO F 234 0.37 14.64 -74.33
CA PRO F 234 -0.99 14.94 -74.82
C PRO F 234 -0.98 16.23 -75.66
N PHE F 235 -1.74 16.25 -76.75
CA PHE F 235 -1.86 17.39 -77.63
C PHE F 235 -2.26 18.59 -76.76
N TYR F 236 -3.03 18.42 -75.69
CA TYR F 236 -3.47 19.64 -74.97
C TYR F 236 -2.47 20.14 -73.87
N MET F 237 -1.40 19.38 -73.57
CA MET F 237 -0.40 19.83 -72.59
C MET F 237 0.36 21.00 -73.16
N SER F 238 0.65 22.00 -72.34
CA SER F 238 1.39 23.17 -72.77
C SER F 238 2.82 22.84 -72.97
N THR F 239 3.46 23.64 -73.79
CA THR F 239 4.84 23.37 -74.02
C THR F 239 5.72 23.56 -72.75
N ASP F 240 5.36 24.55 -71.93
CA ASP F 240 5.93 24.74 -70.60
C ASP F 240 5.84 23.47 -69.76
N CYS F 241 4.62 22.95 -69.61
CA CYS F 241 4.46 21.68 -68.93
C CYS F 241 5.33 20.55 -69.54
N GLU F 242 5.56 20.59 -70.86
CA GLU F 242 6.20 19.48 -71.51
C GLU F 242 7.69 19.49 -71.20
N ASN F 243 8.19 20.70 -71.23
CA ASN F 243 9.56 21.00 -70.99
C ASN F 243 9.97 20.80 -69.57
N LEU F 244 9.09 21.22 -68.62
CA LEU F 244 9.22 20.83 -67.23
C LEU F 244 9.42 19.30 -67.23
N LEU F 245 8.52 18.55 -67.89
CA LEU F 245 8.60 17.10 -67.90
C LEU F 245 9.96 16.62 -68.52
N LYS F 246 10.49 17.40 -69.45
CA LYS F 246 11.81 17.06 -70.07
C LYS F 246 12.97 17.12 -69.06
N LYS F 247 12.75 17.68 -67.88
CA LYS F 247 13.70 17.84 -66.82
C LYS F 247 13.41 16.84 -65.73
N LEU F 248 12.27 16.12 -65.77
CA LEU F 248 12.01 15.12 -64.74
C LEU F 248 12.05 13.69 -65.25
N LEU F 249 11.36 13.36 -66.34
CA LEU F 249 11.35 11.95 -66.83
C LEU F 249 12.55 11.83 -67.81
N VAL F 250 13.73 11.75 -67.19
CA VAL F 250 15.02 11.58 -67.84
C VAL F 250 15.63 10.36 -67.20
N LEU F 251 15.90 9.39 -68.07
CA LEU F 251 16.52 8.09 -67.76
C LEU F 251 17.72 8.11 -66.84
N ASN F 252 18.63 9.06 -67.04
CA ASN F 252 19.84 9.06 -66.27
C ASN F 252 19.67 9.97 -65.06
N PRO F 253 19.77 9.38 -63.84
CA PRO F 253 19.44 10.13 -62.64
C PRO F 253 20.19 11.47 -62.51
N ILE F 254 21.43 11.52 -63.01
CA ILE F 254 22.22 12.70 -62.79
C ILE F 254 21.92 13.73 -63.86
N LYS F 255 21.14 13.38 -64.85
CA LYS F 255 20.73 14.32 -65.88
C LYS F 255 19.39 14.92 -65.51
N ARG F 256 18.74 14.43 -64.46
CA ARG F 256 17.54 15.14 -64.00
C ARG F 256 17.87 16.48 -63.37
N GLY F 257 16.89 17.36 -63.31
CA GLY F 257 16.97 18.57 -62.53
C GLY F 257 16.95 18.19 -61.06
N SER F 258 17.39 19.09 -60.21
CA SER F 258 17.23 18.93 -58.77
C SER F 258 15.96 19.69 -58.32
N LEU F 259 15.55 19.42 -57.10
CA LEU F 259 14.41 20.09 -56.52
C LEU F 259 14.55 21.62 -56.57
N GLU F 260 15.74 22.12 -56.17
CA GLU F 260 15.94 23.58 -56.13
C GLU F 260 15.87 23.97 -57.65
N GLN F 261 16.42 23.19 -58.58
CA GLN F 261 16.19 23.62 -59.98
C GLN F 261 14.71 23.67 -60.46
N ILE F 262 13.93 22.64 -60.18
CA ILE F 262 12.57 22.49 -60.60
C ILE F 262 11.87 23.68 -60.01
N MET F 263 12.18 24.04 -58.77
CA MET F 263 11.46 25.15 -58.19
C MET F 263 11.54 26.39 -59.04
N LYS F 264 12.65 26.53 -59.79
CA LYS F 264 12.77 27.66 -60.68
C LYS F 264 12.21 27.40 -62.05
N ASP F 265 11.66 26.24 -62.31
CA ASP F 265 11.14 25.97 -63.69
C ASP F 265 10.05 26.98 -64.09
N ARG F 266 9.92 27.21 -65.39
CA ARG F 266 9.01 28.20 -65.85
C ARG F 266 7.52 27.81 -65.56
N TRP F 267 7.11 26.65 -66.06
CA TRP F 267 5.78 26.18 -65.76
C TRP F 267 5.46 26.26 -64.29
N MET F 268 6.40 25.91 -63.43
CA MET F 268 6.19 26.00 -62.00
C MET F 268 5.73 27.39 -61.53
N ASN F 269 6.15 28.41 -62.26
CA ASN F 269 5.98 29.78 -61.72
C ASN F 269 4.98 30.66 -62.51
N VAL F 270 4.47 30.15 -63.61
CA VAL F 270 3.38 30.81 -64.27
C VAL F 270 2.37 31.32 -63.26
N GLY F 271 2.12 32.63 -63.36
CA GLY F 271 1.31 33.35 -62.44
C GLY F 271 1.91 33.58 -61.07
N HIS F 272 3.22 33.36 -60.92
CA HIS F 272 3.99 33.75 -59.72
C HIS F 272 5.37 34.26 -60.21
N GLU F 273 5.41 34.91 -61.39
CA GLU F 273 6.69 35.41 -62.05
C GLU F 273 7.74 36.26 -61.21
N GLU F 274 7.26 36.86 -60.13
CA GLU F 274 8.09 37.65 -59.20
C GLU F 274 8.29 36.99 -57.81
N GLU F 275 7.40 36.04 -57.46
CA GLU F 275 7.44 35.27 -56.18
C GLU F 275 7.64 33.75 -56.54
N GLU F 276 8.71 33.55 -57.29
CA GLU F 276 9.36 32.27 -57.54
C GLU F 276 9.17 31.33 -56.34
N LEU F 277 8.77 30.11 -56.61
CA LEU F 277 8.78 29.10 -55.58
C LEU F 277 10.20 28.83 -55.07
N LYS F 278 10.33 28.49 -53.79
CA LYS F 278 11.59 28.63 -53.07
C LYS F 278 11.56 27.66 -51.94
N PRO F 279 12.70 27.10 -51.60
CA PRO F 279 12.72 26.22 -50.40
C PRO F 279 11.97 26.77 -49.21
N TYR F 280 11.10 25.98 -48.63
CA TYR F 280 10.29 26.49 -47.55
C TYR F 280 11.08 26.82 -46.31
N THR F 281 10.60 27.75 -45.51
CA THR F 281 11.30 27.96 -44.23
C THR F 281 10.28 28.09 -43.11
N GLU F 282 10.57 27.49 -41.96
CA GLU F 282 9.61 27.42 -40.87
C GLU F 282 9.42 28.78 -40.24
N PRO F 283 8.18 29.18 -39.97
CA PRO F 283 8.00 30.45 -39.30
C PRO F 283 8.21 30.18 -37.80
N ASP F 284 8.56 31.25 -37.07
CA ASP F 284 8.68 31.21 -35.65
C ASP F 284 7.46 30.71 -34.96
N PRO F 285 7.64 29.85 -33.95
CA PRO F 285 6.51 29.33 -33.19
C PRO F 285 5.73 30.45 -32.52
N ASP F 286 4.39 30.41 -32.60
CA ASP F 286 3.60 31.19 -31.69
C ASP F 286 3.15 30.42 -30.46
N PHE F 287 3.85 30.55 -29.36
CA PHE F 287 3.32 29.87 -28.22
C PHE F 287 2.56 30.82 -27.32
N ASN F 288 2.28 32.02 -27.79
CA ASN F 288 1.79 33.01 -26.86
C ASN F 288 0.46 33.69 -27.17
N ASP F 289 -0.44 32.96 -27.80
CA ASP F 289 -1.73 33.46 -28.16
C ASP F 289 -2.57 33.47 -26.92
N THR F 290 -2.93 34.68 -26.50
CA THR F 290 -3.62 34.90 -25.24
C THR F 290 -5.04 34.38 -25.43
N LYS F 291 -5.58 34.36 -26.67
CA LYS F 291 -6.97 33.85 -26.82
C LYS F 291 -6.86 32.38 -26.39
N ARG F 292 -5.94 31.68 -27.05
CA ARG F 292 -5.84 30.26 -26.81
C ARG F 292 -5.41 29.98 -25.37
N ILE F 293 -4.47 30.76 -24.88
CA ILE F 293 -4.05 30.51 -23.54
C ILE F 293 -5.19 30.70 -22.61
N ASP F 294 -5.90 31.82 -22.79
CA ASP F 294 -7.05 32.13 -21.96
C ASP F 294 -8.09 31.03 -22.01
N ILE F 295 -8.38 30.51 -23.20
CA ILE F 295 -9.38 29.47 -23.28
C ILE F 295 -8.93 28.26 -22.51
N MET F 296 -7.69 27.84 -22.79
CA MET F 296 -7.06 26.72 -22.08
C MET F 296 -7.00 26.86 -20.54
N VAL F 297 -6.66 28.02 -20.02
CA VAL F 297 -6.79 28.20 -18.57
C VAL F 297 -8.26 28.00 -18.12
N THR F 298 -9.21 28.56 -18.85
CA THR F 298 -10.58 28.36 -18.45
C THR F 298 -10.85 26.89 -18.47
N MET F 299 -10.33 26.17 -19.47
CA MET F 299 -10.51 24.71 -19.48
C MET F 299 -9.86 24.08 -18.25
N GLY F 300 -9.02 24.84 -17.56
CA GLY F 300 -8.33 24.33 -16.35
C GLY F 300 -6.89 23.78 -16.57
N PHE F 301 -6.22 24.17 -17.66
CA PHE F 301 -4.81 24.06 -17.79
C PHE F 301 -4.13 25.19 -17.02
N ALA F 302 -2.89 25.00 -16.62
CA ALA F 302 -2.23 26.11 -15.96
C ALA F 302 -1.35 26.80 -16.97
N ARG F 303 -1.12 28.09 -16.77
CA ARG F 303 -0.46 28.86 -17.80
C ARG F 303 0.91 28.29 -17.97
N ASP F 304 1.59 27.97 -16.87
CA ASP F 304 3.02 27.56 -16.97
C ASP F 304 3.09 26.14 -17.48
N GLU F 305 2.10 25.33 -17.12
CA GLU F 305 1.90 24.01 -17.73
C GLU F 305 1.82 24.05 -19.29
N ILE F 306 1.07 24.99 -19.86
CA ILE F 306 0.92 25.16 -21.27
C ILE F 306 2.27 25.55 -21.91
N ASN F 307 2.94 26.53 -21.33
CA ASN F 307 4.22 26.93 -21.88
C ASN F 307 5.25 25.79 -21.86
N ASP F 308 5.29 25.07 -20.74
CA ASP F 308 6.12 23.89 -20.65
C ASP F 308 5.85 22.93 -21.74
N ALA F 309 4.60 22.52 -21.97
CA ALA F 309 4.37 21.54 -23.02
C ALA F 309 4.80 22.06 -24.39
N LEU F 310 4.71 23.38 -24.65
CA LEU F 310 5.09 23.90 -25.98
C LEU F 310 6.61 23.97 -26.23
N ILE F 311 7.30 24.64 -25.31
CA ILE F 311 8.69 24.89 -25.36
C ILE F 311 9.38 23.53 -25.33
N ASN F 312 8.93 22.57 -24.54
CA ASN F 312 9.49 21.19 -24.63
C ASN F 312 8.86 20.29 -25.67
N GLN F 313 7.99 20.86 -26.50
CA GLN F 313 7.44 20.10 -27.61
C GLN F 313 7.00 18.73 -27.16
N LYS F 314 6.26 18.65 -26.05
CA LYS F 314 5.84 17.35 -25.46
C LYS F 314 4.84 16.46 -26.18
N TYR F 315 4.17 16.98 -27.21
CA TYR F 315 3.09 16.18 -27.77
C TYR F 315 2.12 15.49 -26.80
N ASP F 316 1.79 16.19 -25.70
CA ASP F 316 0.85 15.68 -24.71
C ASP F 316 -0.54 16.30 -24.93
N GLU F 317 -1.45 16.07 -23.99
CA GLU F 317 -2.85 16.48 -24.11
C GLU F 317 -2.91 18.03 -24.21
N VAL F 318 -1.89 18.68 -23.65
CA VAL F 318 -1.86 20.11 -23.51
C VAL F 318 -1.43 20.77 -24.81
N MET F 319 -0.22 20.50 -25.26
CA MET F 319 0.15 20.93 -26.59
C MET F 319 -0.91 20.50 -27.61
N ALA F 320 -1.33 19.26 -27.68
CA ALA F 320 -2.43 18.91 -28.60
C ALA F 320 -3.51 19.98 -28.67
N THR F 321 -4.01 20.37 -27.49
CA THR F 321 -5.14 21.25 -27.32
C THR F 321 -4.88 22.68 -27.90
N TYR F 322 -3.67 23.20 -27.57
CA TYR F 322 -3.20 24.50 -27.99
C TYR F 322 -3.11 24.40 -29.50
N ILE F 323 -2.65 23.27 -30.03
CA ILE F 323 -2.52 23.34 -31.46
C ILE F 323 -3.90 23.33 -32.07
N LEU F 324 -4.78 22.44 -31.59
CA LEU F 324 -6.07 22.21 -32.25
C LEU F 324 -7.04 23.44 -32.14
N LEU F 325 -6.89 24.21 -31.07
CA LEU F 325 -7.69 25.39 -30.90
C LEU F 325 -7.24 26.39 -32.01
N GLY F 326 -6.05 26.21 -32.59
CA GLY F 326 -5.56 27.15 -33.58
C GLY F 326 -6.03 26.75 -34.93
N ARG F 327 -6.74 25.64 -35.06
CA ARG F 327 -7.20 25.23 -36.41
C ARG F 327 -8.72 25.24 -36.61
N LYS F 328 -9.11 25.33 -37.89
CA LYS F 328 -10.46 25.28 -38.41
C LYS F 328 -11.08 23.98 -37.91
N PRO G 12 -47.63 -2.29 14.28
CA PRO G 12 -46.36 -3.03 13.96
C PRO G 12 -45.13 -2.39 14.67
N HIS G 13 -44.92 -2.68 15.96
CA HIS G 13 -44.20 -1.76 16.82
C HIS G 13 -42.91 -2.34 17.35
N ILE G 14 -41.95 -1.49 17.73
CA ILE G 14 -40.93 -1.92 18.66
C ILE G 14 -40.72 -0.81 19.66
N GLY G 15 -41.04 -1.08 20.92
CA GLY G 15 -41.02 -0.09 21.99
C GLY G 15 -41.83 1.12 21.57
N ASN G 16 -41.33 2.33 21.76
CA ASN G 16 -42.19 3.43 21.42
C ASN G 16 -42.21 3.84 19.93
N TYR G 17 -41.86 2.90 19.05
CA TYR G 17 -41.65 3.21 17.65
C TYR G 17 -42.53 2.45 16.72
N ARG G 18 -43.50 3.13 16.09
CA ARG G 18 -44.31 2.54 15.04
C ARG G 18 -43.44 2.54 13.82
N LEU G 19 -43.04 1.36 13.35
CA LEU G 19 -42.25 1.16 12.11
C LEU G 19 -42.96 1.42 10.77
N GLN G 20 -42.39 2.23 9.87
CA GLN G 20 -42.98 2.42 8.55
C GLN G 20 -42.23 1.56 7.46
N LYS G 21 -42.10 2.04 6.20
CA LYS G 21 -41.05 1.57 5.23
C LYS G 21 -39.80 0.89 5.80
N THR G 22 -39.39 -0.17 5.13
CA THR G 22 -38.01 -0.53 5.16
C THR G 22 -37.20 0.51 4.39
N ILE G 23 -36.03 0.89 4.89
CA ILE G 23 -35.09 1.67 4.04
C ILE G 23 -33.84 0.86 3.77
N GLY G 24 -33.37 0.16 4.79
CA GLY G 24 -32.15 -0.59 4.69
C GLY G 24 -32.24 -2.11 4.82
N LYS G 25 -31.73 -2.80 3.79
CA LYS G 25 -31.58 -4.26 3.79
C LYS G 25 -30.08 -4.63 3.62
N GLY G 26 -29.60 -5.47 4.53
CA GLY G 26 -28.21 -5.92 4.47
C GLY G 26 -28.19 -7.40 4.74
N ASN G 27 -27.03 -8.04 4.52
CA ASN G 27 -26.86 -9.47 4.85
C ASN G 27 -27.40 -9.76 6.27
N PHE G 28 -26.93 -8.95 7.21
CA PHE G 28 -27.15 -9.18 8.63
C PHE G 28 -28.03 -8.10 9.32
N ALA G 29 -28.15 -6.91 8.68
CA ALA G 29 -28.79 -5.75 9.28
C ALA G 29 -29.89 -5.14 8.44
N LYS G 30 -30.98 -4.77 9.09
CA LYS G 30 -32.04 -4.10 8.42
C LYS G 30 -32.26 -2.75 9.07
N VAL G 31 -32.64 -1.75 8.27
CA VAL G 31 -32.98 -0.46 8.78
C VAL G 31 -34.41 -0.06 8.41
N LYS G 32 -35.18 0.31 9.44
CA LYS G 32 -36.56 0.69 9.25
C LYS G 32 -36.79 2.17 9.68
N LEU G 33 -37.55 2.92 8.89
CA LEU G 33 -37.99 4.22 9.29
C LEU G 33 -39.13 4.10 10.34
N ALA G 34 -38.92 4.62 11.54
CA ALA G 34 -39.94 4.56 12.58
C ALA G 34 -40.39 5.97 13.01
N ARG G 35 -41.56 6.06 13.62
CA ARG G 35 -42.03 7.26 14.25
C ARG G 35 -42.08 6.98 15.79
N HIS G 36 -41.43 7.82 16.59
CA HIS G 36 -41.48 7.64 18.03
C HIS G 36 -42.83 8.18 18.48
N VAL G 37 -43.73 7.32 18.97
CA VAL G 37 -45.15 7.70 19.11
C VAL G 37 -45.37 8.76 20.20
N LEU G 38 -44.54 8.77 21.24
CA LEU G 38 -44.45 9.90 22.17
C LEU G 38 -44.18 11.31 21.57
N THR G 39 -43.23 11.42 20.64
CA THR G 39 -42.75 12.72 20.21
C THR G 39 -43.04 12.92 18.75
N GLY G 40 -43.35 11.85 18.05
CA GLY G 40 -43.60 11.97 16.61
C GLY G 40 -42.36 12.26 15.77
N ARG G 41 -41.17 12.21 16.37
CA ARG G 41 -39.93 12.31 15.60
C ARG G 41 -39.81 11.07 14.69
N GLU G 42 -39.31 11.27 13.47
CA GLU G 42 -38.91 10.13 12.62
C GLU G 42 -37.50 9.67 12.90
N VAL G 43 -37.29 8.39 12.98
CA VAL G 43 -36.00 7.91 13.35
C VAL G 43 -35.75 6.70 12.50
N ALA G 44 -34.48 6.29 12.45
CA ALA G 44 -34.04 5.07 11.77
C ALA G 44 -33.74 4.04 12.83
N VAL G 45 -34.19 2.81 12.63
CA VAL G 45 -33.99 1.73 13.61
C VAL G 45 -33.31 0.61 12.89
N LYS G 46 -32.07 0.35 13.30
CA LYS G 46 -31.27 -0.75 12.73
C LYS G 46 -31.56 -1.96 13.59
N ILE G 47 -32.10 -3.00 12.97
CA ILE G 47 -32.37 -4.27 13.64
C ILE G 47 -31.22 -5.24 13.38
N ILE G 48 -30.54 -5.61 14.44
CA ILE G 48 -29.52 -6.63 14.28
C ILE G 48 -30.05 -7.94 14.85
N ASP G 49 -30.09 -8.96 13.99
CA ASP G 49 -30.60 -10.27 14.35
C ASP G 49 -29.54 -11.10 15.00
N LYS G 50 -29.35 -10.94 16.31
CA LYS G 50 -28.17 -11.54 16.99
C LYS G 50 -28.02 -13.07 16.93
N THR G 51 -29.06 -13.78 16.46
CA THR G 51 -29.00 -15.25 16.26
C THR G 51 -27.69 -15.65 15.58
N GLN G 52 -27.68 -15.59 14.24
CA GLN G 52 -26.62 -16.18 13.42
C GLN G 52 -25.19 -15.63 13.70
N LEU G 53 -25.05 -14.72 14.69
CA LEU G 53 -23.75 -14.06 15.00
C LEU G 53 -22.72 -14.94 15.71
N ASN G 54 -21.44 -14.52 15.69
CA ASN G 54 -20.37 -15.30 16.34
C ASN G 54 -19.73 -14.49 17.49
N PRO G 55 -19.30 -15.16 18.62
CA PRO G 55 -18.80 -14.43 19.85
C PRO G 55 -17.94 -13.18 19.57
N THR G 56 -17.28 -13.20 18.40
CA THR G 56 -16.33 -12.17 18.00
C THR G 56 -16.77 -11.31 16.78
N SER G 57 -17.67 -11.86 15.92
CA SER G 57 -18.43 -11.04 14.97
C SER G 57 -19.39 -10.14 15.78
N LEU G 58 -19.47 -10.39 17.09
CA LEU G 58 -20.39 -9.77 18.05
C LEU G 58 -19.62 -8.82 18.97
N GLN G 59 -18.30 -9.01 19.03
CA GLN G 59 -17.40 -8.11 19.75
C GLN G 59 -17.40 -6.81 18.97
N LYS G 60 -17.35 -6.96 17.64
CA LYS G 60 -17.53 -5.87 16.65
C LYS G 60 -18.76 -5.08 17.03
N LEU G 61 -19.91 -5.71 16.84
CA LEU G 61 -21.18 -5.04 17.07
C LEU G 61 -21.22 -4.14 18.29
N PHE G 62 -20.48 -4.51 19.33
CA PHE G 62 -20.67 -3.82 20.57
C PHE G 62 -19.61 -2.78 20.76
N ARG G 63 -18.52 -2.89 20.00
CA ARG G 63 -17.56 -1.78 19.96
C ARG G 63 -18.25 -0.58 19.26
N GLU G 64 -18.79 -0.86 18.06
CA GLU G 64 -19.62 0.10 17.29
C GLU G 64 -20.57 0.84 18.22
N VAL G 65 -21.49 0.08 18.84
CA VAL G 65 -22.46 0.71 19.73
C VAL G 65 -21.80 1.59 20.78
N ARG G 66 -20.77 1.05 21.45
CA ARG G 66 -20.01 1.80 22.49
C ARG G 66 -19.52 3.14 21.92
N ILE G 67 -19.11 3.13 20.64
CA ILE G 67 -18.79 4.36 19.89
C ILE G 67 -20.03 5.21 19.50
N MET G 68 -21.01 4.62 18.83
CA MET G 68 -22.18 5.43 18.53
C MET G 68 -22.59 6.05 19.83
N LYS G 69 -22.30 5.39 20.96
CA LYS G 69 -22.73 5.98 22.21
C LYS G 69 -22.02 7.31 22.55
N ILE G 70 -20.77 7.47 22.13
CA ILE G 70 -20.06 8.71 22.53
C ILE G 70 -20.27 9.90 21.62
N LEU G 71 -20.35 9.62 20.32
CA LEU G 71 -20.36 10.67 19.28
C LEU G 71 -21.49 11.66 19.51
N ASN G 72 -21.19 12.94 19.69
CA ASN G 72 -22.24 13.88 19.85
C ASN G 72 -21.98 15.21 19.17
N HIS G 73 -22.29 15.23 17.88
CA HIS G 73 -22.05 16.38 17.05
C HIS G 73 -23.30 16.73 16.27
N PRO G 74 -23.64 18.03 16.12
CA PRO G 74 -24.75 18.26 15.14
C PRO G 74 -24.58 17.57 13.76
N ASN G 75 -23.38 17.09 13.41
CA ASN G 75 -23.23 16.55 12.09
C ASN G 75 -22.81 15.14 12.04
N ILE G 76 -22.98 14.46 13.15
CA ILE G 76 -22.88 13.02 13.25
C ILE G 76 -24.26 12.51 13.72
N VAL G 77 -24.59 11.27 13.38
CA VAL G 77 -25.92 10.80 13.66
C VAL G 77 -26.11 10.35 15.16
N LYS G 78 -26.74 11.14 16.07
CA LYS G 78 -27.05 10.65 17.45
C LYS G 78 -27.59 9.18 17.43
N LEU G 79 -27.00 8.27 18.22
CA LEU G 79 -27.78 7.17 18.80
C LEU G 79 -28.87 7.84 19.67
N PHE G 80 -30.08 7.28 19.70
CA PHE G 80 -31.14 7.86 20.51
C PHE G 80 -31.63 6.80 21.49
N GLU G 81 -31.70 5.55 21.05
CA GLU G 81 -32.10 4.43 21.92
C GLU G 81 -31.49 3.04 21.59
N VAL G 82 -31.29 2.22 22.61
CA VAL G 82 -30.90 0.88 22.38
C VAL G 82 -32.00 0.04 22.96
N ILE G 83 -32.64 -0.78 22.15
CA ILE G 83 -33.48 -1.85 22.66
C ILE G 83 -32.78 -3.16 22.31
N GLU G 84 -32.60 -3.98 23.35
CA GLU G 84 -31.85 -5.23 23.35
C GLU G 84 -32.68 -6.40 23.98
N THR G 85 -33.11 -7.35 23.15
CA THR G 85 -33.54 -8.68 23.64
C THR G 85 -32.33 -9.64 23.48
N GLU G 86 -32.45 -10.95 23.72
CA GLU G 86 -31.31 -11.80 23.32
C GLU G 86 -31.36 -12.01 21.83
N LYS G 87 -32.48 -12.56 21.35
CA LYS G 87 -32.69 -12.73 19.91
C LYS G 87 -32.27 -11.48 19.05
N THR G 88 -32.52 -10.26 19.57
CA THR G 88 -32.33 -9.08 18.73
C THR G 88 -31.94 -7.74 19.41
N LEU G 89 -31.01 -7.01 18.77
CA LEU G 89 -30.58 -5.66 19.16
C LEU G 89 -31.19 -4.64 18.20
N TYR G 90 -31.75 -3.57 18.76
CA TYR G 90 -32.31 -2.42 18.01
C TYR G 90 -31.57 -1.16 18.33
N LEU G 91 -30.99 -0.54 17.34
CA LEU G 91 -30.45 0.80 17.50
C LEU G 91 -31.34 1.83 16.85
N VAL G 92 -31.78 2.77 17.68
CA VAL G 92 -32.64 3.82 17.23
C VAL G 92 -31.80 5.07 17.11
N MET G 93 -31.70 5.59 15.88
CA MET G 93 -30.86 6.75 15.57
C MET G 93 -31.51 7.72 14.65
N GLU G 94 -30.78 8.83 14.48
CA GLU G 94 -31.13 9.91 13.64
C GLU G 94 -31.30 9.43 12.22
N TYR G 95 -32.31 9.98 11.58
CA TYR G 95 -32.73 9.65 10.26
C TYR G 95 -32.25 10.78 9.36
N ALA G 96 -31.50 10.44 8.33
CA ALA G 96 -31.10 11.46 7.33
C ALA G 96 -31.92 11.22 6.03
N SER G 97 -32.99 12.00 5.90
CA SER G 97 -33.89 11.82 4.75
C SER G 97 -33.23 12.19 3.42
N GLY G 98 -32.15 12.97 3.50
CA GLY G 98 -31.51 13.52 2.30
C GLY G 98 -30.81 12.51 1.40
N GLY G 99 -30.61 11.29 1.87
CA GLY G 99 -29.81 10.32 1.16
C GLY G 99 -28.35 10.74 1.24
N GLU G 100 -27.47 10.03 0.52
CA GLU G 100 -26.01 10.35 0.53
C GLU G 100 -25.65 11.65 -0.19
N VAL G 101 -24.51 12.23 0.16
CA VAL G 101 -24.01 13.44 -0.52
C VAL G 101 -23.62 13.31 -2.03
N PHE G 102 -22.85 12.28 -2.43
CA PHE G 102 -22.62 12.13 -3.87
C PHE G 102 -23.93 11.93 -4.65
N ASP G 103 -24.84 11.10 -4.11
CA ASP G 103 -26.11 10.76 -4.79
C ASP G 103 -26.97 11.99 -4.98
N TYR G 104 -26.96 12.87 -3.98
CA TYR G 104 -27.69 14.12 -4.08
C TYR G 104 -27.02 14.95 -5.17
N LEU G 105 -25.70 14.94 -5.19
CA LEU G 105 -24.95 15.63 -6.24
C LEU G 105 -25.23 15.06 -7.67
N VAL G 106 -25.15 13.75 -7.84
CA VAL G 106 -25.42 13.16 -9.14
C VAL G 106 -26.82 13.57 -9.62
N ALA G 107 -27.71 13.92 -8.70
CA ALA G 107 -29.10 14.11 -9.07
C ALA G 107 -29.51 15.57 -9.19
N HIS G 108 -28.79 16.46 -8.53
CA HIS G 108 -29.21 17.85 -8.42
C HIS G 108 -28.17 18.82 -8.90
N GLY G 109 -26.96 18.36 -9.22
CA GLY G 109 -25.94 19.26 -9.68
C GLY G 109 -25.08 19.90 -8.60
N ARG G 110 -24.17 20.78 -9.04
CA ARG G 110 -23.31 21.55 -8.16
C ARG G 110 -24.15 22.32 -7.20
N MET G 111 -23.57 22.73 -6.06
CA MET G 111 -24.20 23.71 -5.19
C MET G 111 -23.51 25.04 -5.32
N LYS G 112 -24.22 26.17 -5.26
CA LYS G 112 -23.59 27.50 -5.16
C LYS G 112 -22.44 27.43 -4.09
N GLU G 113 -21.48 28.35 -4.08
CA GLU G 113 -20.37 28.17 -3.15
C GLU G 113 -20.74 28.32 -1.66
N LYS G 114 -21.57 29.31 -1.33
CA LYS G 114 -22.09 29.52 0.03
C LYS G 114 -22.59 28.17 0.67
N GLU G 115 -23.40 27.43 -0.09
CA GLU G 115 -24.04 26.20 0.37
C GLU G 115 -23.00 25.09 0.40
N ALA G 116 -22.12 25.09 -0.59
CA ALA G 116 -20.93 24.27 -0.59
C ALA G 116 -20.25 24.38 0.79
N ARG G 117 -20.08 25.62 1.27
CA ARG G 117 -19.21 25.92 2.39
C ARG G 117 -19.80 25.39 3.71
N ALA G 118 -21.12 25.65 3.89
CA ALA G 118 -21.89 25.11 4.97
C ALA G 118 -21.73 23.58 4.96
N LYS G 119 -22.17 22.91 3.93
CA LYS G 119 -21.91 21.48 3.96
C LYS G 119 -20.44 21.10 4.24
N PHE G 120 -19.46 21.94 3.88
CA PHE G 120 -18.05 21.50 4.02
C PHE G 120 -17.51 21.74 5.45
N ARG G 121 -17.75 22.93 6.02
CA ARG G 121 -17.58 23.19 7.43
C ARG G 121 -18.08 21.96 8.20
N GLN G 122 -19.40 21.82 8.31
CA GLN G 122 -19.99 20.61 8.86
C GLN G 122 -19.17 19.33 8.54
N ILE G 123 -18.83 19.03 7.28
CA ILE G 123 -18.02 17.80 7.07
C ILE G 123 -16.77 17.91 7.91
N VAL G 124 -15.97 18.92 7.66
CA VAL G 124 -14.73 19.09 8.38
C VAL G 124 -14.94 19.26 9.95
N SER G 125 -15.77 20.19 10.41
CA SER G 125 -15.96 20.36 11.88
C SER G 125 -16.26 19.07 12.58
N ALA G 126 -16.60 18.05 11.78
CA ALA G 126 -17.09 16.76 12.25
C ALA G 126 -16.14 15.68 12.02
N VAL G 127 -15.46 15.74 10.91
CA VAL G 127 -14.56 14.65 10.55
C VAL G 127 -13.37 14.60 11.49
N GLN G 128 -12.96 15.74 12.04
CA GLN G 128 -11.87 15.78 12.99
C GLN G 128 -12.31 15.31 14.43
N TYR G 129 -13.53 15.70 14.84
CA TYR G 129 -14.26 15.02 15.95
C TYR G 129 -13.94 13.50 15.99
N CYS G 130 -14.62 12.73 15.17
CA CYS G 130 -14.29 11.32 15.06
C CYS G 130 -12.81 10.92 15.30
N HIS G 131 -11.85 11.69 14.78
CA HIS G 131 -10.42 11.27 14.82
C HIS G 131 -9.88 11.30 16.23
N GLN G 132 -10.23 12.35 16.98
CA GLN G 132 -9.90 12.45 18.41
C GLN G 132 -10.63 11.45 19.37
N LYS G 133 -11.91 11.16 19.17
CA LYS G 133 -12.64 10.31 20.13
C LYS G 133 -12.64 8.84 19.77
N TYR G 134 -11.75 8.43 18.84
CA TYR G 134 -11.64 7.01 18.43
C TYR G 134 -10.75 6.63 17.22
N ILE G 135 -10.19 5.42 17.33
CA ILE G 135 -9.36 4.75 16.30
C ILE G 135 -10.09 4.40 15.00
N VAL G 136 -10.03 5.31 14.02
CA VAL G 136 -10.74 5.12 12.76
C VAL G 136 -9.94 4.12 11.89
N HIS G 137 -10.55 3.05 11.37
CA HIS G 137 -9.81 1.90 10.77
C HIS G 137 -9.69 1.79 9.24
N ARG G 138 -10.74 2.20 8.52
CA ARG G 138 -10.66 2.51 7.07
C ARG G 138 -10.85 4.03 6.83
N ASP G 139 -11.31 4.40 5.62
CA ASP G 139 -11.27 5.80 5.18
C ASP G 139 -12.66 6.28 4.89
N LEU G 140 -12.87 7.58 5.13
CA LEU G 140 -14.14 8.23 4.88
C LEU G 140 -14.61 7.68 3.57
N LYS G 141 -15.81 7.08 3.54
CA LYS G 141 -16.38 6.40 2.34
C LYS G 141 -17.60 7.20 1.89
N ALA G 142 -18.13 6.90 0.71
CA ALA G 142 -19.23 7.73 0.22
C ALA G 142 -20.39 7.64 1.22
N GLU G 143 -20.88 6.41 1.44
CA GLU G 143 -22.10 6.23 2.24
C GLU G 143 -21.92 6.53 3.74
N ASN G 144 -20.87 7.26 4.08
CA ASN G 144 -20.77 7.87 5.40
C ASN G 144 -21.25 9.32 5.37
N LEU G 145 -21.58 9.86 4.19
CA LEU G 145 -21.93 11.28 4.12
C LEU G 145 -23.38 11.49 3.72
N LEU G 146 -24.24 11.82 4.68
CA LEU G 146 -25.67 11.81 4.40
C LEU G 146 -26.14 13.20 4.62
N LEU G 147 -27.31 13.53 4.11
CA LEU G 147 -27.96 14.81 4.33
C LEU G 147 -29.24 14.53 5.07
N ASP G 148 -29.65 15.44 5.95
CA ASP G 148 -31.00 15.36 6.56
C ASP G 148 -31.97 16.34 5.88
N GLY G 149 -33.23 16.34 6.29
CA GLY G 149 -34.24 17.22 5.75
C GLY G 149 -33.97 18.71 5.76
N ASP G 150 -33.13 19.24 6.65
CA ASP G 150 -32.78 20.64 6.47
C ASP G 150 -31.44 20.82 5.72
N MET G 151 -31.08 19.82 4.92
CA MET G 151 -29.83 19.82 4.18
C MET G 151 -28.55 19.93 5.09
N ASN G 152 -28.62 19.35 6.30
CA ASN G 152 -27.47 19.37 7.22
C ASN G 152 -26.76 18.07 7.07
N ILE G 153 -25.43 18.08 7.18
CA ILE G 153 -24.64 16.89 6.92
C ILE G 153 -24.70 16.05 8.17
N LYS G 154 -24.60 14.74 8.02
CA LYS G 154 -24.75 13.90 9.16
C LYS G 154 -23.87 12.79 8.79
N ILE G 155 -22.63 12.77 9.27
CA ILE G 155 -21.73 11.64 9.00
C ILE G 155 -22.18 10.40 9.85
N ALA G 156 -21.91 9.19 9.35
CA ALA G 156 -22.44 7.95 9.92
C ALA G 156 -21.43 6.87 9.69
N ASP G 157 -21.06 6.12 10.73
CA ASP G 157 -20.26 4.86 10.53
C ASP G 157 -18.84 5.15 10.08
N PHE G 158 -18.31 6.26 10.53
CA PHE G 158 -17.05 6.70 10.01
C PHE G 158 -15.99 5.79 10.60
N GLY G 159 -15.59 4.80 9.81
CA GLY G 159 -14.53 3.92 10.21
C GLY G 159 -14.94 2.46 10.32
N PHE G 160 -16.23 2.24 10.51
CA PHE G 160 -16.76 0.98 10.94
C PHE G 160 -16.59 -0.05 9.84
N SER G 161 -16.44 -1.31 10.26
CA SER G 161 -16.40 -2.47 9.38
C SER G 161 -17.58 -2.45 8.46
N ASN G 162 -17.38 -3.01 7.30
CA ASN G 162 -18.44 -3.24 6.37
C ASN G 162 -19.66 -4.05 6.86
N GLU G 163 -19.44 -5.13 7.61
CA GLU G 163 -20.48 -6.17 7.84
C GLU G 163 -21.81 -5.64 8.41
N PHE G 164 -21.75 -4.44 9.02
CA PHE G 164 -22.96 -3.82 9.57
C PHE G 164 -23.74 -2.76 8.75
N THR G 165 -23.08 -2.15 7.74
CA THR G 165 -23.72 -1.50 6.59
C THR G 165 -25.11 -2.10 6.08
N VAL G 166 -25.73 -1.36 5.14
CA VAL G 166 -27.04 -1.70 4.57
C VAL G 166 -27.15 -1.32 3.07
N SER G 176 -12.25 -0.40 -5.95
CA SER G 176 -11.74 0.85 -5.37
C SER G 176 -12.42 2.16 -5.88
N PRO G 177 -12.65 3.16 -4.99
CA PRO G 177 -13.60 4.24 -5.24
C PRO G 177 -13.04 5.60 -5.70
N PRO G 178 -13.76 6.31 -6.62
CA PRO G 178 -13.36 7.60 -7.22
C PRO G 178 -12.86 8.72 -6.28
N TYR G 179 -12.69 8.41 -5.00
CA TYR G 179 -12.40 9.42 -3.98
C TYR G 179 -11.37 9.00 -2.93
N ALA G 180 -10.47 8.06 -3.26
CA ALA G 180 -9.42 7.63 -2.32
C ALA G 180 -8.03 8.06 -2.79
N ALA G 181 -7.17 8.48 -1.87
CA ALA G 181 -5.77 8.90 -2.17
C ALA G 181 -4.86 7.81 -2.86
N PRO G 182 -3.51 7.75 -2.53
CA PRO G 182 -2.63 6.50 -2.49
C PRO G 182 -3.27 5.20 -1.94
N GLY G 192 -3.72 5.59 6.74
CA GLY G 192 -3.25 6.88 7.26
C GLY G 192 -4.29 7.61 8.08
N PRO G 193 -3.94 8.81 8.65
CA PRO G 193 -4.70 9.79 9.57
C PRO G 193 -5.40 11.04 8.94
N GLU G 194 -5.30 11.11 7.62
CA GLU G 194 -5.34 12.29 6.75
C GLU G 194 -5.07 11.78 5.31
N VAL G 195 -5.48 10.54 5.04
CA VAL G 195 -5.80 9.96 3.69
C VAL G 195 -7.24 10.45 3.37
N ASP G 196 -7.84 10.95 4.45
CA ASP G 196 -9.11 11.61 4.43
C ASP G 196 -8.89 12.83 3.60
N VAL G 197 -7.92 13.65 4.00
CA VAL G 197 -7.78 14.97 3.39
C VAL G 197 -7.81 14.92 1.87
N TRP G 198 -7.15 13.96 1.23
CA TRP G 198 -7.36 13.83 -0.20
C TRP G 198 -8.84 13.79 -0.33
N SER G 199 -9.40 12.69 0.16
CA SER G 199 -10.86 12.49 0.25
C SER G 199 -11.77 13.70 0.43
N LEU G 200 -11.47 14.59 1.40
CA LEU G 200 -12.16 15.88 1.55
C LEU G 200 -12.00 16.86 0.38
N GLY G 201 -11.04 16.62 -0.52
CA GLY G 201 -10.83 17.45 -1.66
C GLY G 201 -11.67 16.90 -2.79
N VAL G 202 -11.66 15.59 -3.00
CA VAL G 202 -12.70 15.05 -3.87
C VAL G 202 -14.17 15.52 -3.52
N ILE G 203 -14.44 15.77 -2.22
CA ILE G 203 -15.78 16.08 -1.76
C ILE G 203 -16.02 17.56 -2.05
N LEU G 204 -15.09 18.42 -1.62
CA LEU G 204 -15.10 19.82 -2.04
C LEU G 204 -15.30 19.97 -3.54
N TYR G 205 -14.48 19.32 -4.35
CA TYR G 205 -14.49 19.59 -5.78
C TYR G 205 -15.83 19.13 -6.33
N THR G 206 -16.35 18.10 -5.74
CA THR G 206 -17.58 17.61 -6.25
C THR G 206 -18.76 18.45 -5.67
N LEU G 207 -18.60 18.99 -4.48
CA LEU G 207 -19.62 19.85 -3.97
C LEU G 207 -19.69 21.04 -4.87
N VAL G 208 -18.57 21.72 -5.12
CA VAL G 208 -18.68 22.90 -5.94
C VAL G 208 -18.86 22.79 -7.46
N SER G 209 -18.51 21.68 -8.08
CA SER G 209 -18.68 21.58 -9.52
C SER G 209 -19.69 20.56 -9.94
N GLY G 210 -20.03 19.61 -9.08
CA GLY G 210 -21.12 18.70 -9.37
C GLY G 210 -20.72 17.46 -10.16
N SER G 211 -19.43 17.27 -10.39
CA SER G 211 -18.97 15.95 -10.84
C SER G 211 -17.60 15.61 -10.19
N LEU G 212 -17.13 14.37 -10.36
CA LEU G 212 -15.89 13.92 -9.70
C LEU G 212 -14.63 14.53 -10.32
N PRO G 213 -13.59 14.85 -9.54
CA PRO G 213 -12.42 15.30 -10.28
C PRO G 213 -11.69 14.18 -11.05
N PHE G 214 -11.82 12.92 -10.62
CA PHE G 214 -11.13 11.81 -11.31
C PHE G 214 -12.14 10.72 -11.68
N ASP G 215 -12.16 10.28 -12.93
CA ASP G 215 -13.14 9.25 -13.37
C ASP G 215 -12.79 8.48 -14.65
N GLY G 216 -13.74 8.39 -15.59
CA GLY G 216 -13.62 7.50 -16.76
C GLY G 216 -13.79 6.05 -16.35
N GLN G 217 -14.06 5.18 -17.33
CA GLN G 217 -14.34 3.72 -17.16
C GLN G 217 -14.01 2.96 -15.87
N ASN G 218 -12.84 2.31 -15.88
CA ASN G 218 -12.51 1.20 -14.99
C ASN G 218 -11.37 1.49 -13.99
N LEU G 219 -11.14 0.58 -13.04
CA LEU G 219 -10.07 0.74 -12.04
C LEU G 219 -8.65 0.85 -12.67
N LYS G 220 -8.55 0.55 -13.97
CA LYS G 220 -7.34 0.76 -14.78
C LYS G 220 -7.35 2.17 -15.42
N GLU G 221 -8.46 2.54 -16.07
CA GLU G 221 -8.70 3.93 -16.50
C GLU G 221 -8.80 4.97 -15.37
N LEU G 222 -9.64 4.71 -14.34
CA LEU G 222 -9.78 5.61 -13.18
C LEU G 222 -8.48 5.73 -12.37
N ARG G 223 -7.99 4.59 -11.85
CA ARG G 223 -6.66 4.52 -11.18
C ARG G 223 -5.50 5.12 -12.01
N GLU G 224 -5.45 4.81 -13.32
CA GLU G 224 -4.51 5.42 -14.29
C GLU G 224 -4.53 6.95 -14.21
N ARG G 225 -5.74 7.53 -14.24
CA ARG G 225 -5.96 9.00 -14.14
C ARG G 225 -5.73 9.54 -12.71
N VAL G 226 -6.31 8.84 -11.73
CA VAL G 226 -6.13 9.22 -10.33
C VAL G 226 -4.65 9.44 -9.94
N LEU G 227 -3.76 8.58 -10.49
CA LEU G 227 -2.31 8.55 -10.19
C LEU G 227 -1.58 9.82 -10.68
N ARG G 228 -1.76 10.12 -11.98
CA ARG G 228 -1.32 11.37 -12.60
C ARG G 228 -1.55 12.62 -11.70
N GLY G 229 -2.73 12.69 -11.08
CA GLY G 229 -3.03 13.66 -10.01
C GLY G 229 -3.61 14.99 -10.51
N LYS G 230 -4.09 14.97 -11.75
CA LYS G 230 -4.42 16.20 -12.43
C LYS G 230 -5.95 16.37 -12.60
N TYR G 231 -6.47 17.48 -12.07
CA TYR G 231 -7.88 17.78 -12.29
C TYR G 231 -8.05 19.19 -12.83
N ARG G 232 -9.06 19.32 -13.66
CA ARG G 232 -9.41 20.61 -14.19
C ARG G 232 -10.51 21.31 -13.41
N ILE G 233 -10.15 22.43 -12.81
CA ILE G 233 -11.10 23.46 -12.31
C ILE G 233 -12.10 23.98 -13.36
N PRO G 234 -13.42 23.88 -13.05
CA PRO G 234 -14.39 24.59 -13.89
C PRO G 234 -14.21 26.09 -13.71
N PHE G 235 -14.43 26.84 -14.79
CA PHE G 235 -14.29 28.33 -14.74
C PHE G 235 -15.08 29.08 -13.65
N TYR G 236 -16.20 28.57 -13.16
CA TYR G 236 -16.90 29.39 -12.12
C TYR G 236 -16.29 29.33 -10.73
N MET G 237 -15.48 28.29 -10.45
CA MET G 237 -15.02 28.09 -9.08
C MET G 237 -14.15 29.26 -8.74
N SER G 238 -14.50 29.93 -7.67
CA SER G 238 -13.80 31.13 -7.25
C SER G 238 -12.41 30.74 -6.87
N THR G 239 -11.53 31.72 -6.71
CA THR G 239 -10.16 31.33 -6.55
C THR G 239 -9.82 30.81 -5.15
N ASP G 240 -10.35 31.42 -4.09
CA ASP G 240 -10.25 30.78 -2.74
C ASP G 240 -10.66 29.29 -2.77
N CYS G 241 -11.83 28.98 -3.30
CA CYS G 241 -12.16 27.60 -3.43
C CYS G 241 -11.02 26.85 -4.07
N GLU G 242 -10.34 27.48 -5.01
CA GLU G 242 -9.29 26.80 -5.76
C GLU G 242 -8.02 26.66 -4.92
N ASN G 243 -7.77 27.65 -4.07
CA ASN G 243 -6.61 27.53 -3.20
C ASN G 243 -6.72 26.48 -2.11
N LEU G 244 -7.96 26.24 -1.64
CA LEU G 244 -8.23 25.12 -0.76
C LEU G 244 -8.01 23.78 -1.46
N LEU G 245 -8.53 23.60 -2.67
CA LEU G 245 -8.24 22.33 -3.36
C LEU G 245 -6.73 22.14 -3.54
N LYS G 246 -5.96 23.14 -3.10
CA LYS G 246 -4.53 23.18 -3.33
C LYS G 246 -3.87 22.69 -2.07
N LYS G 247 -4.69 22.66 -1.01
CA LYS G 247 -4.30 22.05 0.22
C LYS G 247 -5.05 20.72 0.44
N LEU G 248 -5.42 19.99 -0.59
CA LEU G 248 -6.20 18.79 -0.37
C LEU G 248 -5.92 17.88 -1.52
N LEU G 249 -5.85 18.44 -2.70
CA LEU G 249 -5.68 17.52 -3.79
C LEU G 249 -4.19 17.26 -4.07
N VAL G 250 -3.32 17.74 -3.17
CA VAL G 250 -1.87 17.42 -3.19
C VAL G 250 -1.65 15.91 -3.45
N LEU G 251 -0.67 15.53 -4.30
CA LEU G 251 -0.47 14.11 -4.67
C LEU G 251 0.22 13.31 -3.51
N ASN G 252 0.96 14.06 -2.67
CA ASN G 252 1.98 13.56 -1.80
C ASN G 252 1.97 14.46 -0.54
N PRO G 253 1.63 13.88 0.62
CA PRO G 253 1.49 14.68 1.89
C PRO G 253 2.73 15.39 2.48
N ARG G 256 0.18 19.02 2.61
CA ARG G 256 -1.25 18.59 2.66
C ARG G 256 -1.94 18.95 4.01
N GLY G 257 -2.29 17.93 4.76
CA GLY G 257 -2.12 17.99 6.20
C GLY G 257 -3.30 18.28 7.07
N SER G 258 -3.39 19.51 7.56
CA SER G 258 -4.13 19.78 8.80
C SER G 258 -5.56 20.36 8.67
N LEU G 259 -6.48 19.53 9.17
CA LEU G 259 -7.89 19.85 9.37
C LEU G 259 -7.98 21.09 10.27
N GLU G 260 -7.01 21.18 11.19
CA GLU G 260 -6.89 22.27 12.15
C GLU G 260 -6.55 23.50 11.30
N GLN G 261 -5.77 23.27 10.25
CA GLN G 261 -5.40 24.28 9.26
C GLN G 261 -6.55 24.55 8.34
N ILE G 262 -6.97 23.51 7.62
CA ILE G 262 -8.12 23.61 6.77
C ILE G 262 -9.23 24.38 7.47
N MET G 263 -9.39 24.22 8.79
CA MET G 263 -10.38 25.01 9.55
C MET G 263 -10.05 26.48 9.53
N LYS G 264 -8.74 26.80 9.55
CA LYS G 264 -8.21 28.19 9.46
C LYS G 264 -8.27 28.84 8.05
N ASP G 265 -8.31 28.02 6.99
CA ASP G 265 -8.35 28.49 5.57
C ASP G 265 -9.38 29.57 5.21
N ARG G 266 -9.10 30.31 4.13
CA ARG G 266 -9.80 31.55 3.78
C ARG G 266 -11.22 31.23 3.34
N TRP G 267 -11.31 30.34 2.33
CA TRP G 267 -12.58 29.98 1.68
C TRP G 267 -13.46 29.45 2.74
N MET G 268 -12.88 28.51 3.48
CA MET G 268 -13.54 27.79 4.52
C MET G 268 -14.21 28.76 5.40
N ASN G 269 -13.77 30.01 5.38
CA ASN G 269 -14.29 30.96 6.34
C ASN G 269 -14.98 32.19 5.85
N VAL G 270 -15.38 32.19 4.61
CA VAL G 270 -16.05 33.37 4.14
C VAL G 270 -17.46 33.44 4.70
N GLY G 271 -17.86 34.63 5.12
CA GLY G 271 -19.20 34.87 5.68
C GLY G 271 -19.11 35.16 7.18
N HIS G 272 -18.27 34.39 7.85
CA HIS G 272 -18.03 34.63 9.28
C HIS G 272 -16.53 34.70 9.50
N GLU G 273 -15.94 35.90 9.25
CA GLU G 273 -14.51 36.19 9.54
C GLU G 273 -14.30 36.31 11.07
N GLU G 274 -15.41 36.59 11.78
CA GLU G 274 -15.46 36.55 13.26
C GLU G 274 -15.49 35.08 13.81
N GLU G 275 -16.70 34.49 13.91
CA GLU G 275 -16.86 33.10 14.37
C GLU G 275 -16.15 32.09 13.43
N GLU G 276 -14.85 31.87 13.63
CA GLU G 276 -14.03 31.03 12.74
C GLU G 276 -13.95 29.52 13.09
N LEU G 277 -14.19 28.68 12.11
CA LEU G 277 -14.13 27.26 12.34
C LEU G 277 -12.94 26.88 13.22
N LYS G 278 -13.22 26.49 14.46
CA LYS G 278 -12.23 25.80 15.33
C LYS G 278 -12.80 24.41 15.54
N PRO G 279 -11.98 23.42 16.00
CA PRO G 279 -12.42 22.03 16.27
C PRO G 279 -13.57 21.90 17.28
N TYR G 280 -14.30 20.77 17.24
CA TYR G 280 -15.49 20.60 18.14
C TYR G 280 -15.13 20.17 19.57
N THR G 281 -15.75 20.87 20.52
CA THR G 281 -15.77 20.47 21.93
C THR G 281 -17.25 20.44 22.31
N GLU G 282 -17.65 19.29 22.84
CA GLU G 282 -19.06 19.07 23.22
C GLU G 282 -19.48 20.12 24.25
N PRO G 283 -20.70 20.64 24.16
CA PRO G 283 -21.11 21.48 25.30
C PRO G 283 -21.30 20.68 26.58
N ASP G 284 -21.63 21.39 27.65
CA ASP G 284 -21.94 20.75 28.90
C ASP G 284 -23.34 20.18 28.73
N PRO G 285 -23.46 18.83 28.85
CA PRO G 285 -24.74 18.16 28.68
C PRO G 285 -25.77 18.83 29.60
N ASP G 286 -26.99 19.10 29.12
CA ASP G 286 -28.02 19.65 29.96
C ASP G 286 -29.14 18.67 30.32
N PHE G 287 -29.10 18.15 31.53
CA PHE G 287 -30.06 17.10 31.91
C PHE G 287 -31.23 17.65 32.66
N ASN G 288 -31.21 18.96 32.82
CA ASN G 288 -32.25 19.63 33.55
C ASN G 288 -33.02 20.68 32.82
N ASP G 289 -33.26 20.44 31.53
CA ASP G 289 -34.06 21.33 30.73
C ASP G 289 -35.50 21.23 31.23
N THR G 290 -35.91 22.26 31.96
CA THR G 290 -37.15 22.14 32.68
C THR G 290 -38.31 22.00 31.72
N LYS G 291 -38.16 22.48 30.46
CA LYS G 291 -39.21 22.40 29.38
C LYS G 291 -39.45 21.00 28.88
N ARG G 292 -38.39 20.30 28.52
CA ARG G 292 -38.54 18.89 28.17
C ARG G 292 -39.00 18.06 29.38
N ILE G 293 -38.49 18.39 30.58
CA ILE G 293 -38.90 17.65 31.78
C ILE G 293 -40.37 17.90 32.06
N ASP G 294 -40.86 19.13 32.00
CA ASP G 294 -42.28 19.30 32.24
C ASP G 294 -43.13 18.53 31.30
N ILE G 295 -42.71 18.52 30.03
CA ILE G 295 -43.48 17.79 29.07
C ILE G 295 -43.48 16.30 29.48
N MET G 296 -42.32 15.80 29.90
CA MET G 296 -42.14 14.38 30.08
C MET G 296 -42.89 13.87 31.31
N VAL G 297 -43.04 14.79 32.27
CA VAL G 297 -43.85 14.54 33.46
C VAL G 297 -45.29 14.41 33.02
N THR G 298 -45.80 15.47 32.38
CA THR G 298 -47.16 15.58 31.89
C THR G 298 -47.41 14.38 31.03
N MET G 299 -46.35 13.87 30.45
CA MET G 299 -46.45 12.71 29.63
C MET G 299 -46.64 11.52 30.52
N GLY G 300 -46.36 11.65 31.80
CA GLY G 300 -46.37 10.51 32.70
C GLY G 300 -45.04 10.09 33.32
N PHE G 301 -43.90 10.52 32.80
CA PHE G 301 -42.62 10.15 33.42
C PHE G 301 -42.41 10.90 34.73
N ALA G 302 -41.46 10.40 35.53
CA ALA G 302 -41.14 11.01 36.81
C ALA G 302 -39.78 11.65 36.73
N ARG G 303 -39.67 12.80 37.37
CA ARG G 303 -38.40 13.45 37.63
C ARG G 303 -37.28 12.53 38.21
N ASP G 304 -37.57 11.59 39.14
CA ASP G 304 -36.50 10.60 39.56
C ASP G 304 -35.97 9.97 38.28
N GLU G 305 -36.85 9.27 37.56
CA GLU G 305 -36.44 8.30 36.52
C GLU G 305 -35.71 8.96 35.36
N ILE G 306 -36.23 10.10 34.92
CA ILE G 306 -35.56 10.92 33.95
C ILE G 306 -34.11 11.16 34.36
N ASN G 307 -33.95 11.86 35.48
CA ASN G 307 -32.61 12.28 35.84
C ASN G 307 -31.65 11.12 35.93
N ASP G 308 -32.19 10.03 36.44
CA ASP G 308 -31.52 8.76 36.54
C ASP G 308 -31.17 8.30 35.12
N ALA G 309 -32.20 8.01 34.30
CA ALA G 309 -31.97 7.66 32.88
C ALA G 309 -30.92 8.55 32.22
N LEU G 310 -30.83 9.82 32.64
CA LEU G 310 -29.88 10.69 31.96
C LEU G 310 -28.46 10.60 32.46
N ILE G 311 -28.22 10.83 33.76
CA ILE G 311 -26.84 10.72 34.32
C ILE G 311 -26.17 9.34 34.07
N ASN G 312 -26.95 8.27 34.16
CA ASN G 312 -26.42 6.92 33.90
C ASN G 312 -26.29 6.56 32.43
N GLN G 313 -26.61 7.51 31.55
CA GLN G 313 -26.54 7.36 30.07
C GLN G 313 -27.14 6.04 29.69
N LYS G 314 -28.42 5.94 30.03
CA LYS G 314 -29.17 4.68 30.02
C LYS G 314 -29.51 4.17 28.63
N TYR G 315 -29.65 5.08 27.66
CA TYR G 315 -30.15 4.76 26.29
C TYR G 315 -31.41 3.93 26.26
N ASP G 316 -32.34 4.30 27.15
CA ASP G 316 -33.64 3.68 27.31
C ASP G 316 -34.73 4.68 26.94
N GLU G 317 -35.96 4.19 27.01
CA GLU G 317 -37.12 4.91 26.56
C GLU G 317 -37.29 6.30 27.14
N VAL G 318 -36.94 6.45 28.41
CA VAL G 318 -36.89 7.79 29.07
C VAL G 318 -35.82 8.74 28.51
N MET G 319 -34.56 8.28 28.47
CA MET G 319 -33.53 9.09 27.88
C MET G 319 -33.91 9.41 26.39
N ALA G 320 -34.24 8.35 25.65
CA ALA G 320 -34.71 8.47 24.28
C ALA G 320 -35.66 9.62 24.19
N THR G 321 -36.58 9.70 25.13
CA THR G 321 -37.65 10.69 24.96
C THR G 321 -37.12 12.12 25.19
N TYR G 322 -36.20 12.24 26.12
CA TYR G 322 -35.61 13.51 26.44
C TYR G 322 -34.84 14.09 25.22
N ILE G 323 -34.06 13.23 24.58
CA ILE G 323 -33.28 13.66 23.45
C ILE G 323 -34.24 14.10 22.29
N LEU G 324 -35.21 13.26 21.99
CA LEU G 324 -35.98 13.47 20.82
C LEU G 324 -36.85 14.70 21.01
N LEU G 325 -37.18 15.01 22.26
CA LEU G 325 -37.89 16.25 22.53
C LEU G 325 -37.05 17.43 22.07
N GLY G 326 -35.75 17.21 21.86
CA GLY G 326 -34.84 18.36 21.75
C GLY G 326 -34.29 18.55 20.35
N ARG G 327 -34.63 17.59 19.49
CA ARG G 327 -34.32 17.54 18.10
C ARG G 327 -35.57 18.10 17.46
N LYS G 328 -35.35 18.98 16.50
CA LYS G 328 -36.47 19.71 15.88
C LYS G 328 -36.71 18.95 14.59
N GLN H 11 -20.92 1.48 -41.32
CA GLN H 11 -20.38 1.75 -42.70
C GLN H 11 -19.58 0.60 -43.51
N PRO H 12 -18.66 -0.17 -42.89
CA PRO H 12 -18.20 -1.48 -43.51
C PRO H 12 -19.18 -2.68 -43.40
N HIS H 13 -18.85 -3.80 -44.06
CA HIS H 13 -19.80 -4.84 -44.43
C HIS H 13 -19.06 -6.17 -44.54
N ILE H 14 -19.38 -7.22 -43.78
CA ILE H 14 -19.16 -8.57 -44.35
C ILE H 14 -20.48 -9.15 -44.74
N GLY H 15 -20.45 -10.11 -45.68
CA GLY H 15 -21.62 -10.72 -46.24
C GLY H 15 -22.81 -9.77 -46.10
N ASN H 16 -23.86 -10.20 -45.41
CA ASN H 16 -25.05 -9.38 -45.39
C ASN H 16 -25.17 -8.52 -44.15
N TYR H 17 -24.07 -8.29 -43.50
CA TYR H 17 -24.14 -7.52 -42.29
C TYR H 17 -23.47 -6.20 -42.41
N ARG H 18 -23.98 -5.24 -41.66
CA ARG H 18 -23.36 -3.93 -41.59
C ARG H 18 -22.86 -3.78 -40.14
N LEU H 19 -21.53 -3.73 -40.03
CA LEU H 19 -20.85 -3.62 -38.76
C LEU H 19 -21.12 -2.29 -38.10
N GLN H 20 -21.40 -2.33 -36.81
CA GLN H 20 -21.67 -1.15 -36.04
C GLN H 20 -20.61 -1.13 -34.89
N LYS H 21 -20.89 -0.38 -33.82
CA LYS H 21 -20.20 -0.48 -32.51
C LYS H 21 -19.38 -1.78 -32.21
N THR H 22 -18.09 -1.69 -31.87
CA THR H 22 -17.42 -2.83 -31.19
C THR H 22 -18.02 -3.06 -29.79
N ILE H 23 -18.17 -4.32 -29.40
CA ILE H 23 -18.54 -4.58 -28.01
C ILE H 23 -17.60 -5.44 -27.21
N GLY H 24 -16.78 -6.27 -27.83
CA GLY H 24 -15.80 -7.05 -27.09
C GLY H 24 -14.46 -6.97 -27.78
N LYS H 25 -13.43 -6.61 -27.03
CA LYS H 25 -12.05 -6.56 -27.55
C LYS H 25 -11.38 -7.78 -26.91
N GLY H 26 -10.67 -8.56 -27.70
CA GLY H 26 -10.13 -9.76 -27.12
C GLY H 26 -8.82 -10.10 -27.74
N ASN H 27 -8.03 -10.93 -27.08
CA ASN H 27 -6.72 -11.27 -27.60
C ASN H 27 -6.60 -11.83 -29.02
N PHE H 28 -7.57 -12.61 -29.46
CA PHE H 28 -7.48 -13.25 -30.77
C PHE H 28 -8.81 -13.14 -31.48
N ALA H 29 -9.73 -12.45 -30.84
CA ALA H 29 -11.03 -12.22 -31.45
C ALA H 29 -11.53 -10.83 -31.05
N LYS H 30 -12.44 -10.32 -31.86
CA LYS H 30 -13.07 -9.05 -31.64
C LYS H 30 -14.54 -9.40 -31.89
N VAL H 31 -15.44 -8.71 -31.19
CA VAL H 31 -16.85 -8.91 -31.39
C VAL H 31 -17.50 -7.61 -31.80
N LYS H 32 -18.24 -7.67 -32.88
CA LYS H 32 -18.89 -6.44 -33.29
C LYS H 32 -20.36 -6.56 -33.16
N LEU H 33 -21.03 -5.47 -32.81
CA LEU H 33 -22.46 -5.41 -33.03
C LEU H 33 -22.63 -5.23 -34.55
N ALA H 34 -23.81 -5.52 -35.11
CA ALA H 34 -24.04 -5.52 -36.55
C ALA H 34 -25.48 -5.65 -36.81
N ARG H 35 -25.88 -5.19 -37.98
CA ARG H 35 -27.22 -5.25 -38.38
C ARG H 35 -27.24 -6.08 -39.64
N HIS H 36 -28.20 -6.98 -39.71
CA HIS H 36 -28.36 -7.78 -40.89
C HIS H 36 -29.24 -6.93 -41.77
N VAL H 37 -28.71 -6.56 -42.93
CA VAL H 37 -29.35 -5.63 -43.86
C VAL H 37 -30.57 -6.25 -44.50
N LEU H 38 -30.60 -7.57 -44.62
CA LEU H 38 -31.74 -8.28 -45.24
C LEU H 38 -32.96 -8.24 -44.37
N THR H 39 -32.77 -8.53 -43.08
CA THR H 39 -33.90 -8.60 -42.16
C THR H 39 -33.98 -7.50 -41.14
N GLY H 40 -32.87 -6.80 -40.93
CA GLY H 40 -32.89 -5.70 -40.01
C GLY H 40 -32.60 -6.16 -38.62
N ARG H 41 -32.32 -7.44 -38.45
CA ARG H 41 -31.97 -7.94 -37.09
C ARG H 41 -30.63 -7.48 -36.54
N GLU H 42 -30.54 -7.11 -35.26
CA GLU H 42 -29.21 -6.87 -34.62
C GLU H 42 -28.53 -8.21 -34.28
N VAL H 43 -27.21 -8.32 -34.50
CA VAL H 43 -26.43 -9.56 -34.23
C VAL H 43 -25.11 -9.22 -33.62
N ALA H 44 -24.44 -10.17 -32.99
CA ALA H 44 -23.01 -9.96 -32.67
C ALA H 44 -22.17 -10.71 -33.66
N VAL H 45 -21.13 -10.06 -34.18
CA VAL H 45 -20.16 -10.79 -35.00
C VAL H 45 -18.80 -10.93 -34.32
N LYS H 46 -18.41 -12.17 -34.00
CA LYS H 46 -17.06 -12.45 -33.49
C LYS H 46 -16.20 -12.54 -34.72
N ILE H 47 -15.19 -11.67 -34.82
CA ILE H 47 -14.16 -11.69 -35.88
C ILE H 47 -12.89 -12.38 -35.36
N ILE H 48 -12.35 -13.27 -36.17
CA ILE H 48 -11.21 -14.04 -35.76
C ILE H 48 -10.17 -14.14 -36.86
N ASP H 49 -9.09 -13.35 -36.68
CA ASP H 49 -7.96 -13.40 -37.60
C ASP H 49 -7.29 -14.77 -37.48
N LYS H 50 -7.39 -15.58 -38.52
CA LYS H 50 -6.78 -16.92 -38.51
C LYS H 50 -5.22 -16.91 -38.71
N THR H 51 -4.70 -15.90 -39.40
CA THR H 51 -3.31 -15.92 -39.85
C THR H 51 -2.35 -15.57 -38.72
N GLN H 52 -2.19 -16.52 -37.85
CA GLN H 52 -1.36 -16.33 -36.73
C GLN H 52 -1.35 -17.74 -36.20
N LEU H 53 -2.49 -18.40 -36.36
CA LEU H 53 -2.84 -19.47 -35.46
C LEU H 53 -2.23 -20.82 -35.87
N ASN H 54 -1.50 -21.41 -34.91
CA ASN H 54 -0.80 -22.69 -35.11
C ASN H 54 -1.78 -23.78 -35.54
N PRO H 55 -1.26 -24.96 -35.95
CA PRO H 55 -2.33 -25.89 -36.36
C PRO H 55 -3.38 -26.10 -35.22
N THR H 56 -2.93 -26.19 -33.97
CA THR H 56 -3.82 -26.68 -32.89
C THR H 56 -4.73 -25.60 -32.29
N SER H 57 -4.42 -24.34 -32.59
CA SER H 57 -5.30 -23.23 -32.25
C SER H 57 -6.44 -23.19 -33.26
N LEU H 58 -6.11 -23.40 -34.53
CA LEU H 58 -7.18 -23.53 -35.50
C LEU H 58 -7.98 -24.82 -35.27
N GLN H 59 -7.37 -25.82 -34.62
CA GLN H 59 -8.09 -27.02 -34.20
C GLN H 59 -9.17 -26.63 -33.19
N LYS H 60 -8.77 -26.00 -32.06
CA LYS H 60 -9.75 -25.56 -31.06
C LYS H 60 -10.90 -24.89 -31.79
N LEU H 61 -10.56 -23.89 -32.60
CA LEU H 61 -11.52 -22.94 -33.11
C LEU H 61 -12.68 -23.63 -33.82
N PHE H 62 -12.36 -24.64 -34.61
CA PHE H 62 -13.35 -25.21 -35.52
C PHE H 62 -14.10 -26.30 -34.77
N ARG H 63 -13.46 -26.78 -33.70
CA ARG H 63 -14.08 -27.67 -32.77
C ARG H 63 -14.97 -26.84 -31.80
N GLU H 64 -14.69 -25.55 -31.62
CA GLU H 64 -15.68 -24.67 -30.99
C GLU H 64 -16.87 -24.36 -31.92
N VAL H 65 -16.60 -23.97 -33.17
CA VAL H 65 -17.69 -23.70 -34.11
C VAL H 65 -18.54 -24.94 -34.27
N ARG H 66 -17.94 -26.12 -34.18
CA ARG H 66 -18.74 -27.34 -34.37
C ARG H 66 -19.81 -27.42 -33.26
N ILE H 67 -19.41 -27.10 -32.03
CA ILE H 67 -20.35 -27.06 -30.89
C ILE H 67 -21.42 -25.99 -31.06
N MET H 68 -20.99 -24.75 -31.28
CA MET H 68 -21.88 -23.63 -31.45
C MET H 68 -22.97 -23.97 -32.47
N LYS H 69 -22.60 -24.65 -33.53
CA LYS H 69 -23.58 -24.88 -34.55
C LYS H 69 -24.74 -25.76 -34.06
N ILE H 70 -24.55 -26.56 -33.01
CA ILE H 70 -25.68 -27.40 -32.61
C ILE H 70 -26.37 -27.02 -31.32
N LEU H 71 -25.84 -26.02 -30.61
CA LEU H 71 -26.51 -25.43 -29.40
C LEU H 71 -27.76 -24.65 -29.80
N ASN H 72 -28.90 -25.24 -29.56
CA ASN H 72 -30.16 -24.71 -29.93
C ASN H 72 -31.20 -24.68 -28.77
N HIS H 73 -31.02 -23.81 -27.79
CA HIS H 73 -31.83 -23.74 -26.58
C HIS H 73 -32.15 -22.27 -26.33
N PRO H 74 -33.30 -21.94 -25.79
CA PRO H 74 -33.59 -20.48 -25.81
C PRO H 74 -32.79 -19.71 -24.72
N ASN H 75 -31.94 -20.40 -23.94
CA ASN H 75 -31.04 -19.68 -23.09
C ASN H 75 -29.55 -19.87 -23.33
N ILE H 76 -29.25 -20.42 -24.48
CA ILE H 76 -27.84 -20.39 -25.02
C ILE H 76 -27.78 -19.52 -26.27
N VAL H 77 -26.72 -18.74 -26.42
CA VAL H 77 -26.68 -17.81 -27.55
C VAL H 77 -26.57 -18.66 -28.82
N LYS H 78 -27.55 -18.50 -29.71
CA LYS H 78 -27.72 -19.24 -30.93
C LYS H 78 -26.63 -18.82 -31.89
N LEU H 79 -26.17 -19.69 -32.78
CA LEU H 79 -25.32 -19.21 -33.87
C LEU H 79 -26.19 -18.89 -35.13
N PHE H 80 -25.93 -17.86 -35.92
CA PHE H 80 -26.75 -17.67 -37.10
C PHE H 80 -26.05 -17.93 -38.40
N GLU H 81 -24.76 -17.64 -38.48
CA GLU H 81 -24.14 -17.75 -39.78
C GLU H 81 -22.67 -17.83 -39.60
N VAL H 82 -22.00 -18.52 -40.52
CA VAL H 82 -20.52 -18.58 -40.56
C VAL H 82 -20.02 -18.06 -41.91
N ILE H 83 -19.38 -16.90 -41.89
CA ILE H 83 -18.69 -16.35 -43.04
C ILE H 83 -17.20 -16.56 -42.87
N GLU H 84 -16.60 -17.27 -43.86
CA GLU H 84 -15.17 -17.67 -43.82
C GLU H 84 -14.40 -17.32 -45.11
N THR H 85 -13.37 -16.48 -44.98
CA THR H 85 -12.47 -16.22 -46.11
C THR H 85 -11.17 -16.99 -45.90
N GLU H 86 -10.04 -16.43 -46.34
CA GLU H 86 -8.77 -17.15 -46.24
C GLU H 86 -8.12 -16.82 -44.90
N LYS H 87 -8.25 -15.55 -44.53
CA LYS H 87 -7.49 -14.98 -43.42
C LYS H 87 -8.36 -14.90 -42.14
N THR H 88 -9.66 -14.73 -42.30
CA THR H 88 -10.54 -14.30 -41.20
C THR H 88 -11.77 -15.21 -41.05
N LEU H 89 -12.28 -15.34 -39.82
CA LEU H 89 -13.51 -16.10 -39.53
C LEU H 89 -14.51 -15.20 -38.84
N TYR H 90 -15.71 -15.16 -39.40
CA TYR H 90 -16.79 -14.40 -38.80
C TYR H 90 -17.90 -15.35 -38.27
N LEU H 91 -18.25 -15.21 -37.02
CA LEU H 91 -19.27 -16.06 -36.43
C LEU H 91 -20.38 -15.14 -36.09
N VAL H 92 -21.49 -15.24 -36.82
CA VAL H 92 -22.59 -14.35 -36.61
C VAL H 92 -23.57 -15.05 -35.69
N MET H 93 -23.83 -14.46 -34.53
CA MET H 93 -24.49 -15.15 -33.46
C MET H 93 -25.36 -14.18 -32.70
N GLU H 94 -26.07 -14.66 -31.68
CA GLU H 94 -27.18 -13.91 -31.11
C GLU H 94 -26.70 -12.78 -30.22
N TYR H 95 -27.33 -11.61 -30.31
CA TYR H 95 -26.88 -10.47 -29.55
C TYR H 95 -27.50 -10.48 -28.16
N ALA H 96 -26.67 -10.48 -27.11
CA ALA H 96 -27.13 -10.29 -25.69
C ALA H 96 -26.90 -8.84 -25.21
N SER H 97 -27.96 -8.01 -25.32
CA SER H 97 -27.76 -6.56 -25.13
C SER H 97 -27.55 -6.16 -23.69
N GLY H 98 -27.88 -7.07 -22.80
CA GLY H 98 -27.94 -6.77 -21.40
C GLY H 98 -26.63 -6.90 -20.70
N GLY H 99 -25.57 -7.39 -21.35
CA GLY H 99 -24.29 -7.60 -20.66
C GLY H 99 -24.34 -8.74 -19.67
N GLU H 100 -23.28 -8.92 -18.89
CA GLU H 100 -23.18 -10.04 -17.94
C GLU H 100 -24.06 -9.88 -16.75
N VAL H 101 -24.38 -11.00 -16.09
CA VAL H 101 -25.29 -11.04 -14.93
C VAL H 101 -24.66 -10.38 -13.70
N PHE H 102 -23.40 -10.71 -13.44
CA PHE H 102 -22.70 -10.18 -12.30
C PHE H 102 -22.42 -8.66 -12.43
N ASP H 103 -22.34 -8.14 -13.63
CA ASP H 103 -22.44 -6.69 -13.74
C ASP H 103 -23.82 -6.12 -13.48
N TYR H 104 -24.86 -6.88 -13.83
CA TYR H 104 -26.23 -6.51 -13.49
C TYR H 104 -26.47 -6.48 -11.97
N LEU H 105 -25.96 -7.46 -11.22
CA LEU H 105 -26.04 -7.36 -9.75
C LEU H 105 -25.14 -6.25 -9.13
N VAL H 106 -23.93 -6.02 -9.65
CA VAL H 106 -23.02 -4.96 -9.15
C VAL H 106 -23.69 -3.61 -9.32
N ALA H 107 -24.47 -3.46 -10.38
CA ALA H 107 -25.15 -2.19 -10.68
C ALA H 107 -26.64 -2.09 -10.22
N HIS H 108 -27.28 -3.16 -9.73
CA HIS H 108 -28.71 -3.10 -9.40
C HIS H 108 -29.05 -3.75 -8.05
N GLY H 109 -28.02 -4.29 -7.39
CA GLY H 109 -28.20 -5.00 -6.14
C GLY H 109 -29.01 -6.29 -6.24
N ARG H 110 -29.12 -6.98 -5.10
CA ARG H 110 -29.96 -8.17 -4.95
C ARG H 110 -31.18 -8.26 -5.90
N MET H 111 -31.43 -9.45 -6.42
CA MET H 111 -32.72 -9.70 -7.07
C MET H 111 -33.78 -10.12 -6.04
N LYS H 112 -35.03 -9.80 -6.34
CA LYS H 112 -36.17 -10.33 -5.61
C LYS H 112 -36.10 -11.87 -5.77
N GLU H 113 -36.49 -12.63 -4.75
CA GLU H 113 -36.51 -14.08 -4.90
C GLU H 113 -37.29 -14.54 -6.15
N LYS H 114 -38.28 -13.78 -6.62
CA LYS H 114 -39.08 -14.31 -7.76
C LYS H 114 -38.31 -14.11 -9.07
N GLU H 115 -37.89 -12.86 -9.30
CA GLU H 115 -36.99 -12.51 -10.40
C GLU H 115 -35.77 -13.47 -10.49
N ALA H 116 -35.27 -13.96 -9.35
CA ALA H 116 -34.04 -14.79 -9.33
C ALA H 116 -34.34 -16.20 -9.72
N ARG H 117 -35.52 -16.68 -9.36
CA ARG H 117 -35.87 -18.04 -9.74
C ARG H 117 -36.05 -18.17 -11.27
N ALA H 118 -36.47 -17.06 -11.91
CA ALA H 118 -36.72 -17.01 -13.34
C ALA H 118 -35.37 -17.19 -14.01
N LYS H 119 -34.40 -16.43 -13.51
CA LYS H 119 -33.04 -16.51 -14.00
C LYS H 119 -32.31 -17.83 -13.69
N PHE H 120 -32.56 -18.42 -12.50
CA PHE H 120 -31.89 -19.64 -12.06
C PHE H 120 -32.45 -20.87 -12.76
N ARG H 121 -33.76 -20.82 -13.04
CA ARG H 121 -34.43 -21.84 -13.86
C ARG H 121 -33.74 -21.94 -15.20
N GLN H 122 -33.43 -20.79 -15.79
CA GLN H 122 -32.92 -20.72 -17.16
C GLN H 122 -31.46 -21.24 -17.21
N ILE H 123 -30.58 -20.55 -16.49
CA ILE H 123 -29.27 -21.00 -16.20
C ILE H 123 -29.20 -22.52 -16.04
N VAL H 124 -29.99 -23.06 -15.14
CA VAL H 124 -29.87 -24.46 -14.90
C VAL H 124 -30.41 -25.27 -16.06
N SER H 125 -31.52 -24.89 -16.68
CA SER H 125 -31.87 -25.57 -17.90
C SER H 125 -30.68 -25.52 -18.91
N ALA H 126 -30.07 -24.37 -19.08
CA ALA H 126 -29.01 -24.14 -20.06
C ALA H 126 -27.77 -24.97 -19.79
N VAL H 127 -27.37 -24.99 -18.53
CA VAL H 127 -26.19 -25.72 -18.14
C VAL H 127 -26.36 -27.20 -18.34
N GLN H 128 -27.50 -27.73 -17.92
CA GLN H 128 -27.74 -29.17 -18.14
C GLN H 128 -27.88 -29.49 -19.59
N TYR H 129 -28.46 -28.59 -20.36
CA TYR H 129 -28.60 -28.86 -21.80
C TYR H 129 -27.24 -28.89 -22.48
N CYS H 130 -26.31 -28.04 -22.03
CA CYS H 130 -24.93 -28.09 -22.52
C CYS H 130 -24.32 -29.47 -22.38
N HIS H 131 -24.53 -30.06 -21.19
CA HIS H 131 -24.01 -31.42 -20.87
C HIS H 131 -24.63 -32.44 -21.80
N GLN H 132 -25.88 -32.27 -22.19
CA GLN H 132 -26.49 -33.17 -23.14
C GLN H 132 -25.76 -33.13 -24.47
N LYS H 133 -25.17 -32.01 -24.82
CA LYS H 133 -24.69 -31.77 -26.17
C LYS H 133 -23.15 -31.88 -26.38
N TYR H 134 -22.35 -31.57 -25.37
CA TYR H 134 -20.93 -31.63 -25.59
C TYR H 134 -20.27 -31.82 -24.27
N ILE H 135 -18.97 -32.13 -24.32
CA ILE H 135 -18.28 -32.40 -23.11
C ILE H 135 -17.76 -31.03 -22.62
N VAL H 136 -18.34 -30.57 -21.55
CA VAL H 136 -17.83 -29.34 -20.97
C VAL H 136 -16.52 -29.68 -20.31
N HIS H 137 -15.43 -29.02 -20.76
CA HIS H 137 -14.06 -29.10 -20.15
C HIS H 137 -13.67 -28.10 -19.04
N ARG H 138 -14.34 -26.95 -18.85
CA ARG H 138 -14.02 -26.09 -17.66
C ARG H 138 -15.23 -25.55 -16.89
N ASP H 139 -14.98 -25.14 -15.64
CA ASP H 139 -15.98 -24.47 -14.78
C ASP H 139 -16.78 -23.35 -15.47
N LEU H 140 -18.07 -23.29 -15.12
CA LEU H 140 -18.93 -22.16 -15.46
C LEU H 140 -18.29 -20.88 -14.94
N LYS H 141 -18.28 -19.81 -15.71
CA LYS H 141 -17.68 -18.58 -15.20
C LYS H 141 -18.41 -17.23 -15.56
N ALA H 142 -18.23 -16.24 -14.69
CA ALA H 142 -18.94 -14.97 -14.78
C ALA H 142 -19.30 -14.56 -16.19
N GLU H 143 -18.30 -14.36 -17.03
CA GLU H 143 -18.51 -13.95 -18.44
C GLU H 143 -19.34 -14.86 -19.37
N ASN H 144 -19.76 -16.04 -18.87
CA ASN H 144 -20.71 -16.89 -19.59
C ASN H 144 -22.19 -16.61 -19.35
N LEU H 145 -22.51 -15.83 -18.33
CA LEU H 145 -23.88 -15.54 -18.04
C LEU H 145 -24.23 -14.13 -18.50
N LEU H 146 -25.03 -14.03 -19.57
CA LEU H 146 -25.39 -12.76 -20.15
C LEU H 146 -26.92 -12.62 -20.13
N LEU H 147 -27.39 -11.37 -20.21
CA LEU H 147 -28.83 -11.09 -20.31
C LEU H 147 -29.15 -10.54 -21.71
N ASP H 148 -30.20 -11.04 -22.37
CA ASP H 148 -30.67 -10.37 -23.58
C ASP H 148 -31.42 -9.10 -23.06
N GLY H 149 -32.10 -8.38 -23.97
CA GLY H 149 -32.75 -7.12 -23.65
C GLY H 149 -34.14 -7.26 -23.05
N ASP H 150 -34.59 -8.51 -22.79
CA ASP H 150 -35.85 -8.75 -22.08
C ASP H 150 -35.54 -9.47 -20.77
N MET H 151 -34.39 -9.12 -20.20
CA MET H 151 -33.87 -9.78 -19.01
C MET H 151 -33.73 -11.35 -19.06
N ASN H 152 -33.63 -11.93 -20.27
CA ASN H 152 -33.33 -13.38 -20.39
C ASN H 152 -31.83 -13.80 -20.30
N ILE H 153 -31.64 -14.98 -19.70
CA ILE H 153 -30.33 -15.51 -19.54
C ILE H 153 -29.94 -16.06 -20.90
N LYS H 154 -28.70 -15.80 -21.25
CA LYS H 154 -28.16 -16.36 -22.40
C LYS H 154 -26.79 -16.85 -22.03
N ILE H 155 -26.61 -18.16 -22.10
CA ILE H 155 -25.28 -18.66 -21.84
C ILE H 155 -24.43 -18.75 -23.15
N ALA H 156 -23.15 -18.41 -23.03
CA ALA H 156 -22.24 -18.40 -24.17
C ALA H 156 -20.93 -19.01 -23.71
N ASP H 157 -20.36 -19.87 -24.53
CA ASP H 157 -19.01 -20.36 -24.35
C ASP H 157 -18.88 -21.11 -23.08
N PHE H 158 -19.83 -21.96 -22.73
CA PHE H 158 -19.66 -22.65 -21.44
C PHE H 158 -18.63 -23.77 -21.64
N GLY H 159 -17.52 -23.68 -20.88
CA GLY H 159 -16.43 -24.62 -20.94
C GLY H 159 -15.48 -24.45 -22.12
N PHE H 160 -15.68 -23.38 -22.90
CA PHE H 160 -14.74 -23.00 -23.94
C PHE H 160 -13.45 -22.40 -23.36
N SER H 161 -12.37 -22.53 -24.12
CA SER H 161 -11.05 -21.97 -23.82
C SER H 161 -10.98 -20.41 -23.74
N ASN H 162 -10.01 -19.88 -22.99
CA ASN H 162 -9.82 -18.43 -22.90
C ASN H 162 -9.34 -17.87 -24.22
N GLU H 163 -9.12 -18.74 -25.20
CA GLU H 163 -8.38 -18.33 -26.40
C GLU H 163 -9.14 -17.37 -27.31
N PHE H 164 -10.40 -17.71 -27.65
CA PHE H 164 -11.17 -16.85 -28.51
C PHE H 164 -12.22 -16.12 -27.70
N THR H 165 -11.83 -15.73 -26.51
CA THR H 165 -12.72 -15.17 -25.53
C THR H 165 -13.00 -13.71 -25.83
N VAL H 166 -14.08 -13.17 -25.27
CA VAL H 166 -14.70 -11.90 -25.72
C VAL H 166 -13.81 -10.68 -25.51
N GLY H 192 -17.30 -33.34 -14.13
CA GLY H 192 -18.28 -32.57 -14.95
C GLY H 192 -19.33 -31.70 -14.22
N PRO H 193 -20.66 -32.09 -14.28
CA PRO H 193 -21.80 -31.48 -13.50
C PRO H 193 -21.48 -31.30 -12.00
N GLU H 194 -20.78 -32.27 -11.43
CA GLU H 194 -20.22 -32.20 -10.09
C GLU H 194 -19.69 -30.81 -9.68
N VAL H 195 -18.97 -30.11 -10.55
CA VAL H 195 -18.44 -28.79 -10.19
C VAL H 195 -19.58 -27.76 -10.30
N ASP H 196 -20.00 -27.51 -11.53
CA ASP H 196 -21.17 -26.69 -11.83
C ASP H 196 -22.16 -26.51 -10.67
N VAL H 197 -22.55 -27.63 -10.03
CA VAL H 197 -23.52 -27.59 -8.92
C VAL H 197 -23.04 -26.73 -7.75
N TRP H 198 -21.74 -26.74 -7.44
CA TRP H 198 -21.22 -25.73 -6.51
C TRP H 198 -21.26 -24.35 -7.13
N SER H 199 -20.88 -24.23 -8.39
CA SER H 199 -20.80 -22.88 -9.00
C SER H 199 -22.21 -22.32 -9.00
N LEU H 200 -23.17 -23.19 -9.34
CA LEU H 200 -24.57 -22.85 -9.24
C LEU H 200 -25.00 -22.26 -7.85
N GLY H 201 -24.36 -22.69 -6.76
CA GLY H 201 -24.63 -22.16 -5.45
C GLY H 201 -24.16 -20.73 -5.30
N VAL H 202 -22.91 -20.48 -5.67
CA VAL H 202 -22.30 -19.15 -5.63
C VAL H 202 -23.15 -18.14 -6.42
N ILE H 203 -23.37 -18.44 -7.70
CA ILE H 203 -24.25 -17.68 -8.60
C ILE H 203 -25.63 -17.30 -7.99
N LEU H 204 -26.30 -18.31 -7.38
CA LEU H 204 -27.67 -18.17 -6.87
C LEU H 204 -27.58 -17.27 -5.65
N TYR H 205 -26.71 -17.65 -4.73
CA TYR H 205 -26.28 -16.80 -3.62
C TYR H 205 -26.02 -15.35 -3.98
N THR H 206 -25.45 -15.08 -5.15
CA THR H 206 -25.21 -13.68 -5.45
C THR H 206 -26.45 -13.07 -6.12
N LEU H 207 -27.43 -13.94 -6.43
CA LEU H 207 -28.69 -13.56 -7.09
C LEU H 207 -29.71 -13.22 -6.03
N VAL H 208 -29.74 -14.01 -4.96
CA VAL H 208 -30.64 -13.69 -3.87
C VAL H 208 -30.12 -12.51 -3.00
N SER H 209 -28.79 -12.49 -2.76
CA SER H 209 -28.11 -11.61 -1.79
C SER H 209 -27.45 -10.34 -2.34
N GLY H 210 -26.82 -10.39 -3.50
CA GLY H 210 -26.20 -9.17 -4.03
C GLY H 210 -24.77 -9.07 -3.52
N SER H 211 -24.33 -10.12 -2.84
CA SER H 211 -22.94 -10.21 -2.37
C SER H 211 -22.39 -11.62 -2.65
N LEU H 212 -21.07 -11.79 -2.57
CA LEU H 212 -20.49 -13.12 -2.77
C LEU H 212 -20.55 -13.95 -1.50
N PRO H 213 -20.57 -15.28 -1.64
CA PRO H 213 -20.56 -16.10 -0.42
C PRO H 213 -19.18 -16.31 0.16
N PHE H 214 -18.14 -15.83 -0.53
CA PHE H 214 -16.74 -15.96 -0.06
C PHE H 214 -15.96 -14.77 -0.55
N ASP H 215 -15.30 -14.10 0.40
CA ASP H 215 -14.74 -12.81 0.09
C ASP H 215 -13.33 -12.65 0.59
N ARG H 232 -22.41 -19.14 5.61
CA ARG H 232 -22.47 -17.69 5.80
C ARG H 232 -23.84 -16.96 5.46
N ILE H 233 -25.01 -17.44 5.93
CA ILE H 233 -26.38 -17.09 5.30
C ILE H 233 -27.34 -15.85 5.73
N PRO H 234 -27.80 -14.97 4.78
CA PRO H 234 -28.63 -13.78 5.19
C PRO H 234 -30.05 -14.07 5.76
N PHE H 235 -30.66 -13.04 6.38
CA PHE H 235 -31.93 -13.22 7.15
C PHE H 235 -33.20 -13.41 6.30
N TYR H 236 -33.55 -12.42 5.45
CA TYR H 236 -34.73 -12.47 4.52
C TYR H 236 -34.77 -13.79 3.70
N MET H 237 -33.61 -14.45 3.62
CA MET H 237 -33.45 -15.63 2.80
C MET H 237 -34.38 -16.76 3.26
N SER H 238 -35.61 -16.72 2.75
CA SER H 238 -36.66 -17.71 3.07
C SER H 238 -36.03 -19.08 3.08
N THR H 239 -36.57 -20.00 3.89
CA THR H 239 -35.90 -21.31 4.16
C THR H 239 -35.74 -22.18 2.91
N ASP H 240 -36.63 -21.99 1.93
CA ASP H 240 -36.58 -22.82 0.71
C ASP H 240 -35.29 -22.56 -0.15
N CYS H 241 -34.83 -21.30 -0.19
CA CYS H 241 -33.56 -20.90 -0.81
C CYS H 241 -32.36 -21.54 -0.11
N GLU H 242 -32.38 -21.48 1.22
CA GLU H 242 -31.30 -21.97 2.05
C GLU H 242 -31.14 -23.50 1.93
N ASN H 243 -32.27 -24.20 1.91
CA ASN H 243 -32.30 -25.64 1.67
C ASN H 243 -32.04 -26.00 0.19
N LEU H 244 -31.79 -24.98 -0.65
CA LEU H 244 -31.29 -25.19 -2.00
C LEU H 244 -29.76 -25.06 -1.97
N LEU H 245 -29.26 -24.02 -1.31
CA LEU H 245 -27.81 -23.88 -1.15
C LEU H 245 -27.19 -25.05 -0.39
N LYS H 246 -27.76 -25.37 0.77
CA LYS H 246 -27.31 -26.53 1.56
C LYS H 246 -27.29 -27.78 0.68
N LYS H 247 -27.93 -27.68 -0.51
CA LYS H 247 -27.80 -28.70 -1.59
C LYS H 247 -26.70 -28.39 -2.64
N LEU H 248 -26.25 -27.14 -2.72
CA LEU H 248 -25.32 -26.75 -3.79
C LEU H 248 -23.95 -26.61 -3.23
N LEU H 249 -23.73 -25.54 -2.46
CA LEU H 249 -22.48 -25.34 -1.76
C LEU H 249 -21.85 -26.57 -1.07
N VAL H 250 -22.61 -27.63 -0.77
CA VAL H 250 -22.07 -28.92 -0.20
C VAL H 250 -20.54 -29.17 -0.47
N LEU H 251 -19.70 -29.24 0.58
CA LEU H 251 -18.23 -29.31 0.42
C LEU H 251 -17.67 -30.52 -0.35
N ASN H 252 -18.24 -31.70 -0.15
CA ASN H 252 -17.74 -32.88 -0.84
C ASN H 252 -18.41 -33.08 -2.19
N PRO H 253 -17.62 -33.11 -3.30
CA PRO H 253 -18.16 -33.29 -4.66
C PRO H 253 -19.16 -34.52 -4.94
N ILE H 254 -18.97 -35.67 -4.29
CA ILE H 254 -19.88 -36.85 -4.43
C ILE H 254 -21.16 -36.69 -3.61
N LYS H 255 -21.10 -35.79 -2.63
CA LYS H 255 -22.21 -35.48 -1.76
C LYS H 255 -23.22 -34.40 -2.32
N ARG H 256 -23.10 -34.05 -3.62
CA ARG H 256 -23.95 -33.03 -4.30
C ARG H 256 -25.02 -33.67 -5.21
N GLY H 257 -26.19 -33.04 -5.35
CA GLY H 257 -27.22 -33.49 -6.31
C GLY H 257 -26.84 -33.49 -7.80
N SER H 258 -27.31 -34.49 -8.56
CA SER H 258 -27.31 -34.38 -10.04
C SER H 258 -28.08 -33.12 -10.42
N LEU H 259 -27.88 -32.67 -11.65
CA LEU H 259 -28.60 -31.50 -12.07
C LEU H 259 -30.09 -31.77 -12.18
N GLU H 260 -30.47 -33.01 -12.45
CA GLU H 260 -31.87 -33.41 -12.53
C GLU H 260 -32.42 -33.33 -11.13
N GLN H 261 -31.55 -33.55 -10.15
CA GLN H 261 -31.99 -33.44 -8.79
C GLN H 261 -32.28 -31.95 -8.48
N ILE H 262 -31.30 -31.03 -8.69
CA ILE H 262 -31.58 -29.57 -8.51
C ILE H 262 -32.83 -29.11 -9.31
N MET H 263 -32.99 -29.62 -10.53
CA MET H 263 -34.16 -29.27 -11.32
C MET H 263 -35.41 -29.45 -10.51
N LYS H 264 -35.41 -30.51 -9.69
CA LYS H 264 -36.59 -30.96 -8.95
C LYS H 264 -36.78 -30.27 -7.57
N ASP H 265 -35.72 -29.64 -7.03
CA ASP H 265 -35.75 -28.81 -5.76
C ASP H 265 -37.01 -27.98 -5.42
N ARG H 266 -37.22 -27.70 -4.13
CA ARG H 266 -38.44 -26.98 -3.71
C ARG H 266 -38.44 -25.53 -4.25
N TRP H 267 -37.44 -24.76 -3.85
CA TRP H 267 -37.36 -23.36 -4.25
C TRP H 267 -37.43 -23.09 -5.78
N MET H 268 -37.01 -24.08 -6.54
CA MET H 268 -36.88 -23.95 -7.98
C MET H 268 -38.22 -24.09 -8.66
N ASN H 269 -39.26 -24.40 -7.91
CA ASN H 269 -40.53 -24.83 -8.53
C ASN H 269 -41.78 -24.09 -8.02
N VAL H 270 -41.50 -23.12 -7.17
CA VAL H 270 -42.44 -22.17 -6.63
C VAL H 270 -43.13 -21.32 -7.71
N GLY H 271 -44.46 -21.43 -7.73
CA GLY H 271 -45.26 -20.66 -8.70
C GLY H 271 -45.16 -21.20 -10.11
N HIS H 272 -44.52 -22.37 -10.25
CA HIS H 272 -44.48 -23.15 -11.50
C HIS H 272 -45.20 -24.52 -11.26
N GLU H 273 -46.08 -24.55 -10.24
CA GLU H 273 -46.65 -25.81 -9.68
C GLU H 273 -47.69 -26.55 -10.61
N GLU H 274 -47.30 -26.71 -11.87
CA GLU H 274 -48.03 -27.51 -12.87
C GLU H 274 -46.94 -28.13 -13.78
N GLU H 275 -46.12 -27.27 -14.41
CA GLU H 275 -44.91 -27.68 -15.16
C GLU H 275 -43.58 -27.52 -14.34
N GLU H 276 -43.12 -28.62 -13.71
CA GLU H 276 -41.80 -28.62 -13.07
C GLU H 276 -40.65 -28.64 -14.10
N LEU H 277 -39.59 -27.92 -13.72
CA LEU H 277 -38.30 -27.96 -14.40
C LEU H 277 -37.70 -29.36 -14.66
N LYS H 278 -37.68 -29.72 -15.95
CA LYS H 278 -37.00 -30.90 -16.44
C LYS H 278 -35.92 -30.53 -17.50
N PRO H 279 -34.92 -31.39 -17.71
CA PRO H 279 -33.96 -31.11 -18.75
C PRO H 279 -34.67 -30.80 -20.07
N TYR H 280 -34.06 -29.91 -20.85
CA TYR H 280 -34.67 -29.40 -22.05
C TYR H 280 -34.50 -30.39 -23.16
N THR H 281 -35.52 -30.55 -24.01
CA THR H 281 -35.39 -31.27 -25.31
C THR H 281 -35.71 -30.35 -26.47
N GLU H 282 -34.90 -30.42 -27.53
CA GLU H 282 -35.14 -29.60 -28.70
C GLU H 282 -36.42 -29.99 -29.38
N PRO H 283 -37.31 -29.03 -29.64
CA PRO H 283 -38.49 -29.29 -30.44
C PRO H 283 -38.11 -29.68 -31.82
N ASP H 284 -39.05 -30.26 -32.52
CA ASP H 284 -38.82 -30.61 -33.92
C ASP H 284 -38.62 -29.31 -34.71
N PRO H 285 -37.46 -29.23 -35.40
CA PRO H 285 -37.08 -28.02 -36.16
C PRO H 285 -38.02 -27.76 -37.36
N ASP H 286 -38.53 -26.53 -37.45
CA ASP H 286 -39.49 -26.14 -38.46
C ASP H 286 -38.79 -25.53 -39.70
N PHE H 287 -38.47 -26.33 -40.71
CA PHE H 287 -37.82 -25.74 -41.88
C PHE H 287 -38.82 -25.31 -42.93
N ASN H 288 -40.08 -25.25 -42.54
CA ASN H 288 -41.11 -25.02 -43.51
C ASN H 288 -42.11 -23.93 -43.12
N ASP H 289 -41.71 -23.00 -42.27
CA ASP H 289 -42.56 -21.90 -41.99
C ASP H 289 -42.82 -21.16 -43.32
N THR H 290 -44.04 -21.27 -43.81
CA THR H 290 -44.36 -20.82 -45.12
C THR H 290 -44.37 -19.29 -45.18
N LYS H 291 -44.52 -18.63 -44.05
CA LYS H 291 -44.50 -17.17 -44.05
C LYS H 291 -43.09 -16.71 -44.20
N ARG H 292 -42.16 -17.44 -43.61
CA ARG H 292 -40.77 -17.03 -43.71
C ARG H 292 -40.21 -17.30 -45.09
N ILE H 293 -40.59 -18.46 -45.65
CA ILE H 293 -40.21 -18.87 -47.01
C ILE H 293 -40.67 -17.80 -47.99
N ASP H 294 -41.92 -17.38 -47.85
CA ASP H 294 -42.53 -16.51 -48.83
C ASP H 294 -41.89 -15.17 -48.78
N ILE H 295 -41.51 -14.70 -47.59
CA ILE H 295 -40.79 -13.45 -47.48
C ILE H 295 -39.53 -13.64 -48.29
N MET H 296 -38.76 -14.68 -47.97
CA MET H 296 -37.44 -14.87 -48.56
C MET H 296 -37.43 -14.90 -50.07
N VAL H 297 -38.41 -15.60 -50.66
CA VAL H 297 -38.57 -15.76 -52.12
C VAL H 297 -38.79 -14.38 -52.77
N THR H 298 -39.54 -13.54 -52.03
CA THR H 298 -39.93 -12.21 -52.46
C THR H 298 -38.66 -11.39 -52.46
N MET H 299 -37.70 -11.78 -51.61
CA MET H 299 -36.39 -11.14 -51.52
C MET H 299 -35.54 -11.77 -52.62
N GLY H 300 -36.01 -12.82 -53.29
CA GLY H 300 -35.22 -13.44 -54.35
C GLY H 300 -34.29 -14.60 -53.99
N PHE H 301 -34.48 -15.17 -52.80
CA PHE H 301 -33.93 -16.45 -52.46
C PHE H 301 -34.76 -17.41 -53.28
N ALA H 302 -34.30 -18.65 -53.46
CA ALA H 302 -35.09 -19.69 -54.11
C ALA H 302 -35.53 -20.82 -53.16
N ARG H 303 -36.79 -21.24 -53.17
CA ARG H 303 -37.27 -22.31 -52.29
C ARG H 303 -36.31 -23.46 -52.11
N ASP H 304 -35.75 -23.96 -53.19
CA ASP H 304 -35.07 -25.23 -53.07
C ASP H 304 -33.77 -25.08 -52.31
N GLU H 305 -33.21 -23.88 -52.37
CA GLU H 305 -31.97 -23.59 -51.61
C GLU H 305 -32.24 -23.33 -50.17
N ILE H 306 -33.35 -22.64 -49.90
CA ILE H 306 -33.84 -22.48 -48.52
C ILE H 306 -33.88 -23.88 -47.94
N ASN H 307 -34.58 -24.76 -48.62
CA ASN H 307 -34.63 -26.10 -48.15
C ASN H 307 -33.30 -26.82 -48.01
N ASP H 308 -32.41 -26.67 -49.00
CA ASP H 308 -31.11 -27.32 -48.88
C ASP H 308 -30.30 -26.72 -47.77
N ALA H 309 -30.43 -25.41 -47.58
CA ALA H 309 -29.55 -24.69 -46.64
C ALA H 309 -29.87 -25.14 -45.21
N LEU H 310 -31.18 -25.21 -44.92
CA LEU H 310 -31.64 -25.68 -43.64
C LEU H 310 -31.29 -27.14 -43.35
N ILE H 311 -31.66 -28.06 -44.25
CA ILE H 311 -31.47 -29.46 -43.91
C ILE H 311 -29.98 -29.81 -43.82
N ASN H 312 -29.13 -29.12 -44.55
CA ASN H 312 -27.72 -29.45 -44.40
C ASN H 312 -27.07 -28.54 -43.37
N GLN H 313 -27.88 -27.73 -42.70
CA GLN H 313 -27.34 -26.90 -41.65
C GLN H 313 -26.16 -26.14 -42.18
N LYS H 314 -26.34 -25.46 -43.30
CA LYS H 314 -25.21 -24.78 -43.95
C LYS H 314 -24.60 -23.57 -43.22
N TYR H 315 -25.37 -22.77 -42.47
CA TYR H 315 -24.79 -21.62 -41.73
C TYR H 315 -24.27 -20.59 -42.68
N ASP H 316 -24.90 -20.62 -43.85
CA ASP H 316 -24.67 -19.66 -44.91
C ASP H 316 -25.67 -18.47 -44.79
N GLU H 317 -25.76 -17.64 -45.82
CA GLU H 317 -26.53 -16.40 -45.73
C GLU H 317 -27.99 -16.73 -45.81
N VAL H 318 -28.26 -17.96 -46.25
CA VAL H 318 -29.67 -18.44 -46.53
C VAL H 318 -30.35 -18.95 -45.31
N MET H 319 -29.79 -19.98 -44.70
CA MET H 319 -30.15 -20.39 -43.38
C MET H 319 -30.24 -19.14 -42.48
N ALA H 320 -29.16 -18.34 -42.43
CA ALA H 320 -29.10 -17.17 -41.53
C ALA H 320 -30.38 -16.34 -41.68
N THR H 321 -30.77 -16.12 -42.91
CA THR H 321 -31.81 -15.19 -43.12
C THR H 321 -33.05 -15.80 -42.60
N TYR H 322 -33.13 -17.13 -42.70
CA TYR H 322 -34.37 -17.84 -42.34
C TYR H 322 -34.60 -17.74 -40.80
N ILE H 323 -33.54 -18.04 -40.04
CA ILE H 323 -33.50 -17.93 -38.63
C ILE H 323 -33.72 -16.50 -38.26
N LEU H 324 -32.96 -15.58 -38.85
CA LEU H 324 -33.16 -14.18 -38.39
C LEU H 324 -34.59 -13.72 -38.58
N LEU H 325 -35.25 -14.22 -39.62
CA LEU H 325 -36.57 -13.78 -39.88
C LEU H 325 -37.52 -14.24 -38.75
N GLY H 326 -37.24 -15.41 -38.15
CA GLY H 326 -37.98 -15.96 -37.05
C GLY H 326 -37.69 -15.36 -35.69
N ARG H 327 -36.85 -14.36 -35.58
CA ARG H 327 -36.56 -13.92 -34.25
C ARG H 327 -36.60 -12.42 -33.99
N LYS H 328 -36.10 -11.97 -32.81
CA LYS H 328 -36.29 -10.55 -32.34
C LYS H 328 -37.76 -10.22 -32.55
#